data_7Z6W
# 
_entry.id   7Z6W 
# 
_audit_conform.dict_name       mmcif_pdbx.dic 
_audit_conform.dict_version    5.384 
_audit_conform.dict_location   http://mmcif.pdb.org/dictionaries/ascii/mmcif_pdbx.dic 
# 
loop_
_database_2.database_id 
_database_2.database_code 
_database_2.pdbx_database_accession 
_database_2.pdbx_DOI 
PDB   7Z6W         pdb_00007z6w 10.2210/pdb7z6w/pdb 
WWPDB D_1292118739 ?            ?                   
# 
loop_
_pdbx_audit_revision_history.ordinal 
_pdbx_audit_revision_history.data_content_type 
_pdbx_audit_revision_history.major_revision 
_pdbx_audit_revision_history.minor_revision 
_pdbx_audit_revision_history.revision_date 
1 'Structure model' 1 0 2022-09-07 
2 'Structure model' 1 1 2024-01-31 
# 
_pdbx_audit_revision_details.ordinal             1 
_pdbx_audit_revision_details.revision_ordinal    1 
_pdbx_audit_revision_details.data_content_type   'Structure model' 
_pdbx_audit_revision_details.provider            repository 
_pdbx_audit_revision_details.type                'Initial release' 
_pdbx_audit_revision_details.description         ? 
_pdbx_audit_revision_details.details             ? 
# 
loop_
_pdbx_audit_revision_group.ordinal 
_pdbx_audit_revision_group.revision_ordinal 
_pdbx_audit_revision_group.data_content_type 
_pdbx_audit_revision_group.group 
1 2 'Structure model' 'Data collection'        
2 2 'Structure model' 'Refinement description' 
# 
loop_
_pdbx_audit_revision_category.ordinal 
_pdbx_audit_revision_category.revision_ordinal 
_pdbx_audit_revision_category.data_content_type 
_pdbx_audit_revision_category.category 
1 2 'Structure model' chem_comp_atom                
2 2 'Structure model' chem_comp_bond                
3 2 'Structure model' pdbx_initial_refinement_model 
# 
_pdbx_database_status.status_code                     REL 
_pdbx_database_status.status_code_sf                  REL 
_pdbx_database_status.status_code_mr                  ? 
_pdbx_database_status.entry_id                        7Z6W 
_pdbx_database_status.recvd_initial_deposition_date   2022-03-14 
_pdbx_database_status.SG_entry                        N 
_pdbx_database_status.deposit_site                    PDBE 
_pdbx_database_status.process_site                    PDBE 
_pdbx_database_status.status_code_cs                  ? 
_pdbx_database_status.status_code_nmr_data            ? 
_pdbx_database_status.methods_development_category    ? 
_pdbx_database_status.pdb_format_compatible           Y 
# 
_pdbx_contact_author.id                 2 
_pdbx_contact_author.email              vk103@cam.ac.uk 
_pdbx_contact_author.name_first         Vassilis 
_pdbx_contact_author.name_last          Koronakis 
_pdbx_contact_author.name_mi            ? 
_pdbx_contact_author.role               'principal investigator/group leader' 
_pdbx_contact_author.identifier_ORCID   0000-0002-1353-1092 
# 
loop_
_audit_author.name 
_audit_author.pdbx_ordinal 
_audit_author.identifier_ORCID 
'Kaplan, E.'    1 0000-0003-4985-1482 
'Greene, N.P.'  2 0000-0002-3631-0380 
'Koronakis, V.' 3 0000-0002-1353-1092 
# 
_citation.abstract                  ? 
_citation.abstract_id_CAS           ? 
_citation.book_id_ISBN              ? 
_citation.book_publisher            ? 
_citation.book_publisher_city       ? 
_citation.book_title                ? 
_citation.coordinate_linkage        ? 
_citation.country                   US 
_citation.database_id_Medline       ? 
_citation.details                   ? 
_citation.id                        primary 
_citation.journal_abbrev            Proc.Natl.Acad.Sci.USA 
_citation.journal_id_ASTM           PNASA6 
_citation.journal_id_CSD            0040 
_citation.journal_id_ISSN           1091-6490 
_citation.journal_full              ? 
_citation.journal_issue             ? 
_citation.journal_volume            119 
_citation.language                  ? 
_citation.page_first                e2208662119 
_citation.page_last                 e2208662119 
_citation.title                     'Structural basis of lipoprotein recognition by the bacterial Lol trafficking chaperone LolA.' 
_citation.year                      2022 
_citation.database_id_CSD           ? 
_citation.pdbx_database_id_DOI      10.1073/pnas.2208662119 
_citation.pdbx_database_id_PubMed   36037338 
_citation.pdbx_database_id_patent   ? 
_citation.unpublished_flag          ? 
# 
loop_
_citation_author.citation_id 
_citation_author.name 
_citation_author.ordinal 
_citation_author.identifier_ORCID 
primary 'Kaplan, E.'    1 0000-0003-4985-1482 
primary 'Greene, N.P.'  2 0000-0002-3631-0380 
primary 'Jepson, A.E.'  3 0000-0002-6565-5839 
primary 'Koronakis, V.' 4 0000-0002-1353-1092 
# 
loop_
_entity.id 
_entity.type 
_entity.src_method 
_entity.pdbx_description 
_entity.formula_weight 
_entity.pdbx_number_of_molecules 
_entity.pdbx_ec 
_entity.pdbx_mutation 
_entity.pdbx_fragment 
_entity.details 
1 polymer     man 'Outer-membrane lipoprotein carrier protein' 21529.570 1  ? ? ? ? 
2 non-polymer syn 
'[(2~{S})-3-[(2~{S})-3-azanyl-2-(hexadecanoylamino)-3-oxidanylidene-propyl]sulfanyl-2-hexadecanoyloxy-propyl] hexadecanoate' 
909.478   1  ? ? ? ? 
3 water       nat water 18.015    74 ? ? ? ? 
# 
_entity_name_com.entity_id   1 
_entity_name_com.name        P20 
# 
_entity_poly.entity_id                      1 
_entity_poly.type                           'polypeptide(L)' 
_entity_poly.nstd_linkage                   no 
_entity_poly.nstd_monomer                   no 
_entity_poly.pdbx_seq_one_letter_code       
;DAASDLKSRLDKVSSFHASFTQKVTDGSGAAVQEGQGDLWVKRPNLFNWHMTQPDESILVSDGKTLWFYNPFVEQATATW
LKDATGNTPFMLIARNQSSDWQQYNIKQNGDDFVLTPKASNGNLKQFTINVGRDGTIHQFSAVEQDDQRSSYQLKSQQNG
AVDAAKFTFTPPQGVTVDDQRKGSWSHPQFEK
;
_entity_poly.pdbx_seq_one_letter_code_can   
;DAASDLKSRLDKVSSFHASFTQKVTDGSGAAVQEGQGDLWVKRPNLFNWHMTQPDESILVSDGKTLWFYNPFVEQATATW
LKDATGNTPFMLIARNQSSDWQQYNIKQNGDDFVLTPKASNGNLKQFTINVGRDGTIHQFSAVEQDDQRSSYQLKSQQNG
AVDAAKFTFTPPQGVTVDDQRKGSWSHPQFEK
;
_entity_poly.pdbx_strand_id                 A 
_entity_poly.pdbx_target_identifier         ? 
# 
loop_
_pdbx_entity_nonpoly.entity_id 
_pdbx_entity_nonpoly.name 
_pdbx_entity_nonpoly.comp_id 
2 '[(2~{S})-3-[(2~{S})-3-azanyl-2-(hexadecanoylamino)-3-oxidanylidene-propyl]sulfanyl-2-hexadecanoyloxy-propyl] hexadecanoate' IG7 
3 water                                                                                                                        HOH 
# 
loop_
_entity_poly_seq.entity_id 
_entity_poly_seq.num 
_entity_poly_seq.mon_id 
_entity_poly_seq.hetero 
1 1   ASP n 
1 2   ALA n 
1 3   ALA n 
1 4   SER n 
1 5   ASP n 
1 6   LEU n 
1 7   LYS n 
1 8   SER n 
1 9   ARG n 
1 10  LEU n 
1 11  ASP n 
1 12  LYS n 
1 13  VAL n 
1 14  SER n 
1 15  SER n 
1 16  PHE n 
1 17  HIS n 
1 18  ALA n 
1 19  SER n 
1 20  PHE n 
1 21  THR n 
1 22  GLN n 
1 23  LYS n 
1 24  VAL n 
1 25  THR n 
1 26  ASP n 
1 27  GLY n 
1 28  SER n 
1 29  GLY n 
1 30  ALA n 
1 31  ALA n 
1 32  VAL n 
1 33  GLN n 
1 34  GLU n 
1 35  GLY n 
1 36  GLN n 
1 37  GLY n 
1 38  ASP n 
1 39  LEU n 
1 40  TRP n 
1 41  VAL n 
1 42  LYS n 
1 43  ARG n 
1 44  PRO n 
1 45  ASN n 
1 46  LEU n 
1 47  PHE n 
1 48  ASN n 
1 49  TRP n 
1 50  HIS n 
1 51  MET n 
1 52  THR n 
1 53  GLN n 
1 54  PRO n 
1 55  ASP n 
1 56  GLU n 
1 57  SER n 
1 58  ILE n 
1 59  LEU n 
1 60  VAL n 
1 61  SER n 
1 62  ASP n 
1 63  GLY n 
1 64  LYS n 
1 65  THR n 
1 66  LEU n 
1 67  TRP n 
1 68  PHE n 
1 69  TYR n 
1 70  ASN n 
1 71  PRO n 
1 72  PHE n 
1 73  VAL n 
1 74  GLU n 
1 75  GLN n 
1 76  ALA n 
1 77  THR n 
1 78  ALA n 
1 79  THR n 
1 80  TRP n 
1 81  LEU n 
1 82  LYS n 
1 83  ASP n 
1 84  ALA n 
1 85  THR n 
1 86  GLY n 
1 87  ASN n 
1 88  THR n 
1 89  PRO n 
1 90  PHE n 
1 91  MET n 
1 92  LEU n 
1 93  ILE n 
1 94  ALA n 
1 95  ARG n 
1 96  ASN n 
1 97  GLN n 
1 98  SER n 
1 99  SER n 
1 100 ASP n 
1 101 TRP n 
1 102 GLN n 
1 103 GLN n 
1 104 TYR n 
1 105 ASN n 
1 106 ILE n 
1 107 LYS n 
1 108 GLN n 
1 109 ASN n 
1 110 GLY n 
1 111 ASP n 
1 112 ASP n 
1 113 PHE n 
1 114 VAL n 
1 115 LEU n 
1 116 THR n 
1 117 PRO n 
1 118 LYS n 
1 119 ALA n 
1 120 SER n 
1 121 ASN n 
1 122 GLY n 
1 123 ASN n 
1 124 LEU n 
1 125 LYS n 
1 126 GLN n 
1 127 PHE n 
1 128 THR n 
1 129 ILE n 
1 130 ASN n 
1 131 VAL n 
1 132 GLY n 
1 133 ARG n 
1 134 ASP n 
1 135 GLY n 
1 136 THR n 
1 137 ILE n 
1 138 HIS n 
1 139 GLN n 
1 140 PHE n 
1 141 SER n 
1 142 ALA n 
1 143 VAL n 
1 144 GLU n 
1 145 GLN n 
1 146 ASP n 
1 147 ASP n 
1 148 GLN n 
1 149 ARG n 
1 150 SER n 
1 151 SER n 
1 152 TYR n 
1 153 GLN n 
1 154 LEU n 
1 155 LYS n 
1 156 SER n 
1 157 GLN n 
1 158 GLN n 
1 159 ASN n 
1 160 GLY n 
1 161 ALA n 
1 162 VAL n 
1 163 ASP n 
1 164 ALA n 
1 165 ALA n 
1 166 LYS n 
1 167 PHE n 
1 168 THR n 
1 169 PHE n 
1 170 THR n 
1 171 PRO n 
1 172 PRO n 
1 173 GLN n 
1 174 GLY n 
1 175 VAL n 
1 176 THR n 
1 177 VAL n 
1 178 ASP n 
1 179 ASP n 
1 180 GLN n 
1 181 ARG n 
1 182 LYS n 
1 183 GLY n 
1 184 SER n 
1 185 TRP n 
1 186 SER n 
1 187 HIS n 
1 188 PRO n 
1 189 GLN n 
1 190 PHE n 
1 191 GLU n 
1 192 LYS n 
# 
_entity_src_gen.entity_id                          1 
_entity_src_gen.pdbx_src_id                        1 
_entity_src_gen.pdbx_alt_source_flag               sample 
_entity_src_gen.pdbx_seq_type                      'Biological sequence' 
_entity_src_gen.pdbx_beg_seq_num                   1 
_entity_src_gen.pdbx_end_seq_num                   192 
_entity_src_gen.gene_src_common_name               ? 
_entity_src_gen.gene_src_genus                     ? 
_entity_src_gen.pdbx_gene_src_gene                 'lolA, lplA, yzzV, b0891, JW0874' 
_entity_src_gen.gene_src_species                   ? 
_entity_src_gen.gene_src_strain                    K12 
_entity_src_gen.gene_src_tissue                    ? 
_entity_src_gen.gene_src_tissue_fraction           ? 
_entity_src_gen.gene_src_details                   ? 
_entity_src_gen.pdbx_gene_src_fragment             ? 
_entity_src_gen.pdbx_gene_src_scientific_name      'Escherichia coli K-12' 
_entity_src_gen.pdbx_gene_src_ncbi_taxonomy_id     83333 
_entity_src_gen.pdbx_gene_src_variant              ? 
_entity_src_gen.pdbx_gene_src_cell_line            ? 
_entity_src_gen.pdbx_gene_src_atcc                 ? 
_entity_src_gen.pdbx_gene_src_organ                ? 
_entity_src_gen.pdbx_gene_src_organelle            ? 
_entity_src_gen.pdbx_gene_src_cell                 ? 
_entity_src_gen.pdbx_gene_src_cellular_location    ? 
_entity_src_gen.host_org_common_name               ? 
_entity_src_gen.pdbx_host_org_scientific_name      'Escherichia coli' 
_entity_src_gen.pdbx_host_org_ncbi_taxonomy_id     562 
_entity_src_gen.host_org_genus                     ? 
_entity_src_gen.pdbx_host_org_gene                 ? 
_entity_src_gen.pdbx_host_org_organ                ? 
_entity_src_gen.host_org_species                   ? 
_entity_src_gen.pdbx_host_org_tissue               ? 
_entity_src_gen.pdbx_host_org_tissue_fraction      ? 
_entity_src_gen.pdbx_host_org_strain               ? 
_entity_src_gen.pdbx_host_org_variant              ? 
_entity_src_gen.pdbx_host_org_cell_line            ? 
_entity_src_gen.pdbx_host_org_atcc                 ? 
_entity_src_gen.pdbx_host_org_culture_collection   ? 
_entity_src_gen.pdbx_host_org_cell                 ? 
_entity_src_gen.pdbx_host_org_organelle            ? 
_entity_src_gen.pdbx_host_org_cellular_location    ? 
_entity_src_gen.pdbx_host_org_vector_type          ? 
_entity_src_gen.pdbx_host_org_vector               ? 
_entity_src_gen.host_org_details                   ? 
_entity_src_gen.expression_system_id               ? 
_entity_src_gen.plasmid_name                       ? 
_entity_src_gen.plasmid_details                    ? 
_entity_src_gen.pdbx_description                   ? 
# 
loop_
_chem_comp.id 
_chem_comp.type 
_chem_comp.mon_nstd_flag 
_chem_comp.name 
_chem_comp.pdbx_synonyms 
_chem_comp.formula 
_chem_comp.formula_weight 
ALA 'L-peptide linking' y ALANINE ? 'C3 H7 N O2'       89.093  
ARG 'L-peptide linking' y ARGININE ? 'C6 H15 N4 O2 1'   175.209 
ASN 'L-peptide linking' y ASPARAGINE ? 'C4 H8 N2 O3'      132.118 
ASP 'L-peptide linking' y 'ASPARTIC ACID' ? 'C4 H7 N O4'       133.103 
GLN 'L-peptide linking' y GLUTAMINE ? 'C5 H10 N2 O3'     146.144 
GLU 'L-peptide linking' y 'GLUTAMIC ACID' ? 'C5 H9 N O4'       147.129 
GLY 'peptide linking'   y GLYCINE ? 'C2 H5 N O2'       75.067  
HIS 'L-peptide linking' y HISTIDINE ? 'C6 H10 N3 O2 1'   156.162 
HOH non-polymer         . WATER ? 'H2 O'             18.015  
IG7 non-polymer         . 
'[(2~{S})-3-[(2~{S})-3-azanyl-2-(hexadecanoylamino)-3-oxidanylidene-propyl]sulfanyl-2-hexadecanoyloxy-propyl] hexadecanoate' ? 
'C54 H104 N2 O6 S' 909.478 
ILE 'L-peptide linking' y ISOLEUCINE ? 'C6 H13 N O2'      131.173 
LEU 'L-peptide linking' y LEUCINE ? 'C6 H13 N O2'      131.173 
LYS 'L-peptide linking' y LYSINE ? 'C6 H15 N2 O2 1'   147.195 
MET 'L-peptide linking' y METHIONINE ? 'C5 H11 N O2 S'    149.211 
PHE 'L-peptide linking' y PHENYLALANINE ? 'C9 H11 N O2'      165.189 
PRO 'L-peptide linking' y PROLINE ? 'C5 H9 N O2'       115.130 
SER 'L-peptide linking' y SERINE ? 'C3 H7 N O3'       105.093 
THR 'L-peptide linking' y THREONINE ? 'C4 H9 N O3'       119.119 
TRP 'L-peptide linking' y TRYPTOPHAN ? 'C11 H12 N2 O2'    204.225 
TYR 'L-peptide linking' y TYROSINE ? 'C9 H11 N O3'      181.189 
VAL 'L-peptide linking' y VALINE ? 'C5 H11 N O2'      117.146 
# 
loop_
_pdbx_poly_seq_scheme.asym_id 
_pdbx_poly_seq_scheme.entity_id 
_pdbx_poly_seq_scheme.seq_id 
_pdbx_poly_seq_scheme.mon_id 
_pdbx_poly_seq_scheme.ndb_seq_num 
_pdbx_poly_seq_scheme.pdb_seq_num 
_pdbx_poly_seq_scheme.auth_seq_num 
_pdbx_poly_seq_scheme.pdb_mon_id 
_pdbx_poly_seq_scheme.auth_mon_id 
_pdbx_poly_seq_scheme.pdb_strand_id 
_pdbx_poly_seq_scheme.pdb_ins_code 
_pdbx_poly_seq_scheme.hetero 
A 1 1   ASP 1   1   1   ASP ASP A . n 
A 1 2   ALA 2   2   2   ALA ALA A . n 
A 1 3   ALA 3   3   3   ALA ALA A . n 
A 1 4   SER 4   4   4   SER SER A . n 
A 1 5   ASP 5   5   5   ASP ASP A . n 
A 1 6   LEU 6   6   6   LEU LEU A . n 
A 1 7   LYS 7   7   7   LYS LYS A . n 
A 1 8   SER 8   8   8   SER SER A . n 
A 1 9   ARG 9   9   9   ARG ARG A . n 
A 1 10  LEU 10  10  10  LEU LEU A . n 
A 1 11  ASP 11  11  11  ASP ASP A . n 
A 1 12  LYS 12  12  12  LYS LYS A . n 
A 1 13  VAL 13  13  13  VAL VAL A . n 
A 1 14  SER 14  14  14  SER SER A . n 
A 1 15  SER 15  15  15  SER SER A . n 
A 1 16  PHE 16  16  16  PHE PHE A . n 
A 1 17  HIS 17  17  17  HIS HIS A . n 
A 1 18  ALA 18  18  18  ALA ALA A . n 
A 1 19  SER 19  19  19  SER SER A . n 
A 1 20  PHE 20  20  20  PHE PHE A . n 
A 1 21  THR 21  21  21  THR THR A . n 
A 1 22  GLN 22  22  22  GLN GLN A . n 
A 1 23  LYS 23  23  23  LYS LYS A . n 
A 1 24  VAL 24  24  24  VAL VAL A . n 
A 1 25  THR 25  25  25  THR THR A . n 
A 1 26  ASP 26  26  26  ASP ASP A . n 
A 1 27  GLY 27  27  27  GLY GLY A . n 
A 1 28  SER 28  28  28  SER SER A . n 
A 1 29  GLY 29  29  29  GLY GLY A . n 
A 1 30  ALA 30  30  30  ALA ALA A . n 
A 1 31  ALA 31  31  31  ALA ALA A . n 
A 1 32  VAL 32  32  32  VAL VAL A . n 
A 1 33  GLN 33  33  33  GLN GLN A . n 
A 1 34  GLU 34  34  34  GLU GLU A . n 
A 1 35  GLY 35  35  35  GLY GLY A . n 
A 1 36  GLN 36  36  36  GLN GLN A . n 
A 1 37  GLY 37  37  37  GLY GLY A . n 
A 1 38  ASP 38  38  38  ASP ASP A . n 
A 1 39  LEU 39  39  39  LEU LEU A . n 
A 1 40  TRP 40  40  40  TRP TRP A . n 
A 1 41  VAL 41  41  41  VAL VAL A . n 
A 1 42  LYS 42  42  42  LYS LYS A . n 
A 1 43  ARG 43  43  43  ARG ARG A . n 
A 1 44  PRO 44  44  44  PRO PRO A . n 
A 1 45  ASN 45  45  45  ASN ASN A . n 
A 1 46  LEU 46  46  46  LEU LEU A . n 
A 1 47  PHE 47  47  47  PHE PHE A . n 
A 1 48  ASN 48  48  48  ASN ASN A . n 
A 1 49  TRP 49  49  49  TRP TRP A . n 
A 1 50  HIS 50  50  50  HIS HIS A . n 
A 1 51  MET 51  51  51  MET MET A . n 
A 1 52  THR 52  52  52  THR THR A . n 
A 1 53  GLN 53  53  53  GLN GLN A . n 
A 1 54  PRO 54  54  54  PRO PRO A . n 
A 1 55  ASP 55  55  55  ASP ASP A . n 
A 1 56  GLU 56  56  56  GLU GLU A . n 
A 1 57  SER 57  57  57  SER SER A . n 
A 1 58  ILE 58  58  58  ILE ILE A . n 
A 1 59  LEU 59  59  59  LEU LEU A . n 
A 1 60  VAL 60  60  60  VAL VAL A . n 
A 1 61  SER 61  61  61  SER SER A . n 
A 1 62  ASP 62  62  62  ASP ASP A . n 
A 1 63  GLY 63  63  63  GLY GLY A . n 
A 1 64  LYS 64  64  64  LYS LYS A . n 
A 1 65  THR 65  65  65  THR THR A . n 
A 1 66  LEU 66  66  66  LEU LEU A . n 
A 1 67  TRP 67  67  67  TRP TRP A . n 
A 1 68  PHE 68  68  68  PHE PHE A . n 
A 1 69  TYR 69  69  69  TYR TYR A . n 
A 1 70  ASN 70  70  70  ASN ASN A . n 
A 1 71  PRO 71  71  71  PRO PRO A . n 
A 1 72  PHE 72  72  72  PHE PHE A . n 
A 1 73  VAL 73  73  73  VAL VAL A . n 
A 1 74  GLU 74  74  74  GLU GLU A . n 
A 1 75  GLN 75  75  75  GLN GLN A . n 
A 1 76  ALA 76  76  76  ALA ALA A . n 
A 1 77  THR 77  77  77  THR THR A . n 
A 1 78  ALA 78  78  78  ALA ALA A . n 
A 1 79  THR 79  79  79  THR THR A . n 
A 1 80  TRP 80  80  80  TRP TRP A . n 
A 1 81  LEU 81  81  81  LEU LEU A . n 
A 1 82  LYS 82  82  82  LYS LYS A . n 
A 1 83  ASP 83  83  83  ASP ASP A . n 
A 1 84  ALA 84  84  84  ALA ALA A . n 
A 1 85  THR 85  85  85  THR THR A . n 
A 1 86  GLY 86  86  86  GLY GLY A . n 
A 1 87  ASN 87  87  87  ASN ASN A . n 
A 1 88  THR 88  88  88  THR THR A . n 
A 1 89  PRO 89  89  89  PRO PRO A . n 
A 1 90  PHE 90  90  90  PHE PHE A . n 
A 1 91  MET 91  91  91  MET MET A . n 
A 1 92  LEU 92  92  92  LEU LEU A . n 
A 1 93  ILE 93  93  93  ILE ILE A . n 
A 1 94  ALA 94  94  94  ALA ALA A . n 
A 1 95  ARG 95  95  95  ARG ARG A . n 
A 1 96  ASN 96  96  96  ASN ASN A . n 
A 1 97  GLN 97  97  97  GLN GLN A . n 
A 1 98  SER 98  98  98  SER SER A . n 
A 1 99  SER 99  99  99  SER SER A . n 
A 1 100 ASP 100 100 100 ASP ASP A . n 
A 1 101 TRP 101 101 101 TRP TRP A . n 
A 1 102 GLN 102 102 102 GLN GLN A . n 
A 1 103 GLN 103 103 103 GLN GLN A . n 
A 1 104 TYR 104 104 104 TYR TYR A . n 
A 1 105 ASN 105 105 105 ASN ASN A . n 
A 1 106 ILE 106 106 106 ILE ILE A . n 
A 1 107 LYS 107 107 107 LYS LYS A . n 
A 1 108 GLN 108 108 108 GLN GLN A . n 
A 1 109 ASN 109 109 109 ASN ASN A . n 
A 1 110 GLY 110 110 110 GLY GLY A . n 
A 1 111 ASP 111 111 111 ASP ASP A . n 
A 1 112 ASP 112 112 112 ASP ASP A . n 
A 1 113 PHE 113 113 113 PHE PHE A . n 
A 1 114 VAL 114 114 114 VAL VAL A . n 
A 1 115 LEU 115 115 115 LEU LEU A . n 
A 1 116 THR 116 116 116 THR THR A . n 
A 1 117 PRO 117 117 117 PRO PRO A . n 
A 1 118 LYS 118 118 118 LYS LYS A . n 
A 1 119 ALA 119 119 119 ALA ALA A . n 
A 1 120 SER 120 120 120 SER SER A . n 
A 1 121 ASN 121 121 121 ASN ASN A . n 
A 1 122 GLY 122 122 122 GLY GLY A . n 
A 1 123 ASN 123 123 123 ASN ASN A . n 
A 1 124 LEU 124 124 124 LEU LEU A . n 
A 1 125 LYS 125 125 125 LYS LYS A . n 
A 1 126 GLN 126 126 126 GLN GLN A . n 
A 1 127 PHE 127 127 127 PHE PHE A . n 
A 1 128 THR 128 128 128 THR THR A . n 
A 1 129 ILE 129 129 129 ILE ILE A . n 
A 1 130 ASN 130 130 130 ASN ASN A . n 
A 1 131 VAL 131 131 131 VAL VAL A . n 
A 1 132 GLY 132 132 132 GLY GLY A . n 
A 1 133 ARG 133 133 133 ARG ARG A . n 
A 1 134 ASP 134 134 134 ASP ASP A . n 
A 1 135 GLY 135 135 135 GLY GLY A . n 
A 1 136 THR 136 136 136 THR THR A . n 
A 1 137 ILE 137 137 137 ILE ILE A . n 
A 1 138 HIS 138 138 138 HIS HIS A . n 
A 1 139 GLN 139 139 139 GLN GLN A . n 
A 1 140 PHE 140 140 140 PHE PHE A . n 
A 1 141 SER 141 141 141 SER SER A . n 
A 1 142 ALA 142 142 142 ALA ALA A . n 
A 1 143 VAL 143 143 143 VAL VAL A . n 
A 1 144 GLU 144 144 144 GLU GLU A . n 
A 1 145 GLN 145 145 145 GLN GLN A . n 
A 1 146 ASP 146 146 146 ASP ASP A . n 
A 1 147 ASP 147 147 147 ASP ASP A . n 
A 1 148 GLN 148 148 148 GLN GLN A . n 
A 1 149 ARG 149 149 149 ARG ARG A . n 
A 1 150 SER 150 150 150 SER SER A . n 
A 1 151 SER 151 151 151 SER SER A . n 
A 1 152 TYR 152 152 152 TYR TYR A . n 
A 1 153 GLN 153 153 153 GLN GLN A . n 
A 1 154 LEU 154 154 154 LEU LEU A . n 
A 1 155 LYS 155 155 155 LYS LYS A . n 
A 1 156 SER 156 156 156 SER SER A . n 
A 1 157 GLN 157 157 157 GLN GLN A . n 
A 1 158 GLN 158 158 158 GLN GLN A . n 
A 1 159 ASN 159 159 159 ASN ASN A . n 
A 1 160 GLY 160 160 160 GLY GLY A . n 
A 1 161 ALA 161 161 161 ALA ALA A . n 
A 1 162 VAL 162 162 162 VAL VAL A . n 
A 1 163 ASP 163 163 163 ASP ASP A . n 
A 1 164 ALA 164 164 164 ALA ALA A . n 
A 1 165 ALA 165 165 165 ALA ALA A . n 
A 1 166 LYS 166 166 166 LYS LYS A . n 
A 1 167 PHE 167 167 167 PHE PHE A . n 
A 1 168 THR 168 168 168 THR THR A . n 
A 1 169 PHE 169 169 169 PHE PHE A . n 
A 1 170 THR 170 170 170 THR THR A . n 
A 1 171 PRO 171 171 171 PRO PRO A . n 
A 1 172 PRO 172 172 172 PRO PRO A . n 
A 1 173 GLN 173 173 173 GLN GLN A . n 
A 1 174 GLY 174 174 174 GLY GLY A . n 
A 1 175 VAL 175 175 175 VAL VAL A . n 
A 1 176 THR 176 176 176 THR THR A . n 
A 1 177 VAL 177 177 177 VAL VAL A . n 
A 1 178 ASP 178 178 178 ASP ASP A . n 
A 1 179 ASP 179 179 179 ASP ASP A . n 
A 1 180 GLN 180 180 180 GLN GLN A . n 
A 1 181 ARG 181 181 181 ARG ARG A . n 
A 1 182 LYS 182 182 182 LYS LYS A . n 
A 1 183 GLY 183 183 ?   ?   ?   A . n 
A 1 184 SER 184 184 ?   ?   ?   A . n 
A 1 185 TRP 185 185 ?   ?   ?   A . n 
A 1 186 SER 186 186 ?   ?   ?   A . n 
A 1 187 HIS 187 187 186 HIS HIS A . n 
A 1 188 PRO 188 188 187 PRO PRO A . n 
A 1 189 GLN 189 189 188 GLN GLN A . n 
A 1 190 PHE 190 190 189 PHE PHE A . n 
A 1 191 GLU 191 191 190 GLU GLU A . n 
A 1 192 LYS 192 192 191 LYS LYS A . n 
# 
loop_
_pdbx_nonpoly_scheme.asym_id 
_pdbx_nonpoly_scheme.entity_id 
_pdbx_nonpoly_scheme.mon_id 
_pdbx_nonpoly_scheme.ndb_seq_num 
_pdbx_nonpoly_scheme.pdb_seq_num 
_pdbx_nonpoly_scheme.auth_seq_num 
_pdbx_nonpoly_scheme.pdb_mon_id 
_pdbx_nonpoly_scheme.auth_mon_id 
_pdbx_nonpoly_scheme.pdb_strand_id 
_pdbx_nonpoly_scheme.pdb_ins_code 
B 2 IG7 1  201 201 IG7 LIP A . 
C 3 HOH 1  301 66  HOH HOH A . 
C 3 HOH 2  302 25  HOH HOH A . 
C 3 HOH 3  303 56  HOH HOH A . 
C 3 HOH 4  304 40  HOH HOH A . 
C 3 HOH 5  305 58  HOH HOH A . 
C 3 HOH 6  306 2   HOH HOH A . 
C 3 HOH 7  307 12  HOH HOH A . 
C 3 HOH 8  308 8   HOH HOH A . 
C 3 HOH 9  309 34  HOH HOH A . 
C 3 HOH 10 310 26  HOH HOH A . 
C 3 HOH 11 311 62  HOH HOH A . 
C 3 HOH 12 312 39  HOH HOH A . 
C 3 HOH 13 313 53  HOH HOH A . 
C 3 HOH 14 314 20  HOH HOH A . 
C 3 HOH 15 315 55  HOH HOH A . 
C 3 HOH 16 316 31  HOH HOH A . 
C 3 HOH 17 317 14  HOH HOH A . 
C 3 HOH 18 318 10  HOH HOH A . 
C 3 HOH 19 319 74  HOH HOH A . 
C 3 HOH 20 320 11  HOH HOH A . 
C 3 HOH 21 321 17  HOH HOH A . 
C 3 HOH 22 322 23  HOH HOH A . 
C 3 HOH 23 323 35  HOH HOH A . 
C 3 HOH 24 324 29  HOH HOH A . 
C 3 HOH 25 325 67  HOH HOH A . 
C 3 HOH 26 326 59  HOH HOH A . 
C 3 HOH 27 327 47  HOH HOH A . 
C 3 HOH 28 328 18  HOH HOH A . 
C 3 HOH 29 329 68  HOH HOH A . 
C 3 HOH 30 330 49  HOH HOH A . 
C 3 HOH 31 331 4   HOH HOH A . 
C 3 HOH 32 332 38  HOH HOH A . 
C 3 HOH 33 333 7   HOH HOH A . 
C 3 HOH 34 334 43  HOH HOH A . 
C 3 HOH 35 335 3   HOH HOH A . 
C 3 HOH 36 336 42  HOH HOH A . 
C 3 HOH 37 337 32  HOH HOH A . 
C 3 HOH 38 338 21  HOH HOH A . 
C 3 HOH 39 339 71  HOH HOH A . 
C 3 HOH 40 340 28  HOH HOH A . 
C 3 HOH 41 341 19  HOH HOH A . 
C 3 HOH 42 342 9   HOH HOH A . 
C 3 HOH 43 343 70  HOH HOH A . 
C 3 HOH 44 344 5   HOH HOH A . 
C 3 HOH 45 345 22  HOH HOH A . 
C 3 HOH 46 346 48  HOH HOH A . 
C 3 HOH 47 347 41  HOH HOH A . 
C 3 HOH 48 348 37  HOH HOH A . 
C 3 HOH 49 349 30  HOH HOH A . 
C 3 HOH 50 350 13  HOH HOH A . 
C 3 HOH 51 351 69  HOH HOH A . 
C 3 HOH 52 352 33  HOH HOH A . 
C 3 HOH 53 353 15  HOH HOH A . 
C 3 HOH 54 354 24  HOH HOH A . 
C 3 HOH 55 355 44  HOH HOH A . 
C 3 HOH 56 356 6   HOH HOH A . 
C 3 HOH 57 357 51  HOH HOH A . 
C 3 HOH 58 358 1   HOH HOH A . 
C 3 HOH 59 359 73  HOH HOH A . 
C 3 HOH 60 360 57  HOH HOH A . 
C 3 HOH 61 361 65  HOH HOH A . 
C 3 HOH 62 362 61  HOH HOH A . 
C 3 HOH 63 363 52  HOH HOH A . 
C 3 HOH 64 364 72  HOH HOH A . 
C 3 HOH 65 365 64  HOH HOH A . 
C 3 HOH 66 366 36  HOH HOH A . 
C 3 HOH 67 367 54  HOH HOH A . 
C 3 HOH 68 368 45  HOH HOH A . 
C 3 HOH 69 369 46  HOH HOH A . 
C 3 HOH 70 370 16  HOH HOH A . 
C 3 HOH 71 371 50  HOH HOH A . 
C 3 HOH 72 372 60  HOH HOH A . 
C 3 HOH 73 373 27  HOH HOH A . 
C 3 HOH 74 374 63  HOH HOH A . 
# 
loop_
_software.citation_id 
_software.classification 
_software.compiler_name 
_software.compiler_version 
_software.contact_author 
_software.contact_author_email 
_software.date 
_software.description 
_software.dependencies 
_software.hardware 
_software.language 
_software.location 
_software.mods 
_software.name 
_software.os 
_software.os_version 
_software.type 
_software.version 
_software.pdbx_ordinal 
? refinement        ? ? ? ? ? ? ? ? ? ? ? REFMAC      ? ? ? 5.8.0267 1 
? 'data scaling'    ? ? ? ? ? ? ? ? ? ? ? Aimless     ? ? ? 0.7.7    2 
? 'data extraction' ? ? ? ? ? ? ? ? ? ? ? PDB_EXTRACT ? ? ? 3.27     3 
? 'data reduction'  ? ? ? ? ? ? ? ? ? ? ? iMOSFLM     ? ? ? .        4 
? phasing           ? ? ? ? ? ? ? ? ? ? ? PHASER      ? ? ? .        5 
# 
_cell.angle_alpha                  90.000 
_cell.angle_alpha_esd              ? 
_cell.angle_beta                   90.000 
_cell.angle_beta_esd               ? 
_cell.angle_gamma                  90.000 
_cell.angle_gamma_esd              ? 
_cell.entry_id                     7Z6W 
_cell.details                      ? 
_cell.formula_units_Z              ? 
_cell.length_a                     90.980 
_cell.length_a_esd                 ? 
_cell.length_b                     90.980 
_cell.length_b_esd                 ? 
_cell.length_c                     47.560 
_cell.length_c_esd                 ? 
_cell.volume                       ? 
_cell.volume_esd                   ? 
_cell.Z_PDB                        8 
_cell.reciprocal_angle_alpha       ? 
_cell.reciprocal_angle_beta        ? 
_cell.reciprocal_angle_gamma       ? 
_cell.reciprocal_angle_alpha_esd   ? 
_cell.reciprocal_angle_beta_esd    ? 
_cell.reciprocal_angle_gamma_esd   ? 
_cell.reciprocal_length_a          ? 
_cell.reciprocal_length_b          ? 
_cell.reciprocal_length_c          ? 
_cell.reciprocal_length_a_esd      ? 
_cell.reciprocal_length_b_esd      ? 
_cell.reciprocal_length_c_esd      ? 
_cell.pdbx_unique_axis             ? 
# 
_symmetry.entry_id                         7Z6W 
_symmetry.cell_setting                     ? 
_symmetry.Int_Tables_number                79 
_symmetry.space_group_name_Hall            ? 
_symmetry.space_group_name_H-M             'I 4' 
_symmetry.pdbx_full_space_group_name_H-M   ? 
# 
_exptl.absorpt_coefficient_mu     ? 
_exptl.absorpt_correction_T_max   ? 
_exptl.absorpt_correction_T_min   ? 
_exptl.absorpt_correction_type    ? 
_exptl.absorpt_process_details    ? 
_exptl.entry_id                   7Z6W 
_exptl.crystals_number            1 
_exptl.details                    ? 
_exptl.method                     'X-RAY DIFFRACTION' 
_exptl.method_details             ? 
# 
_exptl_crystal.colour                      ? 
_exptl_crystal.density_diffrn              ? 
_exptl_crystal.density_Matthews            2.29 
_exptl_crystal.density_method              ? 
_exptl_crystal.density_percent_sol         46.19 
_exptl_crystal.description                 ? 
_exptl_crystal.F_000                       ? 
_exptl_crystal.id                          1 
_exptl_crystal.preparation                 ? 
_exptl_crystal.size_max                    ? 
_exptl_crystal.size_mid                    ? 
_exptl_crystal.size_min                    ? 
_exptl_crystal.size_rad                    ? 
_exptl_crystal.colour_lustre               ? 
_exptl_crystal.colour_modifier             ? 
_exptl_crystal.colour_primary              ? 
_exptl_crystal.density_meas                ? 
_exptl_crystal.density_meas_esd            ? 
_exptl_crystal.density_meas_gt             ? 
_exptl_crystal.density_meas_lt             ? 
_exptl_crystal.density_meas_temp           ? 
_exptl_crystal.density_meas_temp_esd       ? 
_exptl_crystal.density_meas_temp_gt        ? 
_exptl_crystal.density_meas_temp_lt        ? 
_exptl_crystal.pdbx_crystal_image_url      ? 
_exptl_crystal.pdbx_crystal_image_format   ? 
_exptl_crystal.pdbx_mosaicity              ? 
_exptl_crystal.pdbx_mosaicity_esd          ? 
# 
_exptl_crystal_grow.apparatus       ? 
_exptl_crystal_grow.atmosphere      ? 
_exptl_crystal_grow.crystal_id      1 
_exptl_crystal_grow.details         ? 
_exptl_crystal_grow.method          'VAPOR DIFFUSION, SITTING DROP' 
_exptl_crystal_grow.method_ref      ? 
_exptl_crystal_grow.pH              ? 
_exptl_crystal_grow.pressure        ? 
_exptl_crystal_grow.pressure_esd    ? 
_exptl_crystal_grow.seeding         ? 
_exptl_crystal_grow.seeding_ref     ? 
_exptl_crystal_grow.temp            288.15 
_exptl_crystal_grow.temp_details    ? 
_exptl_crystal_grow.temp_esd        ? 
_exptl_crystal_grow.time            ? 
_exptl_crystal_grow.pdbx_details    '2.1 M DL-Malic acid pH 6.0' 
_exptl_crystal_grow.pdbx_pH_range   ? 
# 
_diffrn.ambient_environment              ? 
_diffrn.ambient_temp                     100 
_diffrn.ambient_temp_details             ? 
_diffrn.ambient_temp_esd                 ? 
_diffrn.crystal_id                       1 
_diffrn.crystal_support                  ? 
_diffrn.crystal_treatment                ? 
_diffrn.details                          ? 
_diffrn.id                               1 
_diffrn.ambient_pressure                 ? 
_diffrn.ambient_pressure_esd             ? 
_diffrn.ambient_pressure_gt              ? 
_diffrn.ambient_pressure_lt              ? 
_diffrn.ambient_temp_gt                  ? 
_diffrn.ambient_temp_lt                  ? 
_diffrn.pdbx_serial_crystal_experiment   N 
# 
_diffrn_detector.details                      ? 
_diffrn_detector.detector                     PIXEL 
_diffrn_detector.diffrn_id                    1 
_diffrn_detector.type                         'DECTRIS PILATUS 6M-F' 
_diffrn_detector.area_resol_mean              ? 
_diffrn_detector.dtime                        ? 
_diffrn_detector.pdbx_frames_total            ? 
_diffrn_detector.pdbx_collection_time_total   ? 
_diffrn_detector.pdbx_collection_date         2019-04-08 
_diffrn_detector.pdbx_frequency               ? 
# 
_diffrn_radiation.collimation                      ? 
_diffrn_radiation.diffrn_id                        1 
_diffrn_radiation.filter_edge                      ? 
_diffrn_radiation.inhomogeneity                    ? 
_diffrn_radiation.monochromator                    ? 
_diffrn_radiation.polarisn_norm                    ? 
_diffrn_radiation.polarisn_ratio                   ? 
_diffrn_radiation.probe                            ? 
_diffrn_radiation.type                             ? 
_diffrn_radiation.xray_symbol                      ? 
_diffrn_radiation.wavelength_id                    1 
_diffrn_radiation.pdbx_monochromatic_or_laue_m_l   M 
_diffrn_radiation.pdbx_wavelength_list             ? 
_diffrn_radiation.pdbx_wavelength                  ? 
_diffrn_radiation.pdbx_diffrn_protocol             'SINGLE WAVELENGTH' 
_diffrn_radiation.pdbx_analyzer                    ? 
_diffrn_radiation.pdbx_scattering_type             x-ray 
# 
_diffrn_radiation_wavelength.id           1 
_diffrn_radiation_wavelength.wavelength   0.91587 
_diffrn_radiation_wavelength.wt           1.0 
# 
_diffrn_source.current                     ? 
_diffrn_source.details                     ? 
_diffrn_source.diffrn_id                   1 
_diffrn_source.power                       ? 
_diffrn_source.size                        ? 
_diffrn_source.source                      SYNCHROTRON 
_diffrn_source.target                      ? 
_diffrn_source.type                        'DIAMOND BEAMLINE I04-1' 
_diffrn_source.voltage                     ? 
_diffrn_source.take-off_angle              ? 
_diffrn_source.pdbx_wavelength_list        0.91587 
_diffrn_source.pdbx_wavelength             ? 
_diffrn_source.pdbx_synchrotron_beamline   I04-1 
_diffrn_source.pdbx_synchrotron_site       Diamond 
# 
_reflns.B_iso_Wilson_estimate                          ? 
_reflns.entry_id                                       7Z6W 
_reflns.data_reduction_details                         ? 
_reflns.data_reduction_method                          ? 
_reflns.d_resolution_high                              1.840 
_reflns.d_resolution_low                               64.330 
_reflns.details                                        ? 
_reflns.limit_h_max                                    ? 
_reflns.limit_h_min                                    ? 
_reflns.limit_k_max                                    ? 
_reflns.limit_k_min                                    ? 
_reflns.limit_l_max                                    ? 
_reflns.limit_l_min                                    ? 
_reflns.number_all                                     ? 
_reflns.number_obs                                     17042 
_reflns.observed_criterion                             ? 
_reflns.observed_criterion_F_max                       ? 
_reflns.observed_criterion_F_min                       ? 
_reflns.observed_criterion_I_max                       ? 
_reflns.observed_criterion_I_min                       ? 
_reflns.observed_criterion_sigma_F                     ? 
_reflns.observed_criterion_sigma_I                     ? 
_reflns.percent_possible_obs                           100.000 
_reflns.R_free_details                                 ? 
_reflns.Rmerge_F_all                                   ? 
_reflns.Rmerge_F_obs                                   ? 
_reflns.Friedel_coverage                               ? 
_reflns.number_gt                                      ? 
_reflns.threshold_expression                           ? 
_reflns.pdbx_redundancy                                12.100 
_reflns.pdbx_Rmerge_I_obs                              0.124 
_reflns.pdbx_Rmerge_I_all                              ? 
_reflns.pdbx_Rsym_value                                ? 
_reflns.pdbx_netI_over_av_sigmaI                       ? 
_reflns.pdbx_netI_over_sigmaI                          14.300 
_reflns.pdbx_res_netI_over_av_sigmaI_2                 ? 
_reflns.pdbx_res_netI_over_sigmaI_2                    ? 
_reflns.pdbx_chi_squared                               ? 
_reflns.pdbx_scaling_rejects                           12 
_reflns.pdbx_d_res_high_opt                            ? 
_reflns.pdbx_d_res_low_opt                             ? 
_reflns.pdbx_d_res_opt_method                          ? 
_reflns.phase_calculation_details                      ? 
_reflns.pdbx_Rrim_I_all                                0.130 
_reflns.pdbx_Rpim_I_all                                0.037 
_reflns.pdbx_d_opt                                     ? 
_reflns.pdbx_number_measured_all                       207055 
_reflns.pdbx_diffrn_id                                 1 
_reflns.pdbx_ordinal                                   1 
_reflns.pdbx_CC_half                                   0.999 
_reflns.pdbx_CC_star                                   ? 
_reflns.pdbx_R_split                                   ? 
_reflns.pdbx_aniso_diffraction_limit_axis_1_ortho[1]   ? 
_reflns.pdbx_aniso_diffraction_limit_axis_1_ortho[2]   ? 
_reflns.pdbx_aniso_diffraction_limit_axis_1_ortho[3]   ? 
_reflns.pdbx_aniso_diffraction_limit_axis_2_ortho[1]   ? 
_reflns.pdbx_aniso_diffraction_limit_axis_2_ortho[2]   ? 
_reflns.pdbx_aniso_diffraction_limit_axis_2_ortho[3]   ? 
_reflns.pdbx_aniso_diffraction_limit_axis_3_ortho[1]   ? 
_reflns.pdbx_aniso_diffraction_limit_axis_3_ortho[2]   ? 
_reflns.pdbx_aniso_diffraction_limit_axis_3_ortho[3]   ? 
_reflns.pdbx_aniso_diffraction_limit_1                 ? 
_reflns.pdbx_aniso_diffraction_limit_2                 ? 
_reflns.pdbx_aniso_diffraction_limit_3                 ? 
_reflns.pdbx_aniso_B_tensor_eigenvector_1_ortho[1]     ? 
_reflns.pdbx_aniso_B_tensor_eigenvector_1_ortho[2]     ? 
_reflns.pdbx_aniso_B_tensor_eigenvector_1_ortho[3]     ? 
_reflns.pdbx_aniso_B_tensor_eigenvector_2_ortho[1]     ? 
_reflns.pdbx_aniso_B_tensor_eigenvector_2_ortho[2]     ? 
_reflns.pdbx_aniso_B_tensor_eigenvector_2_ortho[3]     ? 
_reflns.pdbx_aniso_B_tensor_eigenvector_3_ortho[1]     ? 
_reflns.pdbx_aniso_B_tensor_eigenvector_3_ortho[2]     ? 
_reflns.pdbx_aniso_B_tensor_eigenvector_3_ortho[3]     ? 
_reflns.pdbx_aniso_B_tensor_eigenvalue_1               ? 
_reflns.pdbx_aniso_B_tensor_eigenvalue_2               ? 
_reflns.pdbx_aniso_B_tensor_eigenvalue_3               ? 
_reflns.pdbx_orthogonalization_convention              ? 
_reflns.pdbx_percent_possible_ellipsoidal              ? 
_reflns.pdbx_percent_possible_spherical                ? 
_reflns.pdbx_percent_possible_ellipsoidal_anomalous    ? 
_reflns.pdbx_percent_possible_spherical_anomalous      ? 
_reflns.pdbx_redundancy_anomalous                      ? 
_reflns.pdbx_CC_half_anomalous                         ? 
_reflns.pdbx_absDiff_over_sigma_anomalous              ? 
_reflns.pdbx_percent_possible_anomalous                ? 
_reflns.pdbx_observed_signal_threshold                 ? 
_reflns.pdbx_signal_type                               ? 
_reflns.pdbx_signal_details                            ? 
_reflns.pdbx_signal_software_id                        ? 
# 
loop_
_reflns_shell.d_res_high 
_reflns_shell.d_res_low 
_reflns_shell.meanI_over_sigI_all 
_reflns_shell.meanI_over_sigI_obs 
_reflns_shell.number_measured_all 
_reflns_shell.number_measured_obs 
_reflns_shell.number_possible 
_reflns_shell.number_unique_all 
_reflns_shell.number_unique_obs 
_reflns_shell.percent_possible_all 
_reflns_shell.percent_possible_obs 
_reflns_shell.Rmerge_F_all 
_reflns_shell.Rmerge_F_obs 
_reflns_shell.Rmerge_I_all 
_reflns_shell.Rmerge_I_obs 
_reflns_shell.meanI_over_sigI_gt 
_reflns_shell.meanI_over_uI_all 
_reflns_shell.meanI_over_uI_gt 
_reflns_shell.number_measured_gt 
_reflns_shell.number_unique_gt 
_reflns_shell.percent_possible_gt 
_reflns_shell.Rmerge_F_gt 
_reflns_shell.Rmerge_I_gt 
_reflns_shell.pdbx_redundancy 
_reflns_shell.pdbx_Rsym_value 
_reflns_shell.pdbx_chi_squared 
_reflns_shell.pdbx_netI_over_sigmaI_all 
_reflns_shell.pdbx_netI_over_sigmaI_obs 
_reflns_shell.pdbx_Rrim_I_all 
_reflns_shell.pdbx_Rpim_I_all 
_reflns_shell.pdbx_rejects 
_reflns_shell.pdbx_ordinal 
_reflns_shell.pdbx_diffrn_id 
_reflns_shell.pdbx_CC_half 
_reflns_shell.pdbx_CC_star 
_reflns_shell.pdbx_R_split 
_reflns_shell.pdbx_percent_possible_ellipsoidal 
_reflns_shell.pdbx_percent_possible_spherical 
_reflns_shell.pdbx_percent_possible_ellipsoidal_anomalous 
_reflns_shell.pdbx_percent_possible_spherical_anomalous 
_reflns_shell.pdbx_redundancy_anomalous 
_reflns_shell.pdbx_CC_half_anomalous 
_reflns_shell.pdbx_absDiff_over_sigma_anomalous 
_reflns_shell.pdbx_percent_possible_anomalous 
1.840 1.880  ? ? 12981 ? ? ? 1036 100.000 ? ? ? ? 1.374 ? ? ? ? ? ? ? ? 12.500 ? ? ? 2.000  1.433 0.405 ? 1 1 0.536 ? ? ? ? ? ? ? 
? ? ? 
9.010 64.330 ? ? 2079  ? ? ? 164  99.800  ? ? ? ? 0.029 ? ? ? ? ? ? ? ? 12.700 ? ? ? 57.900 0.030 0.008 ? 2 1 1.000 ? ? ? ? ? ? ? 
? ? ? 
# 
_refine.aniso_B[1][1]                            0.3600 
_refine.aniso_B[1][2]                            -0.0000 
_refine.aniso_B[1][3]                            -0.0000 
_refine.aniso_B[2][2]                            0.3600 
_refine.aniso_B[2][3]                            -0.0000 
_refine.aniso_B[3][3]                            -0.7300 
_refine.B_iso_max                                91.330 
_refine.B_iso_mean                               29.0200 
_refine.B_iso_min                                14.690 
_refine.correlation_coeff_Fo_to_Fc               0.9620 
_refine.correlation_coeff_Fo_to_Fc_free          0.9540 
_refine.details                                  
'HYDROGENS HAVE BEEN ADDED IN THE RIDING POSITIONS U VALUES      : REFINED INDIVIDUALLY' 
_refine.diff_density_max                         ? 
_refine.diff_density_max_esd                     ? 
_refine.diff_density_min                         ? 
_refine.diff_density_min_esd                     ? 
_refine.diff_density_rms                         ? 
_refine.diff_density_rms_esd                     ? 
_refine.entry_id                                 7Z6W 
_refine.pdbx_refine_id                           'X-RAY DIFFRACTION' 
_refine.ls_abs_structure_details                 ? 
_refine.ls_abs_structure_Flack                   ? 
_refine.ls_abs_structure_Flack_esd               ? 
_refine.ls_abs_structure_Rogers                  ? 
_refine.ls_abs_structure_Rogers_esd              ? 
_refine.ls_d_res_high                            1.8400 
_refine.ls_d_res_low                             64.3300 
_refine.ls_extinction_coef                       ? 
_refine.ls_extinction_coef_esd                   ? 
_refine.ls_extinction_expression                 ? 
_refine.ls_extinction_method                     ? 
_refine.ls_goodness_of_fit_all                   ? 
_refine.ls_goodness_of_fit_all_esd               ? 
_refine.ls_goodness_of_fit_obs                   ? 
_refine.ls_goodness_of_fit_obs_esd               ? 
_refine.ls_hydrogen_treatment                    ? 
_refine.ls_matrix_type                           ? 
_refine.ls_number_constraints                    ? 
_refine.ls_number_parameters                     ? 
_refine.ls_number_reflns_all                     ? 
_refine.ls_number_reflns_obs                     16184 
_refine.ls_number_reflns_R_free                  856 
_refine.ls_number_reflns_R_work                  ? 
_refine.ls_number_restraints                     ? 
_refine.ls_percent_reflns_obs                    99.9900 
_refine.ls_percent_reflns_R_free                 5.0000 
_refine.ls_R_factor_all                          ? 
_refine.ls_R_factor_obs                          0.1829 
_refine.ls_R_factor_R_free                       0.2162 
_refine.ls_R_factor_R_free_error                 ? 
_refine.ls_R_factor_R_free_error_details         ? 
_refine.ls_R_factor_R_work                       0.1811 
_refine.ls_R_Fsqd_factor_obs                     ? 
_refine.ls_R_I_factor_obs                        ? 
_refine.ls_redundancy_reflns_all                 ? 
_refine.ls_redundancy_reflns_obs                 ? 
_refine.ls_restrained_S_all                      ? 
_refine.ls_restrained_S_obs                      ? 
_refine.ls_shift_over_esd_max                    ? 
_refine.ls_shift_over_esd_mean                   ? 
_refine.ls_structure_factor_coef                 ? 
_refine.ls_weighting_details                     ? 
_refine.ls_weighting_scheme                      ? 
_refine.ls_wR_factor_all                         ? 
_refine.ls_wR_factor_obs                         ? 
_refine.ls_wR_factor_R_free                      ? 
_refine.ls_wR_factor_R_work                      ? 
_refine.occupancy_max                            ? 
_refine.occupancy_min                            ? 
_refine.solvent_model_details                    MASK 
_refine.solvent_model_param_bsol                 ? 
_refine.solvent_model_param_ksol                 ? 
_refine.pdbx_R_complete                          ? 
_refine.ls_R_factor_gt                           ? 
_refine.ls_goodness_of_fit_gt                    ? 
_refine.ls_goodness_of_fit_ref                   ? 
_refine.ls_shift_over_su_max                     ? 
_refine.ls_shift_over_su_max_lt                  ? 
_refine.ls_shift_over_su_mean                    ? 
_refine.ls_shift_over_su_mean_lt                 ? 
_refine.pdbx_ls_sigma_I                          ? 
_refine.pdbx_ls_sigma_F                          0.000 
_refine.pdbx_ls_sigma_Fsqd                       ? 
_refine.pdbx_data_cutoff_high_absF               ? 
_refine.pdbx_data_cutoff_high_rms_absF           ? 
_refine.pdbx_data_cutoff_low_absF                ? 
_refine.pdbx_isotropic_thermal_model             ? 
_refine.pdbx_ls_cross_valid_method               THROUGHOUT 
_refine.pdbx_method_to_determine_struct          'MOLECULAR REPLACEMENT' 
_refine.pdbx_starting_model                      1UA8 
_refine.pdbx_stereochemistry_target_values       'MAXIMUM LIKELIHOOD' 
_refine.pdbx_R_Free_selection_details            RANDOM 
_refine.pdbx_stereochem_target_val_spec_case     ? 
_refine.pdbx_overall_ESU_R                       0.1390 
_refine.pdbx_overall_ESU_R_Free                  0.1280 
_refine.pdbx_solvent_vdw_probe_radii             1.2000 
_refine.pdbx_solvent_ion_probe_radii             0.8000 
_refine.pdbx_solvent_shrinkage_radii             0.8000 
_refine.pdbx_real_space_R                        ? 
_refine.pdbx_density_correlation                 ? 
_refine.pdbx_pd_number_of_powder_patterns        ? 
_refine.pdbx_pd_number_of_points                 ? 
_refine.pdbx_pd_meas_number_of_points            ? 
_refine.pdbx_pd_proc_ls_prof_R_factor            ? 
_refine.pdbx_pd_proc_ls_prof_wR_factor           ? 
_refine.pdbx_pd_Marquardt_correlation_coeff      ? 
_refine.pdbx_pd_Fsqrd_R_factor                   ? 
_refine.pdbx_pd_ls_matrix_band_width             ? 
_refine.pdbx_overall_phase_error                 ? 
_refine.pdbx_overall_SU_R_free_Cruickshank_DPI   ? 
_refine.pdbx_overall_SU_R_free_Blow_DPI          ? 
_refine.pdbx_overall_SU_R_Blow_DPI               ? 
_refine.pdbx_TLS_residual_ADP_flag               ? 
_refine.pdbx_diffrn_id                           1 
_refine.overall_SU_B                             3.3930 
_refine.overall_SU_ML                            0.0980 
_refine.overall_SU_R_Cruickshank_DPI             ? 
_refine.overall_SU_R_free                        ? 
_refine.overall_FOM_free_R_set                   ? 
_refine.overall_FOM_work_R_set                   ? 
_refine.pdbx_average_fsc_overall                 ? 
_refine.pdbx_average_fsc_work                    ? 
_refine.pdbx_average_fsc_free                    ? 
# 
_refine_hist.pdbx_refine_id                   'X-RAY DIFFRACTION' 
_refine_hist.cycle_id                         final 
_refine_hist.details                          ? 
_refine_hist.d_res_high                       1.8400 
_refine_hist.d_res_low                        64.3300 
_refine_hist.number_atoms_solvent             74 
_refine_hist.number_atoms_total               1629 
_refine_hist.number_reflns_all                ? 
_refine_hist.number_reflns_obs                ? 
_refine_hist.number_reflns_R_free             ? 
_refine_hist.number_reflns_R_work             ? 
_refine_hist.R_factor_all                     ? 
_refine_hist.R_factor_obs                     ? 
_refine_hist.R_factor_R_free                  ? 
_refine_hist.R_factor_R_work                  ? 
_refine_hist.pdbx_number_residues_total       188 
_refine_hist.pdbx_B_iso_mean_ligand           48.40 
_refine_hist.pdbx_B_iso_mean_solvent          35.99 
_refine_hist.pdbx_number_atoms_protein        1492 
_refine_hist.pdbx_number_atoms_nucleic_acid   0 
_refine_hist.pdbx_number_atoms_ligand         63 
_refine_hist.pdbx_number_atoms_lipid          ? 
_refine_hist.pdbx_number_atoms_carb           ? 
_refine_hist.pdbx_pseudo_atom_details         ? 
# 
loop_
_refine_ls_restr.pdbx_refine_id 
_refine_ls_restr.criterion 
_refine_ls_restr.dev_ideal 
_refine_ls_restr.dev_ideal_target 
_refine_ls_restr.number 
_refine_ls_restr.rejects 
_refine_ls_restr.type 
_refine_ls_restr.weight 
_refine_ls_restr.pdbx_restraint_function 
'X-RAY DIFFRACTION' ? 0.011  0.013  1589 ? r_bond_refined_d       ? ? 
'X-RAY DIFFRACTION' ? 0.001  0.016  1381 ? r_bond_other_d         ? ? 
'X-RAY DIFFRACTION' ? 1.721  1.686  2137 ? r_angle_refined_deg    ? ? 
'X-RAY DIFFRACTION' ? 1.410  1.595  3179 ? r_angle_other_deg      ? ? 
'X-RAY DIFFRACTION' ? 7.222  5.000  186  ? r_dihedral_angle_1_deg ? ? 
'X-RAY DIFFRACTION' ? 34.934 24.545 88   ? r_dihedral_angle_2_deg ? ? 
'X-RAY DIFFRACTION' ? 15.226 15.000 249  ? r_dihedral_angle_3_deg ? ? 
'X-RAY DIFFRACTION' ? 15.161 15.000 6    ? r_dihedral_angle_4_deg ? ? 
'X-RAY DIFFRACTION' ? 0.072  0.200  197  ? r_chiral_restr         ? ? 
'X-RAY DIFFRACTION' ? 0.009  0.020  1815 ? r_gen_planes_refined   ? ? 
'X-RAY DIFFRACTION' ? 0.001  0.020  378  ? r_gen_planes_other     ? ? 
# 
_refine_ls_shell.pdbx_refine_id                   'X-RAY DIFFRACTION' 
_refine_ls_shell.d_res_high                       1.8400 
_refine_ls_shell.d_res_low                        1.8880 
_refine_ls_shell.number_reflns_all                1246 
_refine_ls_shell.number_reflns_obs                ? 
_refine_ls_shell.number_reflns_R_free             79 
_refine_ls_shell.number_reflns_R_work             1167 
_refine_ls_shell.percent_reflns_obs               100.0000 
_refine_ls_shell.percent_reflns_R_free            ? 
_refine_ls_shell.R_factor_all                     ? 
_refine_ls_shell.R_factor_obs                     ? 
_refine_ls_shell.R_factor_R_free                  0.3200 
_refine_ls_shell.R_factor_R_free_error            0.0000 
_refine_ls_shell.R_factor_R_work                  0.2880 
_refine_ls_shell.redundancy_reflns_all            ? 
_refine_ls_shell.redundancy_reflns_obs            ? 
_refine_ls_shell.wR_factor_all                    ? 
_refine_ls_shell.wR_factor_obs                    ? 
_refine_ls_shell.wR_factor_R_free                 ? 
_refine_ls_shell.wR_factor_R_work                 ? 
_refine_ls_shell.pdbx_R_complete                  ? 
_refine_ls_shell.pdbx_total_number_of_bins_used   20 
_refine_ls_shell.pdbx_phase_error                 ? 
_refine_ls_shell.pdbx_fsc_work                    ? 
_refine_ls_shell.pdbx_fsc_free                    ? 
# 
_struct.entry_id                     7Z6W 
_struct.title                        'Complex of E. coli LolA and lipoprotein' 
_struct.pdbx_model_details           ? 
_struct.pdbx_formula_weight          ? 
_struct.pdbx_formula_weight_method   ? 
_struct.pdbx_model_type_details      ? 
_struct.pdbx_CASP_flag               N 
# 
_struct_keywords.entry_id        7Z6W 
_struct_keywords.text            'Lipoprotein trafficking, PROTEIN TRANSPORT, TRANSPORT PROTEIN' 
_struct_keywords.pdbx_keywords   'TRANSPORT PROTEIN' 
# 
loop_
_struct_asym.id 
_struct_asym.pdbx_blank_PDB_chainid_flag 
_struct_asym.pdbx_modified 
_struct_asym.entity_id 
_struct_asym.details 
A N N 1 ? 
B N N 2 ? 
C N N 3 ? 
# 
_struct_ref.id                         1 
_struct_ref.db_name                    UNP 
_struct_ref.db_code                    LOLA_ECOLI 
_struct_ref.pdbx_db_accession          P61316 
_struct_ref.pdbx_db_isoform            ? 
_struct_ref.entity_id                  1 
_struct_ref.pdbx_seq_one_letter_code   
;DAASDLKSRLDKVSSFHASFTQKVTDGSGAAVQEGQGDLWVKRPNLFNWHMTQPDESILVSDGKTLWFYNPFVEQATATW
LKDATGNTPFMLIARNQSSDWQQYNIKQNGDDFVLTPKASNGNLKQFTINVGRDGTIHQFSAVEQDDQRSSYQLKSQQNG
AVDAAKFTFTPPQGVTVDDQRK
;
_struct_ref.pdbx_align_begin           22 
# 
_struct_ref_seq.align_id                      1 
_struct_ref_seq.ref_id                        1 
_struct_ref_seq.pdbx_PDB_id_code              7Z6W 
_struct_ref_seq.pdbx_strand_id                A 
_struct_ref_seq.seq_align_beg                 1 
_struct_ref_seq.pdbx_seq_align_beg_ins_code   ? 
_struct_ref_seq.seq_align_end                 182 
_struct_ref_seq.pdbx_seq_align_end_ins_code   ? 
_struct_ref_seq.pdbx_db_accession             P61316 
_struct_ref_seq.db_align_beg                  22 
_struct_ref_seq.pdbx_db_align_beg_ins_code    ? 
_struct_ref_seq.db_align_end                  203 
_struct_ref_seq.pdbx_db_align_end_ins_code    ? 
_struct_ref_seq.pdbx_auth_seq_align_beg       1 
_struct_ref_seq.pdbx_auth_seq_align_end       182 
# 
loop_
_struct_ref_seq_dif.align_id 
_struct_ref_seq_dif.pdbx_pdb_id_code 
_struct_ref_seq_dif.mon_id 
_struct_ref_seq_dif.pdbx_pdb_strand_id 
_struct_ref_seq_dif.seq_num 
_struct_ref_seq_dif.pdbx_pdb_ins_code 
_struct_ref_seq_dif.pdbx_seq_db_name 
_struct_ref_seq_dif.pdbx_seq_db_accession_code 
_struct_ref_seq_dif.db_mon_id 
_struct_ref_seq_dif.pdbx_seq_db_seq_num 
_struct_ref_seq_dif.details 
_struct_ref_seq_dif.pdbx_auth_seq_num 
_struct_ref_seq_dif.pdbx_ordinal 
1 7Z6W GLY A 183 ? UNP P61316 ? ? 'expression tag' 183 1  
1 7Z6W SER A 184 ? UNP P61316 ? ? 'expression tag' 184 2  
1 7Z6W TRP A 185 ? UNP P61316 ? ? 'expression tag' 185 3  
1 7Z6W SER A 186 ? UNP P61316 ? ? 'expression tag' 186 4  
1 7Z6W HIS A 187 ? UNP P61316 ? ? 'expression tag' 187 5  
1 7Z6W PRO A 188 ? UNP P61316 ? ? 'expression tag' 188 6  
1 7Z6W GLN A 189 ? UNP P61316 ? ? 'expression tag' 189 7  
1 7Z6W PHE A 190 ? UNP P61316 ? ? 'expression tag' 190 8  
1 7Z6W GLU A 191 ? UNP P61316 ? ? 'expression tag' 191 9  
1 7Z6W LYS A 192 ? UNP P61316 ? ? 'expression tag' 192 10 
# 
_pdbx_struct_assembly.id                   1 
_pdbx_struct_assembly.details              author_defined_assembly 
_pdbx_struct_assembly.method_details       ? 
_pdbx_struct_assembly.oligomeric_details   monomeric 
_pdbx_struct_assembly.oligomeric_count     1 
# 
loop_
_pdbx_struct_assembly_prop.biol_id 
_pdbx_struct_assembly_prop.type 
_pdbx_struct_assembly_prop.value 
_pdbx_struct_assembly_prop.details 
1 'ABSA (A^2)' 0     ? 
1 MORE         0     ? 
1 'SSA (A^2)'  10540 ? 
# 
_pdbx_struct_assembly_gen.assembly_id       1 
_pdbx_struct_assembly_gen.oper_expression   1 
_pdbx_struct_assembly_gen.asym_id_list      A,B,C 
# 
_pdbx_struct_assembly_auth_evidence.id                     1 
_pdbx_struct_assembly_auth_evidence.assembly_id            1 
_pdbx_struct_assembly_auth_evidence.experimental_support   'gel filtration' 
_pdbx_struct_assembly_auth_evidence.details                ? 
# 
_pdbx_struct_oper_list.id                   1 
_pdbx_struct_oper_list.type                 'identity operation' 
_pdbx_struct_oper_list.name                 1_555 
_pdbx_struct_oper_list.symmetry_operation   x,y,z 
_pdbx_struct_oper_list.matrix[1][1]         1.0000000000 
_pdbx_struct_oper_list.matrix[1][2]         0.0000000000 
_pdbx_struct_oper_list.matrix[1][3]         0.0000000000 
_pdbx_struct_oper_list.vector[1]            0.0000000000 
_pdbx_struct_oper_list.matrix[2][1]         0.0000000000 
_pdbx_struct_oper_list.matrix[2][2]         1.0000000000 
_pdbx_struct_oper_list.matrix[2][3]         0.0000000000 
_pdbx_struct_oper_list.vector[2]            0.0000000000 
_pdbx_struct_oper_list.matrix[3][1]         0.0000000000 
_pdbx_struct_oper_list.matrix[3][2]         0.0000000000 
_pdbx_struct_oper_list.matrix[3][3]         1.0000000000 
_pdbx_struct_oper_list.vector[3]            0.0000000000 
# 
loop_
_struct_conf.conf_type_id 
_struct_conf.id 
_struct_conf.pdbx_PDB_helix_id 
_struct_conf.beg_label_comp_id 
_struct_conf.beg_label_asym_id 
_struct_conf.beg_label_seq_id 
_struct_conf.pdbx_beg_PDB_ins_code 
_struct_conf.end_label_comp_id 
_struct_conf.end_label_asym_id 
_struct_conf.end_label_seq_id 
_struct_conf.pdbx_end_PDB_ins_code 
_struct_conf.beg_auth_comp_id 
_struct_conf.beg_auth_asym_id 
_struct_conf.beg_auth_seq_id 
_struct_conf.end_auth_comp_id 
_struct_conf.end_auth_asym_id 
_struct_conf.end_auth_seq_id 
_struct_conf.pdbx_PDB_helix_class 
_struct_conf.details 
_struct_conf.pdbx_PDB_helix_length 
HELX_P HELX_P1 AA1 ASP A 1   ? LYS A 12  ? ASP A 1   LYS A 12  1 ? 12 
HELX_P HELX_P2 AA2 LEU A 81  ? GLY A 86  ? LEU A 81  GLY A 86  1 ? 6  
HELX_P HELX_P3 AA3 PHE A 90  ? ARG A 95  ? PHE A 90  ARG A 95  1 ? 6  
HELX_P HELX_P4 AA4 SER A 98  ? GLN A 102 ? SER A 98  GLN A 102 1 ? 5  
HELX_P HELX_P5 AA5 ALA A 164 ? THR A 168 ? ALA A 164 THR A 168 5 ? 5  
# 
_struct_conf_type.id          HELX_P 
_struct_conf_type.criteria    ? 
_struct_conf_type.reference   ? 
# 
loop_
_struct_mon_prot_cis.pdbx_id 
_struct_mon_prot_cis.label_comp_id 
_struct_mon_prot_cis.label_seq_id 
_struct_mon_prot_cis.label_asym_id 
_struct_mon_prot_cis.label_alt_id 
_struct_mon_prot_cis.pdbx_PDB_ins_code 
_struct_mon_prot_cis.auth_comp_id 
_struct_mon_prot_cis.auth_seq_id 
_struct_mon_prot_cis.auth_asym_id 
_struct_mon_prot_cis.pdbx_label_comp_id_2 
_struct_mon_prot_cis.pdbx_label_seq_id_2 
_struct_mon_prot_cis.pdbx_label_asym_id_2 
_struct_mon_prot_cis.pdbx_PDB_ins_code_2 
_struct_mon_prot_cis.pdbx_auth_comp_id_2 
_struct_mon_prot_cis.pdbx_auth_seq_id_2 
_struct_mon_prot_cis.pdbx_auth_asym_id_2 
_struct_mon_prot_cis.pdbx_PDB_model_num 
_struct_mon_prot_cis.pdbx_omega_angle 
1 ARG 43 A . ? ARG 43 A PRO 44 A ? PRO 44 A 1 3.78 
2 GLN 53 A . ? GLN 53 A PRO 54 A ? PRO 54 A 1 4.18 
# 
_struct_sheet.id               AA1 
_struct_sheet.type             ? 
_struct_sheet.number_strands   12 
_struct_sheet.details          ? 
# 
loop_
_struct_sheet_order.sheet_id 
_struct_sheet_order.range_id_1 
_struct_sheet_order.range_id_2 
_struct_sheet_order.offset 
_struct_sheet_order.sense 
AA1 1  2  ? anti-parallel 
AA1 2  3  ? anti-parallel 
AA1 3  4  ? anti-parallel 
AA1 4  5  ? anti-parallel 
AA1 5  6  ? anti-parallel 
AA1 6  7  ? anti-parallel 
AA1 7  8  ? anti-parallel 
AA1 8  9  ? anti-parallel 
AA1 9  10 ? anti-parallel 
AA1 10 11 ? anti-parallel 
AA1 11 12 ? parallel      
# 
loop_
_struct_sheet_range.sheet_id 
_struct_sheet_range.id 
_struct_sheet_range.beg_label_comp_id 
_struct_sheet_range.beg_label_asym_id 
_struct_sheet_range.beg_label_seq_id 
_struct_sheet_range.pdbx_beg_PDB_ins_code 
_struct_sheet_range.end_label_comp_id 
_struct_sheet_range.end_label_asym_id 
_struct_sheet_range.end_label_seq_id 
_struct_sheet_range.pdbx_end_PDB_ins_code 
_struct_sheet_range.beg_auth_comp_id 
_struct_sheet_range.beg_auth_asym_id 
_struct_sheet_range.beg_auth_seq_id 
_struct_sheet_range.end_auth_comp_id 
_struct_sheet_range.end_auth_asym_id 
_struct_sheet_range.end_auth_seq_id 
AA1 1  TYR A 104 ? ASN A 109 ? TYR A 104 ASN A 109 
AA1 2  ASP A 112 ? PRO A 117 ? ASP A 112 PRO A 117 
AA1 3  LEU A 124 ? VAL A 131 ? LEU A 124 VAL A 131 
AA1 4  ILE A 137 ? GLU A 144 ? ILE A 137 GLU A 144 
AA1 5  ARG A 149 ? ASN A 159 ? ARG A 149 ASN A 159 
AA1 6  SER A 15  ? THR A 25  ? SER A 15  THR A 25  
AA1 7  ALA A 31  ? LYS A 42  ? ALA A 31  LYS A 42  
AA1 8  LEU A 46  ? GLN A 53  ? LEU A 46  GLN A 53  
AA1 9  SER A 57  ? ASP A 62  ? SER A 57  ASP A 62  
AA1 10 THR A 65  ? ASN A 70  ? THR A 65  ASN A 70  
AA1 11 GLN A 75  ? TRP A 80  ? GLN A 75  TRP A 80  
AA1 12 THR A 176 ? ASP A 179 ? THR A 176 ASP A 179 
# 
loop_
_pdbx_struct_sheet_hbond.sheet_id 
_pdbx_struct_sheet_hbond.range_id_1 
_pdbx_struct_sheet_hbond.range_id_2 
_pdbx_struct_sheet_hbond.range_1_label_atom_id 
_pdbx_struct_sheet_hbond.range_1_label_comp_id 
_pdbx_struct_sheet_hbond.range_1_label_asym_id 
_pdbx_struct_sheet_hbond.range_1_label_seq_id 
_pdbx_struct_sheet_hbond.range_1_PDB_ins_code 
_pdbx_struct_sheet_hbond.range_1_auth_atom_id 
_pdbx_struct_sheet_hbond.range_1_auth_comp_id 
_pdbx_struct_sheet_hbond.range_1_auth_asym_id 
_pdbx_struct_sheet_hbond.range_1_auth_seq_id 
_pdbx_struct_sheet_hbond.range_2_label_atom_id 
_pdbx_struct_sheet_hbond.range_2_label_comp_id 
_pdbx_struct_sheet_hbond.range_2_label_asym_id 
_pdbx_struct_sheet_hbond.range_2_label_seq_id 
_pdbx_struct_sheet_hbond.range_2_PDB_ins_code 
_pdbx_struct_sheet_hbond.range_2_auth_atom_id 
_pdbx_struct_sheet_hbond.range_2_auth_comp_id 
_pdbx_struct_sheet_hbond.range_2_auth_asym_id 
_pdbx_struct_sheet_hbond.range_2_auth_seq_id 
AA1 1  2  N ASN A 105 ? N ASN A 105 O THR A 116 ? O THR A 116 
AA1 2  3  N LEU A 115 ? N LEU A 115 O PHE A 127 ? O PHE A 127 
AA1 3  4  N ASN A 130 ? N ASN A 130 O HIS A 138 ? O HIS A 138 
AA1 4  5  N PHE A 140 ? N PHE A 140 O TYR A 152 ? O TYR A 152 
AA1 5  6  O ARG A 149 ? O ARG A 149 N THR A 25  ? N THR A 25  
AA1 6  7  N GLN A 22  ? N GLN A 22  O GLY A 35  ? O GLY A 35  
AA1 7  8  N ASP A 38  ? N ASP A 38  O HIS A 50  ? O HIS A 50  
AA1 8  9  N PHE A 47  ? N PHE A 47  O SER A 61  ? O SER A 61  
AA1 9  10 N VAL A 60  ? N VAL A 60  O TRP A 67  ? O TRP A 67  
AA1 10 11 N ASN A 70  ? N ASN A 70  O GLN A 75  ? O GLN A 75  
AA1 11 12 N ALA A 76  ? N ALA A 76  O THR A 176 ? O THR A 176 
# 
loop_
_pdbx_validate_torsion.id 
_pdbx_validate_torsion.PDB_model_num 
_pdbx_validate_torsion.auth_comp_id 
_pdbx_validate_torsion.auth_asym_id 
_pdbx_validate_torsion.auth_seq_id 
_pdbx_validate_torsion.PDB_ins_code 
_pdbx_validate_torsion.label_alt_id 
_pdbx_validate_torsion.phi 
_pdbx_validate_torsion.psi 
1 1 ASN A 45  ? ? -153.00 21.40  
2 1 LYS A 64  ? ? -132.57 -50.08 
3 1 ARG A 95  ? ? -131.70 -53.24 
4 1 ALA A 119 ? ? -149.59 35.68  
# 
_pdbx_entry_details.entry_id                 7Z6W 
_pdbx_entry_details.has_ligand_of_interest   Y 
_pdbx_entry_details.compound_details         ? 
_pdbx_entry_details.source_details           ? 
_pdbx_entry_details.nonpolymer_details       ? 
_pdbx_entry_details.sequence_details         ? 
# 
loop_
_pdbx_unobs_or_zero_occ_residues.id 
_pdbx_unobs_or_zero_occ_residues.PDB_model_num 
_pdbx_unobs_or_zero_occ_residues.polymer_flag 
_pdbx_unobs_or_zero_occ_residues.occupancy_flag 
_pdbx_unobs_or_zero_occ_residues.auth_asym_id 
_pdbx_unobs_or_zero_occ_residues.auth_comp_id 
_pdbx_unobs_or_zero_occ_residues.auth_seq_id 
_pdbx_unobs_or_zero_occ_residues.PDB_ins_code 
_pdbx_unobs_or_zero_occ_residues.label_asym_id 
_pdbx_unobs_or_zero_occ_residues.label_comp_id 
_pdbx_unobs_or_zero_occ_residues.label_seq_id 
1 1 Y 1 A GLY 183 ? A GLY 183 
2 1 Y 1 A SER 184 ? A SER 184 
3 1 Y 1 A TRP 185 ? A TRP 185 
4 1 Y 1 A SER 186 ? A SER 186 
# 
loop_
_chem_comp_atom.comp_id 
_chem_comp_atom.atom_id 
_chem_comp_atom.type_symbol 
_chem_comp_atom.pdbx_aromatic_flag 
_chem_comp_atom.pdbx_stereo_config 
_chem_comp_atom.pdbx_ordinal 
ALA N    N N N 1   
ALA CA   C N S 2   
ALA C    C N N 3   
ALA O    O N N 4   
ALA CB   C N N 5   
ALA OXT  O N N 6   
ALA H    H N N 7   
ALA H2   H N N 8   
ALA HA   H N N 9   
ALA HB1  H N N 10  
ALA HB2  H N N 11  
ALA HB3  H N N 12  
ALA HXT  H N N 13  
ARG N    N N N 14  
ARG CA   C N S 15  
ARG C    C N N 16  
ARG O    O N N 17  
ARG CB   C N N 18  
ARG CG   C N N 19  
ARG CD   C N N 20  
ARG NE   N N N 21  
ARG CZ   C N N 22  
ARG NH1  N N N 23  
ARG NH2  N N N 24  
ARG OXT  O N N 25  
ARG H    H N N 26  
ARG H2   H N N 27  
ARG HA   H N N 28  
ARG HB2  H N N 29  
ARG HB3  H N N 30  
ARG HG2  H N N 31  
ARG HG3  H N N 32  
ARG HD2  H N N 33  
ARG HD3  H N N 34  
ARG HE   H N N 35  
ARG HH11 H N N 36  
ARG HH12 H N N 37  
ARG HH21 H N N 38  
ARG HH22 H N N 39  
ARG HXT  H N N 40  
ASN N    N N N 41  
ASN CA   C N S 42  
ASN C    C N N 43  
ASN O    O N N 44  
ASN CB   C N N 45  
ASN CG   C N N 46  
ASN OD1  O N N 47  
ASN ND2  N N N 48  
ASN OXT  O N N 49  
ASN H    H N N 50  
ASN H2   H N N 51  
ASN HA   H N N 52  
ASN HB2  H N N 53  
ASN HB3  H N N 54  
ASN HD21 H N N 55  
ASN HD22 H N N 56  
ASN HXT  H N N 57  
ASP N    N N N 58  
ASP CA   C N S 59  
ASP C    C N N 60  
ASP O    O N N 61  
ASP CB   C N N 62  
ASP CG   C N N 63  
ASP OD1  O N N 64  
ASP OD2  O N N 65  
ASP OXT  O N N 66  
ASP H    H N N 67  
ASP H2   H N N 68  
ASP HA   H N N 69  
ASP HB2  H N N 70  
ASP HB3  H N N 71  
ASP HD2  H N N 72  
ASP HXT  H N N 73  
GLN N    N N N 74  
GLN CA   C N S 75  
GLN C    C N N 76  
GLN O    O N N 77  
GLN CB   C N N 78  
GLN CG   C N N 79  
GLN CD   C N N 80  
GLN OE1  O N N 81  
GLN NE2  N N N 82  
GLN OXT  O N N 83  
GLN H    H N N 84  
GLN H2   H N N 85  
GLN HA   H N N 86  
GLN HB2  H N N 87  
GLN HB3  H N N 88  
GLN HG2  H N N 89  
GLN HG3  H N N 90  
GLN HE21 H N N 91  
GLN HE22 H N N 92  
GLN HXT  H N N 93  
GLU N    N N N 94  
GLU CA   C N S 95  
GLU C    C N N 96  
GLU O    O N N 97  
GLU CB   C N N 98  
GLU CG   C N N 99  
GLU CD   C N N 100 
GLU OE1  O N N 101 
GLU OE2  O N N 102 
GLU OXT  O N N 103 
GLU H    H N N 104 
GLU H2   H N N 105 
GLU HA   H N N 106 
GLU HB2  H N N 107 
GLU HB3  H N N 108 
GLU HG2  H N N 109 
GLU HG3  H N N 110 
GLU HE2  H N N 111 
GLU HXT  H N N 112 
GLY N    N N N 113 
GLY CA   C N N 114 
GLY C    C N N 115 
GLY O    O N N 116 
GLY OXT  O N N 117 
GLY H    H N N 118 
GLY H2   H N N 119 
GLY HA2  H N N 120 
GLY HA3  H N N 121 
GLY HXT  H N N 122 
HIS N    N N N 123 
HIS CA   C N S 124 
HIS C    C N N 125 
HIS O    O N N 126 
HIS CB   C N N 127 
HIS CG   C Y N 128 
HIS ND1  N Y N 129 
HIS CD2  C Y N 130 
HIS CE1  C Y N 131 
HIS NE2  N Y N 132 
HIS OXT  O N N 133 
HIS H    H N N 134 
HIS H2   H N N 135 
HIS HA   H N N 136 
HIS HB2  H N N 137 
HIS HB3  H N N 138 
HIS HD1  H N N 139 
HIS HD2  H N N 140 
HIS HE1  H N N 141 
HIS HE2  H N N 142 
HIS HXT  H N N 143 
HOH O    O N N 144 
HOH H1   H N N 145 
HOH H2   H N N 146 
IG7 N01  N N N 147 
IG7 C02  C N N 148 
IG7 C03  C N N 149 
IG7 C04  C N N 150 
IG7 C05  C N N 151 
IG7 C06  C N N 152 
IG7 C07  C N N 153 
IG7 C08  C N N 154 
IG7 C09  C N N 155 
IG7 C10  C N N 156 
IG7 C11  C N N 157 
IG7 C12  C N N 158 
IG7 C13  C N N 159 
IG7 C14  C N N 160 
IG7 C15  C N N 161 
IG7 C16  C N N 162 
IG7 C17  C N N 163 
IG7 O18  O N N 164 
IG7 C19  C N N 165 
IG7 O20  O N N 166 
IG7 C21  C N N 167 
IG7 C22  C N N 168 
IG7 C23  C N N 169 
IG7 C24  C N N 170 
IG7 C25  C N N 171 
IG7 C26  C N N 172 
IG7 C27  C N N 173 
IG7 C28  C N N 174 
IG7 C29  C N N 175 
IG7 C30  C N N 176 
IG7 C31  C N N 177 
IG7 C32  C N N 178 
IG7 C33  C N N 179 
IG7 C34  C N N 180 
IG7 C35  C N N 181 
IG7 O36  O N N 182 
IG7 C37  C N N 183 
IG7 C38  C N S 184 
IG7 C39  C N N 185 
IG7 S40  S N N 186 
IG7 C41  C N N 187 
IG7 C42  C N S 188 
IG7 O43  O N N 189 
IG7 C44  C N N 190 
IG7 C45  C N N 191 
IG7 C46  C N N 192 
IG7 C47  C N N 193 
IG7 C48  C N N 194 
IG7 C49  C N N 195 
IG7 C50  C N N 196 
IG7 C51  C N N 197 
IG7 C52  C N N 198 
IG7 C53  C N N 199 
IG7 C54  C N N 200 
IG7 C55  C N N 201 
IG7 C56  C N N 202 
IG7 C57  C N N 203 
IG7 C58  C N N 204 
IG7 C59  C N N 205 
IG7 C60  C N N 206 
IG7 N61  N N N 207 
IG7 O62  O N N 208 
IG7 O63  O N N 209 
IG7 H1   H N N 210 
IG7 H2   H N N 211 
IG7 H3   H N N 212 
IG7 H4   H N N 213 
IG7 H5   H N N 214 
IG7 H6   H N N 215 
IG7 H7   H N N 216 
IG7 H8   H N N 217 
IG7 H9   H N N 218 
IG7 H10  H N N 219 
IG7 H11  H N N 220 
IG7 H12  H N N 221 
IG7 H13  H N N 222 
IG7 H14  H N N 223 
IG7 H15  H N N 224 
IG7 H16  H N N 225 
IG7 H17  H N N 226 
IG7 H18  H N N 227 
IG7 H19  H N N 228 
IG7 H20  H N N 229 
IG7 H21  H N N 230 
IG7 H22  H N N 231 
IG7 H23  H N N 232 
IG7 H24  H N N 233 
IG7 H25  H N N 234 
IG7 H26  H N N 235 
IG7 H27  H N N 236 
IG7 H28  H N N 237 
IG7 H29  H N N 238 
IG7 H30  H N N 239 
IG7 H31  H N N 240 
IG7 H32  H N N 241 
IG7 H33  H N N 242 
IG7 H34  H N N 243 
IG7 H35  H N N 244 
IG7 H36  H N N 245 
IG7 H37  H N N 246 
IG7 H38  H N N 247 
IG7 H39  H N N 248 
IG7 H40  H N N 249 
IG7 H41  H N N 250 
IG7 H42  H N N 251 
IG7 H43  H N N 252 
IG7 H44  H N N 253 
IG7 H45  H N N 254 
IG7 H46  H N N 255 
IG7 H47  H N N 256 
IG7 H48  H N N 257 
IG7 H49  H N N 258 
IG7 H50  H N N 259 
IG7 H51  H N N 260 
IG7 H52  H N N 261 
IG7 H53  H N N 262 
IG7 H54  H N N 263 
IG7 H55  H N N 264 
IG7 H56  H N N 265 
IG7 H57  H N N 266 
IG7 H58  H N N 267 
IG7 H59  H N N 268 
IG7 H60  H N N 269 
IG7 H61  H N N 270 
IG7 H62  H N N 271 
IG7 H63  H N N 272 
IG7 H64  H N N 273 
IG7 H65  H N N 274 
IG7 H66  H N N 275 
IG7 H67  H N N 276 
IG7 H68  H N N 277 
IG7 H69  H N N 278 
IG7 H70  H N N 279 
IG7 H71  H N N 280 
IG7 H72  H N N 281 
IG7 H73  H N N 282 
IG7 H74  H N N 283 
IG7 H75  H N N 284 
IG7 H76  H N N 285 
IG7 H77  H N N 286 
IG7 H78  H N N 287 
IG7 H79  H N N 288 
IG7 H80  H N N 289 
IG7 H81  H N N 290 
IG7 H82  H N N 291 
IG7 H83  H N N 292 
IG7 H84  H N N 293 
IG7 H85  H N N 294 
IG7 H86  H N N 295 
IG7 H87  H N N 296 
IG7 H88  H N N 297 
IG7 H89  H N N 298 
IG7 H90  H N N 299 
IG7 H91  H N N 300 
IG7 H92  H N N 301 
IG7 H93  H N N 302 
IG7 H94  H N N 303 
IG7 H95  H N N 304 
IG7 H96  H N N 305 
IG7 H97  H N N 306 
IG7 H98  H N N 307 
IG7 H99  H N N 308 
IG7 H100 H N N 309 
IG7 H101 H N N 310 
IG7 H102 H N N 311 
IG7 H103 H N N 312 
IG7 H104 H N N 313 
ILE N    N N N 314 
ILE CA   C N S 315 
ILE C    C N N 316 
ILE O    O N N 317 
ILE CB   C N S 318 
ILE CG1  C N N 319 
ILE CG2  C N N 320 
ILE CD1  C N N 321 
ILE OXT  O N N 322 
ILE H    H N N 323 
ILE H2   H N N 324 
ILE HA   H N N 325 
ILE HB   H N N 326 
ILE HG12 H N N 327 
ILE HG13 H N N 328 
ILE HG21 H N N 329 
ILE HG22 H N N 330 
ILE HG23 H N N 331 
ILE HD11 H N N 332 
ILE HD12 H N N 333 
ILE HD13 H N N 334 
ILE HXT  H N N 335 
LEU N    N N N 336 
LEU CA   C N S 337 
LEU C    C N N 338 
LEU O    O N N 339 
LEU CB   C N N 340 
LEU CG   C N N 341 
LEU CD1  C N N 342 
LEU CD2  C N N 343 
LEU OXT  O N N 344 
LEU H    H N N 345 
LEU H2   H N N 346 
LEU HA   H N N 347 
LEU HB2  H N N 348 
LEU HB3  H N N 349 
LEU HG   H N N 350 
LEU HD11 H N N 351 
LEU HD12 H N N 352 
LEU HD13 H N N 353 
LEU HD21 H N N 354 
LEU HD22 H N N 355 
LEU HD23 H N N 356 
LEU HXT  H N N 357 
LYS N    N N N 358 
LYS CA   C N S 359 
LYS C    C N N 360 
LYS O    O N N 361 
LYS CB   C N N 362 
LYS CG   C N N 363 
LYS CD   C N N 364 
LYS CE   C N N 365 
LYS NZ   N N N 366 
LYS OXT  O N N 367 
LYS H    H N N 368 
LYS H2   H N N 369 
LYS HA   H N N 370 
LYS HB2  H N N 371 
LYS HB3  H N N 372 
LYS HG2  H N N 373 
LYS HG3  H N N 374 
LYS HD2  H N N 375 
LYS HD3  H N N 376 
LYS HE2  H N N 377 
LYS HE3  H N N 378 
LYS HZ1  H N N 379 
LYS HZ2  H N N 380 
LYS HZ3  H N N 381 
LYS HXT  H N N 382 
MET N    N N N 383 
MET CA   C N S 384 
MET C    C N N 385 
MET O    O N N 386 
MET CB   C N N 387 
MET CG   C N N 388 
MET SD   S N N 389 
MET CE   C N N 390 
MET OXT  O N N 391 
MET H    H N N 392 
MET H2   H N N 393 
MET HA   H N N 394 
MET HB2  H N N 395 
MET HB3  H N N 396 
MET HG2  H N N 397 
MET HG3  H N N 398 
MET HE1  H N N 399 
MET HE2  H N N 400 
MET HE3  H N N 401 
MET HXT  H N N 402 
PHE N    N N N 403 
PHE CA   C N S 404 
PHE C    C N N 405 
PHE O    O N N 406 
PHE CB   C N N 407 
PHE CG   C Y N 408 
PHE CD1  C Y N 409 
PHE CD2  C Y N 410 
PHE CE1  C Y N 411 
PHE CE2  C Y N 412 
PHE CZ   C Y N 413 
PHE OXT  O N N 414 
PHE H    H N N 415 
PHE H2   H N N 416 
PHE HA   H N N 417 
PHE HB2  H N N 418 
PHE HB3  H N N 419 
PHE HD1  H N N 420 
PHE HD2  H N N 421 
PHE HE1  H N N 422 
PHE HE2  H N N 423 
PHE HZ   H N N 424 
PHE HXT  H N N 425 
PRO N    N N N 426 
PRO CA   C N S 427 
PRO C    C N N 428 
PRO O    O N N 429 
PRO CB   C N N 430 
PRO CG   C N N 431 
PRO CD   C N N 432 
PRO OXT  O N N 433 
PRO H    H N N 434 
PRO HA   H N N 435 
PRO HB2  H N N 436 
PRO HB3  H N N 437 
PRO HG2  H N N 438 
PRO HG3  H N N 439 
PRO HD2  H N N 440 
PRO HD3  H N N 441 
PRO HXT  H N N 442 
SER N    N N N 443 
SER CA   C N S 444 
SER C    C N N 445 
SER O    O N N 446 
SER CB   C N N 447 
SER OG   O N N 448 
SER OXT  O N N 449 
SER H    H N N 450 
SER H2   H N N 451 
SER HA   H N N 452 
SER HB2  H N N 453 
SER HB3  H N N 454 
SER HG   H N N 455 
SER HXT  H N N 456 
THR N    N N N 457 
THR CA   C N S 458 
THR C    C N N 459 
THR O    O N N 460 
THR CB   C N R 461 
THR OG1  O N N 462 
THR CG2  C N N 463 
THR OXT  O N N 464 
THR H    H N N 465 
THR H2   H N N 466 
THR HA   H N N 467 
THR HB   H N N 468 
THR HG1  H N N 469 
THR HG21 H N N 470 
THR HG22 H N N 471 
THR HG23 H N N 472 
THR HXT  H N N 473 
TRP N    N N N 474 
TRP CA   C N S 475 
TRP C    C N N 476 
TRP O    O N N 477 
TRP CB   C N N 478 
TRP CG   C Y N 479 
TRP CD1  C Y N 480 
TRP CD2  C Y N 481 
TRP NE1  N Y N 482 
TRP CE2  C Y N 483 
TRP CE3  C Y N 484 
TRP CZ2  C Y N 485 
TRP CZ3  C Y N 486 
TRP CH2  C Y N 487 
TRP OXT  O N N 488 
TRP H    H N N 489 
TRP H2   H N N 490 
TRP HA   H N N 491 
TRP HB2  H N N 492 
TRP HB3  H N N 493 
TRP HD1  H N N 494 
TRP HE1  H N N 495 
TRP HE3  H N N 496 
TRP HZ2  H N N 497 
TRP HZ3  H N N 498 
TRP HH2  H N N 499 
TRP HXT  H N N 500 
TYR N    N N N 501 
TYR CA   C N S 502 
TYR C    C N N 503 
TYR O    O N N 504 
TYR CB   C N N 505 
TYR CG   C Y N 506 
TYR CD1  C Y N 507 
TYR CD2  C Y N 508 
TYR CE1  C Y N 509 
TYR CE2  C Y N 510 
TYR CZ   C Y N 511 
TYR OH   O N N 512 
TYR OXT  O N N 513 
TYR H    H N N 514 
TYR H2   H N N 515 
TYR HA   H N N 516 
TYR HB2  H N N 517 
TYR HB3  H N N 518 
TYR HD1  H N N 519 
TYR HD2  H N N 520 
TYR HE1  H N N 521 
TYR HE2  H N N 522 
TYR HH   H N N 523 
TYR HXT  H N N 524 
VAL N    N N N 525 
VAL CA   C N S 526 
VAL C    C N N 527 
VAL O    O N N 528 
VAL CB   C N N 529 
VAL CG1  C N N 530 
VAL CG2  C N N 531 
VAL OXT  O N N 532 
VAL H    H N N 533 
VAL H2   H N N 534 
VAL HA   H N N 535 
VAL HB   H N N 536 
VAL HG11 H N N 537 
VAL HG12 H N N 538 
VAL HG13 H N N 539 
VAL HG21 H N N 540 
VAL HG22 H N N 541 
VAL HG23 H N N 542 
VAL HXT  H N N 543 
# 
loop_
_chem_comp_bond.comp_id 
_chem_comp_bond.atom_id_1 
_chem_comp_bond.atom_id_2 
_chem_comp_bond.value_order 
_chem_comp_bond.pdbx_aromatic_flag 
_chem_comp_bond.pdbx_stereo_config 
_chem_comp_bond.pdbx_ordinal 
ALA N   CA   sing N N 1   
ALA N   H    sing N N 2   
ALA N   H2   sing N N 3   
ALA CA  C    sing N N 4   
ALA CA  CB   sing N N 5   
ALA CA  HA   sing N N 6   
ALA C   O    doub N N 7   
ALA C   OXT  sing N N 8   
ALA CB  HB1  sing N N 9   
ALA CB  HB2  sing N N 10  
ALA CB  HB3  sing N N 11  
ALA OXT HXT  sing N N 12  
ARG N   CA   sing N N 13  
ARG N   H    sing N N 14  
ARG N   H2   sing N N 15  
ARG CA  C    sing N N 16  
ARG CA  CB   sing N N 17  
ARG CA  HA   sing N N 18  
ARG C   O    doub N N 19  
ARG C   OXT  sing N N 20  
ARG CB  CG   sing N N 21  
ARG CB  HB2  sing N N 22  
ARG CB  HB3  sing N N 23  
ARG CG  CD   sing N N 24  
ARG CG  HG2  sing N N 25  
ARG CG  HG3  sing N N 26  
ARG CD  NE   sing N N 27  
ARG CD  HD2  sing N N 28  
ARG CD  HD3  sing N N 29  
ARG NE  CZ   sing N N 30  
ARG NE  HE   sing N N 31  
ARG CZ  NH1  sing N N 32  
ARG CZ  NH2  doub N N 33  
ARG NH1 HH11 sing N N 34  
ARG NH1 HH12 sing N N 35  
ARG NH2 HH21 sing N N 36  
ARG NH2 HH22 sing N N 37  
ARG OXT HXT  sing N N 38  
ASN N   CA   sing N N 39  
ASN N   H    sing N N 40  
ASN N   H2   sing N N 41  
ASN CA  C    sing N N 42  
ASN CA  CB   sing N N 43  
ASN CA  HA   sing N N 44  
ASN C   O    doub N N 45  
ASN C   OXT  sing N N 46  
ASN CB  CG   sing N N 47  
ASN CB  HB2  sing N N 48  
ASN CB  HB3  sing N N 49  
ASN CG  OD1  doub N N 50  
ASN CG  ND2  sing N N 51  
ASN ND2 HD21 sing N N 52  
ASN ND2 HD22 sing N N 53  
ASN OXT HXT  sing N N 54  
ASP N   CA   sing N N 55  
ASP N   H    sing N N 56  
ASP N   H2   sing N N 57  
ASP CA  C    sing N N 58  
ASP CA  CB   sing N N 59  
ASP CA  HA   sing N N 60  
ASP C   O    doub N N 61  
ASP C   OXT  sing N N 62  
ASP CB  CG   sing N N 63  
ASP CB  HB2  sing N N 64  
ASP CB  HB3  sing N N 65  
ASP CG  OD1  doub N N 66  
ASP CG  OD2  sing N N 67  
ASP OD2 HD2  sing N N 68  
ASP OXT HXT  sing N N 69  
GLN N   CA   sing N N 70  
GLN N   H    sing N N 71  
GLN N   H2   sing N N 72  
GLN CA  C    sing N N 73  
GLN CA  CB   sing N N 74  
GLN CA  HA   sing N N 75  
GLN C   O    doub N N 76  
GLN C   OXT  sing N N 77  
GLN CB  CG   sing N N 78  
GLN CB  HB2  sing N N 79  
GLN CB  HB3  sing N N 80  
GLN CG  CD   sing N N 81  
GLN CG  HG2  sing N N 82  
GLN CG  HG3  sing N N 83  
GLN CD  OE1  doub N N 84  
GLN CD  NE2  sing N N 85  
GLN NE2 HE21 sing N N 86  
GLN NE2 HE22 sing N N 87  
GLN OXT HXT  sing N N 88  
GLU N   CA   sing N N 89  
GLU N   H    sing N N 90  
GLU N   H2   sing N N 91  
GLU CA  C    sing N N 92  
GLU CA  CB   sing N N 93  
GLU CA  HA   sing N N 94  
GLU C   O    doub N N 95  
GLU C   OXT  sing N N 96  
GLU CB  CG   sing N N 97  
GLU CB  HB2  sing N N 98  
GLU CB  HB3  sing N N 99  
GLU CG  CD   sing N N 100 
GLU CG  HG2  sing N N 101 
GLU CG  HG3  sing N N 102 
GLU CD  OE1  doub N N 103 
GLU CD  OE2  sing N N 104 
GLU OE2 HE2  sing N N 105 
GLU OXT HXT  sing N N 106 
GLY N   CA   sing N N 107 
GLY N   H    sing N N 108 
GLY N   H2   sing N N 109 
GLY CA  C    sing N N 110 
GLY CA  HA2  sing N N 111 
GLY CA  HA3  sing N N 112 
GLY C   O    doub N N 113 
GLY C   OXT  sing N N 114 
GLY OXT HXT  sing N N 115 
HIS N   CA   sing N N 116 
HIS N   H    sing N N 117 
HIS N   H2   sing N N 118 
HIS CA  C    sing N N 119 
HIS CA  CB   sing N N 120 
HIS CA  HA   sing N N 121 
HIS C   O    doub N N 122 
HIS C   OXT  sing N N 123 
HIS CB  CG   sing N N 124 
HIS CB  HB2  sing N N 125 
HIS CB  HB3  sing N N 126 
HIS CG  ND1  sing Y N 127 
HIS CG  CD2  doub Y N 128 
HIS ND1 CE1  doub Y N 129 
HIS ND1 HD1  sing N N 130 
HIS CD2 NE2  sing Y N 131 
HIS CD2 HD2  sing N N 132 
HIS CE1 NE2  sing Y N 133 
HIS CE1 HE1  sing N N 134 
HIS NE2 HE2  sing N N 135 
HIS OXT HXT  sing N N 136 
HOH O   H1   sing N N 137 
HOH O   H2   sing N N 138 
IG7 N61 C60  sing N N 139 
IG7 O62 C60  doub N N 140 
IG7 C60 C38  sing N N 141 
IG7 O18 C02  doub N N 142 
IG7 C02 C03  sing N N 143 
IG7 C02 N01  sing N N 144 
IG7 C03 C04  sing N N 145 
IG7 C38 N01  sing N N 146 
IG7 C38 C39  sing N N 147 
IG7 C39 S40  sing N N 148 
IG7 C04 C05  sing N N 149 
IG7 S40 C41  sing N N 150 
IG7 C45 C46  sing N N 151 
IG7 C45 C44  sing N N 152 
IG7 C46 C47  sing N N 153 
IG7 C05 C06  sing N N 154 
IG7 C41 C42  sing N N 155 
IG7 O43 C44  sing N N 156 
IG7 O43 C42  sing N N 157 
IG7 C48 C47  sing N N 158 
IG7 C48 C49  sing N N 159 
IG7 C44 O63  doub N N 160 
IG7 C42 C19  sing N N 161 
IG7 C06 C07  sing N N 162 
IG7 C49 C50  sing N N 163 
IG7 C50 C51  sing N N 164 
IG7 C19 O20  sing N N 165 
IG7 O20 C21  sing N N 166 
IG7 C07 C08  sing N N 167 
IG7 C51 C52  sing N N 168 
IG7 C21 C22  sing N N 169 
IG7 C21 O36  doub N N 170 
IG7 C22 C23  sing N N 171 
IG7 C08 C09  sing N N 172 
IG7 C52 C53  sing N N 173 
IG7 C53 C54  sing N N 174 
IG7 C09 C10  sing N N 175 
IG7 C24 C23  sing N N 176 
IG7 C24 C25  sing N N 177 
IG7 C10 C11  sing N N 178 
IG7 C25 C26  sing N N 179 
IG7 C54 C55  sing N N 180 
IG7 C55 C56  sing N N 181 
IG7 C58 C57  sing N N 182 
IG7 C58 C59  sing N N 183 
IG7 C11 C12  sing N N 184 
IG7 C26 C27  sing N N 185 
IG7 C56 C57  sing N N 186 
IG7 C27 C28  sing N N 187 
IG7 C12 C13  sing N N 188 
IG7 C28 C29  sing N N 189 
IG7 C29 C30  sing N N 190 
IG7 C13 C14  sing N N 191 
IG7 C30 C31  sing N N 192 
IG7 C31 C32  sing N N 193 
IG7 C14 C15  sing N N 194 
IG7 C32 C33  sing N N 195 
IG7 C33 C34  sing N N 196 
IG7 C37 C35  sing N N 197 
IG7 C15 C16  sing N N 198 
IG7 C17 C16  sing N N 199 
IG7 C34 C35  sing N N 200 
IG7 N01 H1   sing N N 201 
IG7 C03 H2   sing N N 202 
IG7 C03 H3   sing N N 203 
IG7 C04 H4   sing N N 204 
IG7 C04 H5   sing N N 205 
IG7 C05 H6   sing N N 206 
IG7 C05 H7   sing N N 207 
IG7 C06 H8   sing N N 208 
IG7 C06 H9   sing N N 209 
IG7 C07 H10  sing N N 210 
IG7 C07 H11  sing N N 211 
IG7 C08 H12  sing N N 212 
IG7 C08 H13  sing N N 213 
IG7 C09 H14  sing N N 214 
IG7 C09 H15  sing N N 215 
IG7 C10 H16  sing N N 216 
IG7 C10 H17  sing N N 217 
IG7 C11 H18  sing N N 218 
IG7 C11 H19  sing N N 219 
IG7 C12 H20  sing N N 220 
IG7 C12 H21  sing N N 221 
IG7 C13 H22  sing N N 222 
IG7 C13 H23  sing N N 223 
IG7 C14 H24  sing N N 224 
IG7 C14 H25  sing N N 225 
IG7 C15 H26  sing N N 226 
IG7 C15 H27  sing N N 227 
IG7 C16 H28  sing N N 228 
IG7 C16 H29  sing N N 229 
IG7 C17 H30  sing N N 230 
IG7 C17 H31  sing N N 231 
IG7 C17 H32  sing N N 232 
IG7 C19 H33  sing N N 233 
IG7 C19 H34  sing N N 234 
IG7 C22 H35  sing N N 235 
IG7 C22 H36  sing N N 236 
IG7 C23 H37  sing N N 237 
IG7 C23 H38  sing N N 238 
IG7 C24 H39  sing N N 239 
IG7 C24 H40  sing N N 240 
IG7 C25 H41  sing N N 241 
IG7 C25 H42  sing N N 242 
IG7 C26 H43  sing N N 243 
IG7 C26 H44  sing N N 244 
IG7 C27 H45  sing N N 245 
IG7 C27 H46  sing N N 246 
IG7 C28 H47  sing N N 247 
IG7 C28 H48  sing N N 248 
IG7 C29 H49  sing N N 249 
IG7 C29 H50  sing N N 250 
IG7 C30 H51  sing N N 251 
IG7 C30 H52  sing N N 252 
IG7 C31 H53  sing N N 253 
IG7 C31 H54  sing N N 254 
IG7 C32 H55  sing N N 255 
IG7 C32 H56  sing N N 256 
IG7 C33 H57  sing N N 257 
IG7 C33 H58  sing N N 258 
IG7 C34 H59  sing N N 259 
IG7 C34 H60  sing N N 260 
IG7 C35 H61  sing N N 261 
IG7 C35 H62  sing N N 262 
IG7 C37 H63  sing N N 263 
IG7 C37 H64  sing N N 264 
IG7 C37 H65  sing N N 265 
IG7 C38 H66  sing N N 266 
IG7 C39 H67  sing N N 267 
IG7 C39 H68  sing N N 268 
IG7 C41 H69  sing N N 269 
IG7 C41 H70  sing N N 270 
IG7 C42 H71  sing N N 271 
IG7 C45 H72  sing N N 272 
IG7 C45 H73  sing N N 273 
IG7 C46 H74  sing N N 274 
IG7 C46 H75  sing N N 275 
IG7 C47 H76  sing N N 276 
IG7 C47 H77  sing N N 277 
IG7 C48 H78  sing N N 278 
IG7 C48 H79  sing N N 279 
IG7 C49 H80  sing N N 280 
IG7 C49 H81  sing N N 281 
IG7 C50 H82  sing N N 282 
IG7 C50 H83  sing N N 283 
IG7 C51 H84  sing N N 284 
IG7 C51 H85  sing N N 285 
IG7 C52 H86  sing N N 286 
IG7 C52 H87  sing N N 287 
IG7 C53 H88  sing N N 288 
IG7 C53 H89  sing N N 289 
IG7 C54 H90  sing N N 290 
IG7 C54 H91  sing N N 291 
IG7 C55 H92  sing N N 292 
IG7 C55 H93  sing N N 293 
IG7 C56 H94  sing N N 294 
IG7 C56 H95  sing N N 295 
IG7 C57 H96  sing N N 296 
IG7 C57 H97  sing N N 297 
IG7 C58 H98  sing N N 298 
IG7 C58 H99  sing N N 299 
IG7 C59 H100 sing N N 300 
IG7 C59 H101 sing N N 301 
IG7 C59 H102 sing N N 302 
IG7 N61 H103 sing N N 303 
IG7 N61 H104 sing N N 304 
ILE N   CA   sing N N 305 
ILE N   H    sing N N 306 
ILE N   H2   sing N N 307 
ILE CA  C    sing N N 308 
ILE CA  CB   sing N N 309 
ILE CA  HA   sing N N 310 
ILE C   O    doub N N 311 
ILE C   OXT  sing N N 312 
ILE CB  CG1  sing N N 313 
ILE CB  CG2  sing N N 314 
ILE CB  HB   sing N N 315 
ILE CG1 CD1  sing N N 316 
ILE CG1 HG12 sing N N 317 
ILE CG1 HG13 sing N N 318 
ILE CG2 HG21 sing N N 319 
ILE CG2 HG22 sing N N 320 
ILE CG2 HG23 sing N N 321 
ILE CD1 HD11 sing N N 322 
ILE CD1 HD12 sing N N 323 
ILE CD1 HD13 sing N N 324 
ILE OXT HXT  sing N N 325 
LEU N   CA   sing N N 326 
LEU N   H    sing N N 327 
LEU N   H2   sing N N 328 
LEU CA  C    sing N N 329 
LEU CA  CB   sing N N 330 
LEU CA  HA   sing N N 331 
LEU C   O    doub N N 332 
LEU C   OXT  sing N N 333 
LEU CB  CG   sing N N 334 
LEU CB  HB2  sing N N 335 
LEU CB  HB3  sing N N 336 
LEU CG  CD1  sing N N 337 
LEU CG  CD2  sing N N 338 
LEU CG  HG   sing N N 339 
LEU CD1 HD11 sing N N 340 
LEU CD1 HD12 sing N N 341 
LEU CD1 HD13 sing N N 342 
LEU CD2 HD21 sing N N 343 
LEU CD2 HD22 sing N N 344 
LEU CD2 HD23 sing N N 345 
LEU OXT HXT  sing N N 346 
LYS N   CA   sing N N 347 
LYS N   H    sing N N 348 
LYS N   H2   sing N N 349 
LYS CA  C    sing N N 350 
LYS CA  CB   sing N N 351 
LYS CA  HA   sing N N 352 
LYS C   O    doub N N 353 
LYS C   OXT  sing N N 354 
LYS CB  CG   sing N N 355 
LYS CB  HB2  sing N N 356 
LYS CB  HB3  sing N N 357 
LYS CG  CD   sing N N 358 
LYS CG  HG2  sing N N 359 
LYS CG  HG3  sing N N 360 
LYS CD  CE   sing N N 361 
LYS CD  HD2  sing N N 362 
LYS CD  HD3  sing N N 363 
LYS CE  NZ   sing N N 364 
LYS CE  HE2  sing N N 365 
LYS CE  HE3  sing N N 366 
LYS NZ  HZ1  sing N N 367 
LYS NZ  HZ2  sing N N 368 
LYS NZ  HZ3  sing N N 369 
LYS OXT HXT  sing N N 370 
MET N   CA   sing N N 371 
MET N   H    sing N N 372 
MET N   H2   sing N N 373 
MET CA  C    sing N N 374 
MET CA  CB   sing N N 375 
MET CA  HA   sing N N 376 
MET C   O    doub N N 377 
MET C   OXT  sing N N 378 
MET CB  CG   sing N N 379 
MET CB  HB2  sing N N 380 
MET CB  HB3  sing N N 381 
MET CG  SD   sing N N 382 
MET CG  HG2  sing N N 383 
MET CG  HG3  sing N N 384 
MET SD  CE   sing N N 385 
MET CE  HE1  sing N N 386 
MET CE  HE2  sing N N 387 
MET CE  HE3  sing N N 388 
MET OXT HXT  sing N N 389 
PHE N   CA   sing N N 390 
PHE N   H    sing N N 391 
PHE N   H2   sing N N 392 
PHE CA  C    sing N N 393 
PHE CA  CB   sing N N 394 
PHE CA  HA   sing N N 395 
PHE C   O    doub N N 396 
PHE C   OXT  sing N N 397 
PHE CB  CG   sing N N 398 
PHE CB  HB2  sing N N 399 
PHE CB  HB3  sing N N 400 
PHE CG  CD1  doub Y N 401 
PHE CG  CD2  sing Y N 402 
PHE CD1 CE1  sing Y N 403 
PHE CD1 HD1  sing N N 404 
PHE CD2 CE2  doub Y N 405 
PHE CD2 HD2  sing N N 406 
PHE CE1 CZ   doub Y N 407 
PHE CE1 HE1  sing N N 408 
PHE CE2 CZ   sing Y N 409 
PHE CE2 HE2  sing N N 410 
PHE CZ  HZ   sing N N 411 
PHE OXT HXT  sing N N 412 
PRO N   CA   sing N N 413 
PRO N   CD   sing N N 414 
PRO N   H    sing N N 415 
PRO CA  C    sing N N 416 
PRO CA  CB   sing N N 417 
PRO CA  HA   sing N N 418 
PRO C   O    doub N N 419 
PRO C   OXT  sing N N 420 
PRO CB  CG   sing N N 421 
PRO CB  HB2  sing N N 422 
PRO CB  HB3  sing N N 423 
PRO CG  CD   sing N N 424 
PRO CG  HG2  sing N N 425 
PRO CG  HG3  sing N N 426 
PRO CD  HD2  sing N N 427 
PRO CD  HD3  sing N N 428 
PRO OXT HXT  sing N N 429 
SER N   CA   sing N N 430 
SER N   H    sing N N 431 
SER N   H2   sing N N 432 
SER CA  C    sing N N 433 
SER CA  CB   sing N N 434 
SER CA  HA   sing N N 435 
SER C   O    doub N N 436 
SER C   OXT  sing N N 437 
SER CB  OG   sing N N 438 
SER CB  HB2  sing N N 439 
SER CB  HB3  sing N N 440 
SER OG  HG   sing N N 441 
SER OXT HXT  sing N N 442 
THR N   CA   sing N N 443 
THR N   H    sing N N 444 
THR N   H2   sing N N 445 
THR CA  C    sing N N 446 
THR CA  CB   sing N N 447 
THR CA  HA   sing N N 448 
THR C   O    doub N N 449 
THR C   OXT  sing N N 450 
THR CB  OG1  sing N N 451 
THR CB  CG2  sing N N 452 
THR CB  HB   sing N N 453 
THR OG1 HG1  sing N N 454 
THR CG2 HG21 sing N N 455 
THR CG2 HG22 sing N N 456 
THR CG2 HG23 sing N N 457 
THR OXT HXT  sing N N 458 
TRP N   CA   sing N N 459 
TRP N   H    sing N N 460 
TRP N   H2   sing N N 461 
TRP CA  C    sing N N 462 
TRP CA  CB   sing N N 463 
TRP CA  HA   sing N N 464 
TRP C   O    doub N N 465 
TRP C   OXT  sing N N 466 
TRP CB  CG   sing N N 467 
TRP CB  HB2  sing N N 468 
TRP CB  HB3  sing N N 469 
TRP CG  CD1  doub Y N 470 
TRP CG  CD2  sing Y N 471 
TRP CD1 NE1  sing Y N 472 
TRP CD1 HD1  sing N N 473 
TRP CD2 CE2  doub Y N 474 
TRP CD2 CE3  sing Y N 475 
TRP NE1 CE2  sing Y N 476 
TRP NE1 HE1  sing N N 477 
TRP CE2 CZ2  sing Y N 478 
TRP CE3 CZ3  doub Y N 479 
TRP CE3 HE3  sing N N 480 
TRP CZ2 CH2  doub Y N 481 
TRP CZ2 HZ2  sing N N 482 
TRP CZ3 CH2  sing Y N 483 
TRP CZ3 HZ3  sing N N 484 
TRP CH2 HH2  sing N N 485 
TRP OXT HXT  sing N N 486 
TYR N   CA   sing N N 487 
TYR N   H    sing N N 488 
TYR N   H2   sing N N 489 
TYR CA  C    sing N N 490 
TYR CA  CB   sing N N 491 
TYR CA  HA   sing N N 492 
TYR C   O    doub N N 493 
TYR C   OXT  sing N N 494 
TYR CB  CG   sing N N 495 
TYR CB  HB2  sing N N 496 
TYR CB  HB3  sing N N 497 
TYR CG  CD1  doub Y N 498 
TYR CG  CD2  sing Y N 499 
TYR CD1 CE1  sing Y N 500 
TYR CD1 HD1  sing N N 501 
TYR CD2 CE2  doub Y N 502 
TYR CD2 HD2  sing N N 503 
TYR CE1 CZ   doub Y N 504 
TYR CE1 HE1  sing N N 505 
TYR CE2 CZ   sing Y N 506 
TYR CE2 HE2  sing N N 507 
TYR CZ  OH   sing N N 508 
TYR OH  HH   sing N N 509 
TYR OXT HXT  sing N N 510 
VAL N   CA   sing N N 511 
VAL N   H    sing N N 512 
VAL N   H2   sing N N 513 
VAL CA  C    sing N N 514 
VAL CA  CB   sing N N 515 
VAL CA  HA   sing N N 516 
VAL C   O    doub N N 517 
VAL C   OXT  sing N N 518 
VAL CB  CG1  sing N N 519 
VAL CB  CG2  sing N N 520 
VAL CB  HB   sing N N 521 
VAL CG1 HG11 sing N N 522 
VAL CG1 HG12 sing N N 523 
VAL CG1 HG13 sing N N 524 
VAL CG2 HG21 sing N N 525 
VAL CG2 HG22 sing N N 526 
VAL CG2 HG23 sing N N 527 
VAL OXT HXT  sing N N 528 
# 
loop_
_pdbx_audit_support.funding_organization 
_pdbx_audit_support.country 
_pdbx_audit_support.grant_number 
_pdbx_audit_support.ordinal 
'Medical Research Council (MRC, United Kingdom)' 'United Kingdom' MR/N000994/1 1 
'Medical Research Council (MRC, United Kingdom)' 'United Kingdom' MR/V000616/1 2 
# 
_pdbx_entity_instance_feature.ordinal        1 
_pdbx_entity_instance_feature.comp_id        IG7 
_pdbx_entity_instance_feature.asym_id        ? 
_pdbx_entity_instance_feature.seq_num        ? 
_pdbx_entity_instance_feature.auth_comp_id   IG7 
_pdbx_entity_instance_feature.auth_asym_id   ? 
_pdbx_entity_instance_feature.auth_seq_num   ? 
_pdbx_entity_instance_feature.feature_type   'SUBJECT OF INVESTIGATION' 
_pdbx_entity_instance_feature.details        ? 
# 
_pdbx_initial_refinement_model.id               1 
_pdbx_initial_refinement_model.entity_id_list   ? 
_pdbx_initial_refinement_model.type             'experimental model' 
_pdbx_initial_refinement_model.source_name      PDB 
_pdbx_initial_refinement_model.accession_code   1UA8 
_pdbx_initial_refinement_model.details          ? 
# 
_atom_sites.entry_id                    7Z6W 
_atom_sites.Cartn_transf_matrix[1][1]   ? 
_atom_sites.Cartn_transf_matrix[1][2]   ? 
_atom_sites.Cartn_transf_matrix[1][3]   ? 
_atom_sites.Cartn_transf_matrix[2][1]   ? 
_atom_sites.Cartn_transf_matrix[2][2]   ? 
_atom_sites.Cartn_transf_matrix[2][3]   ? 
_atom_sites.Cartn_transf_matrix[3][1]   ? 
_atom_sites.Cartn_transf_matrix[3][2]   ? 
_atom_sites.Cartn_transf_matrix[3][3]   ? 
_atom_sites.Cartn_transf_vector[1]      ? 
_atom_sites.Cartn_transf_vector[2]      ? 
_atom_sites.Cartn_transf_vector[3]      ? 
_atom_sites.fract_transf_matrix[1][1]   0.00948716 
_atom_sites.fract_transf_matrix[1][2]   -0.00302761 
_atom_sites.fract_transf_matrix[1][3]   0.00465075 
_atom_sites.fract_transf_matrix[2][1]   0.00509679 
_atom_sites.fract_transf_matrix[2][2]   0.00839735 
_atom_sites.fract_transf_matrix[2][3]   -0.00493044 
_atom_sites.fract_transf_matrix[3][1]   -0.00419931 
_atom_sites.fract_transf_matrix[3][2]   0.01226724 
_atom_sites.fract_transf_matrix[3][3]   0.01655214 
_atom_sites.fract_transf_vector[1]      0.093692 
_atom_sites.fract_transf_vector[2]      0.243416 
_atom_sites.fract_transf_vector[3]      -0.007030 
_atom_sites.solution_primary            ? 
_atom_sites.solution_secondary          ? 
_atom_sites.solution_hydrogens          ? 
_atom_sites.special_details             ? 
# 
loop_
_atom_type.symbol 
C 
N 
O 
S 
# 
loop_
_atom_site.group_PDB 
_atom_site.id 
_atom_site.type_symbol 
_atom_site.label_atom_id 
_atom_site.label_alt_id 
_atom_site.label_comp_id 
_atom_site.label_asym_id 
_atom_site.label_entity_id 
_atom_site.label_seq_id 
_atom_site.pdbx_PDB_ins_code 
_atom_site.Cartn_x 
_atom_site.Cartn_y 
_atom_site.Cartn_z 
_atom_site.occupancy 
_atom_site.B_iso_or_equiv 
_atom_site.pdbx_formal_charge 
_atom_site.auth_seq_id 
_atom_site.auth_comp_id 
_atom_site.auth_asym_id 
_atom_site.auth_atom_id 
_atom_site.pdbx_PDB_model_num 
ATOM   1    N N   . ASP A 1 1   ? -14.059 9.674   18.234  1.00 35.60 ? 1   ASP A N   1 
ATOM   2    C CA  . ASP A 1 1   ? -13.898 8.214   18.333  1.00 35.41 ? 1   ASP A CA  1 
ATOM   3    C C   . ASP A 1 1   ? -12.624 7.840   17.564  1.00 33.34 ? 1   ASP A C   1 
ATOM   4    O O   . ASP A 1 1   ? -12.008 8.744   16.986  1.00 31.43 ? 1   ASP A O   1 
ATOM   5    C CB  . ASP A 1 1   ? -15.168 7.506   17.849  1.00 37.86 ? 1   ASP A CB  1 
ATOM   6    C CG  . ASP A 1 1   ? -15.416 7.544   16.353  1.00 41.89 ? 1   ASP A CG  1 
ATOM   7    O OD1 . ASP A 1 1   ? -16.074 6.626   15.878  1.00 47.91 ? 1   ASP A OD1 1 
ATOM   8    O OD2 . ASP A 1 1   ? -14.980 8.495   15.677  1.00 47.19 ? 1   ASP A OD2 1 
ATOM   9    N N   . ALA A 1 2   ? -12.243 6.564   17.547  1.00 28.99 ? 2   ALA A N   1 
ATOM   10   C CA  . ALA A 1 2   ? -10.999 6.100   16.891  1.00 27.95 ? 2   ALA A CA  1 
ATOM   11   C C   . ALA A 1 2   ? -11.033 6.499   15.410  1.00 24.06 ? 2   ALA A C   1 
ATOM   12   O O   . ALA A 1 2   ? -10.055 7.074   14.925  1.00 26.43 ? 2   ALA A O   1 
ATOM   13   C CB  . ALA A 1 2   ? -10.840 4.616   17.100  1.00 27.92 ? 2   ALA A CB  1 
ATOM   14   N N   . ALA A 1 3   ? -12.141 6.249   14.721  1.00 26.87 ? 3   ALA A N   1 
ATOM   15   C CA  . ALA A 1 3   ? -12.294 6.514   13.275  1.00 27.18 ? 3   ALA A CA  1 
ATOM   16   C C   . ALA A 1 3   ? -12.046 7.991   12.984  1.00 29.19 ? 3   ALA A C   1 
ATOM   17   O O   . ALA A 1 3   ? -11.314 8.292   12.035  1.00 26.18 ? 3   ALA A O   1 
ATOM   18   C CB  . ALA A 1 3   ? -13.661 6.102   12.785  1.00 30.07 ? 3   ALA A CB  1 
ATOM   19   N N   . SER A 1 4   ? -12.725 8.886   13.711  1.00 30.79 ? 4   SER A N   1 
ATOM   20   C CA  . SER A 1 4   ? -12.655 10.345  13.450  1.00 32.31 ? 4   SER A CA  1 
ATOM   21   C C   . SER A 1 4   ? -11.224 10.793  13.720  1.00 29.81 ? 4   SER A C   1 
ATOM   22   O O   . SER A 1 4   ? -10.723 11.606  12.954  1.00 30.67 ? 4   SER A O   1 
ATOM   23   C CB  . SER A 1 4   ? -13.638 11.139  14.281  1.00 32.24 ? 4   SER A CB  1 
ATOM   24   O OG  . SER A 1 4   ? -13.330 10.957  15.653  1.00 39.43 ? 4   SER A OG  1 
ATOM   25   N N   . ASP A 1 5   ? -10.607 10.238  14.765  1.00 26.34 ? 5   ASP A N   1 
ATOM   26   C CA  . ASP A 1 5   ? -9.247  10.622  15.187  1.00 29.63 ? 5   ASP A CA  1 
ATOM   27   C C   . ASP A 1 5   ? -8.265  10.191  14.087  1.00 28.96 ? 5   ASP A C   1 
ATOM   28   O O   . ASP A 1 5   ? -7.475  11.034  13.611  1.00 26.83 ? 5   ASP A O   1 
ATOM   29   C CB  . ASP A 1 5   ? -8.854  10.001  16.521  1.00 30.71 ? 5   ASP A CB  1 
ATOM   30   C CG  . ASP A 1 5   ? -7.637  10.698  17.092  1.00 38.98 ? 5   ASP A CG  1 
ATOM   31   O OD1 . ASP A 1 5   ? -7.131  11.630  16.418  1.00 48.82 ? 5   ASP A OD1 1 
ATOM   32   O OD2 . ASP A 1 5   ? -7.226  10.353  18.218  1.00 47.33 ? 5   ASP A OD2 1 
ATOM   33   N N   . LEU A 1 6   ? -8.363  8.931   13.657  1.00 26.76 ? 6   LEU A N   1 
ATOM   34   C CA  . LEU A 1 6   ? -7.526  8.428   12.543  1.00 22.08 ? 6   LEU A CA  1 
ATOM   35   C C   . LEU A 1 6   ? -7.735  9.287   11.281  1.00 21.79 ? 6   LEU A C   1 
ATOM   36   O O   . LEU A 1 6   ? -6.738  9.777   10.732  1.00 19.74 ? 6   LEU A O   1 
ATOM   37   C CB  . LEU A 1 6   ? -7.820  6.948   12.298  1.00 21.50 ? 6   LEU A CB  1 
ATOM   38   C CG  . LEU A 1 6   ? -6.992  6.338   11.173  1.00 20.51 ? 6   LEU A CG  1 
ATOM   39   C CD1 . LEU A 1 6   ? -5.504  6.580   11.416  1.00 20.21 ? 6   LEU A CD1 1 
ATOM   40   C CD2 . LEU A 1 6   ? -7.293  4.866   11.051  1.00 20.36 ? 6   LEU A CD2 1 
ATOM   41   N N   . LYS A 1 7   ? -8.971  9.503   10.833  1.00 25.43 ? 7   LYS A N   1 
ATOM   42   C CA  . LYS A 1 7   ? -9.210  10.336  9.614   1.00 27.58 ? 7   LYS A CA  1 
ATOM   43   C C   . LYS A 1 7   ? -8.645  11.739  9.841   1.00 28.37 ? 7   LYS A C   1 
ATOM   44   O O   . LYS A 1 7   ? -7.975  12.255  8.918   1.00 23.52 ? 7   LYS A O   1 
ATOM   45   C CB  . LYS A 1 7   ? -10.699 10.395  9.272   1.00 33.34 ? 7   LYS A CB  1 
ATOM   46   C CG  . LYS A 1 7   ? -11.047 11.077  7.951   1.00 38.13 ? 7   LYS A CG  1 
ATOM   47   C CD  . LYS A 1 7   ? -12.547 11.062  7.671   1.00 41.66 ? 7   LYS A CD  1 
ATOM   48   C CE  . LYS A 1 7   ? -13.053 12.079  6.660   1.00 43.12 ? 7   LYS A CE  1 
ATOM   49   N NZ  . LYS A 1 7   ? -11.969 12.799  5.955   1.00 46.77 ? 7   LYS A NZ  1 
ATOM   50   N N   . SER A 1 8   ? -8.873  12.333  11.022  1.00 29.29 ? 8   SER A N   1 
ATOM   51   C CA  . SER A 1 8   ? -8.356  13.697  11.310  1.00 33.09 ? 8   SER A CA  1 
ATOM   52   C C   . SER A 1 8   ? -6.831  13.717  11.122  1.00 30.84 ? 8   SER A C   1 
ATOM   53   O O   . SER A 1 8   ? -6.335  14.676  10.522  1.00 29.92 ? 8   SER A O   1 
ATOM   54   C CB  . SER A 1 8   ? -8.800  14.234  12.670  1.00 35.61 ? 8   SER A CB  1 
ATOM   55   O OG  . SER A 1 8   ? -7.864  13.927  13.693  1.00 43.57 ? 8   SER A OG  1 
ATOM   56   N N   . ARG A 1 9   ? -6.108  12.680  11.558  1.00 26.12 ? 9   ARG A N   1 
ATOM   57   C CA  . ARG A 1 9   ? -4.635  12.627  11.417  1.00 25.96 ? 9   ARG A CA  1 
ATOM   58   C C   . ARG A 1 9   ? -4.226  12.464  9.957   1.00 26.16 ? 9   ARG A C   1 
ATOM   59   O O   . ARG A 1 9   ? -3.317  13.190  9.532   1.00 30.28 ? 9   ARG A O   1 
ATOM   60   C CB  . ARG A 1 9   ? -4.060  11.489  12.247  1.00 23.67 ? 9   ARG A CB  1 
ATOM   61   C CG  . ARG A 1 9   ? -4.252  11.728  13.725  1.00 26.89 ? 9   ARG A CG  1 
ATOM   62   C CD  . ARG A 1 9   ? -3.782  10.573  14.568  1.00 25.49 ? 9   ARG A CD  1 
ATOM   63   N NE  . ARG A 1 9   ? -4.293  10.748  15.914  1.00 24.72 ? 9   ARG A NE  1 
ATOM   64   C CZ  . ARG A 1 9   ? -3.669  10.360  17.011  1.00 25.15 ? 9   ARG A CZ  1 
ATOM   65   N NH1 . ARG A 1 9   ? -2.459  9.822   16.970  1.00 26.25 ? 9   ARG A NH1 1 
ATOM   66   N NH2 . ARG A 1 9   ? -4.250  10.562  18.173  1.00 27.43 ? 9   ARG A NH2 1 
ATOM   67   N N   . LEU A 1 10  ? -4.813  11.519  9.238   1.00 25.04 ? 10  LEU A N   1 
ATOM   68   C CA  . LEU A 1 10  ? -4.390  11.242  7.840   1.00 28.56 ? 10  LEU A CA  1 
ATOM   69   C C   . LEU A 1 10  ? -4.712  12.457  6.966   1.00 30.78 ? 10  LEU A C   1 
ATOM   70   O O   . LEU A 1 10  ? -3.935  12.712  6.021   1.00 30.88 ? 10  LEU A O   1 
ATOM   71   C CB  . LEU A 1 10  ? -5.076  9.972   7.342   1.00 26.25 ? 10  LEU A CB  1 
ATOM   72   C CG  . LEU A 1 10  ? -4.613  8.699   8.054   1.00 26.78 ? 10  LEU A CG  1 
ATOM   73   C CD1 . LEU A 1 10  ? -5.379  7.492   7.558   1.00 27.26 ? 10  LEU A CD1 1 
ATOM   74   C CD2 . LEU A 1 10  ? -3.119  8.493   7.895   1.00 29.49 ? 10  LEU A CD2 1 
ATOM   75   N N   . ASP A 1 11  ? -5.781  13.187  7.323   1.00 35.58 ? 11  ASP A N   1 
ATOM   76   C CA  . ASP A 1 11  ? -6.265  14.414  6.630   1.00 35.55 ? 11  ASP A CA  1 
ATOM   77   C C   . ASP A 1 11  ? -5.170  15.471  6.608   1.00 35.18 ? 11  ASP A C   1 
ATOM   78   O O   . ASP A 1 11  ? -5.221  16.320  5.725   1.00 36.94 ? 11  ASP A O   1 
ATOM   79   C CB  . ASP A 1 11  ? -7.525  14.990  7.282   1.00 38.24 ? 11  ASP A CB  1 
ATOM   80   C CG  . ASP A 1 11  ? -8.814  14.414  6.740   1.00 40.63 ? 11  ASP A CG  1 
ATOM   81   O OD1 . ASP A 1 11  ? -9.858  14.675  7.352   1.00 45.92 ? 11  ASP A OD1 1 
ATOM   82   O OD2 . ASP A 1 11  ? -8.760  13.707  5.724   1.00 37.69 ? 11  ASP A OD2 1 
ATOM   83   N N   . LYS A 1 12  ? -4.199  15.409  7.517   1.00 33.50 ? 12  LYS A N   1 
ATOM   84   C CA  . LYS A 1 12  ? -3.131  16.430  7.627   1.00 35.72 ? 12  LYS A CA  1 
ATOM   85   C C   . LYS A 1 12  ? -2.075  16.261  6.521   1.00 38.84 ? 12  LYS A C   1 
ATOM   86   O O   . LYS A 1 12  ? -1.300  17.197  6.324   1.00 35.83 ? 12  LYS A O   1 
ATOM   87   C CB  . LYS A 1 12  ? -2.512  16.371  9.022   1.00 34.80 ? 12  LYS A CB  1 
ATOM   88   C CG  . LYS A 1 12  ? -3.396  16.926  10.132  1.00 36.52 ? 12  LYS A CG  1 
ATOM   89   C CD  . LYS A 1 12  ? -2.723  16.875  11.474  1.00 38.83 ? 12  LYS A CD  1 
ATOM   90   C CE  . LYS A 1 12  ? -3.388  17.733  12.527  1.00 41.73 ? 12  LYS A CE  1 
ATOM   91   N NZ  . LYS A 1 12  ? -4.803  17.370  12.685  1.00 45.30 ? 12  LYS A NZ  1 
ATOM   92   N N   . VAL A 1 13  ? -2.037  15.125  5.829   1.00 35.00 ? 13  VAL A N   1 
ATOM   93   C CA  . VAL A 1 13  ? -0.934  14.780  4.887   1.00 33.43 ? 13  VAL A CA  1 
ATOM   94   C C   . VAL A 1 13  ? -1.513  14.605  3.501   1.00 30.94 ? 13  VAL A C   1 
ATOM   95   O O   . VAL A 1 13  ? -2.558  13.994  3.388   1.00 28.13 ? 13  VAL A O   1 
ATOM   96   C CB  . VAL A 1 13  ? -0.220  13.493  5.323   1.00 38.18 ? 13  VAL A CB  1 
ATOM   97   C CG1 . VAL A 1 13  ? 1.023   13.233  4.479   1.00 39.27 ? 13  VAL A CG1 1 
ATOM   98   C CG2 . VAL A 1 13  ? 0.142   13.547  6.791   1.00 41.88 ? 13  VAL A CG2 1 
ATOM   99   N N   . SER A 1 14  ? -0.831  15.106  2.485   1.00 29.68 ? 14  SER A N   1 
ATOM   100  C CA  . SER A 1 14  ? -1.305  15.016  1.082   1.00 31.73 ? 14  SER A CA  1 
ATOM   101  C C   . SER A 1 14  ? -0.308  14.247  0.231   1.00 25.99 ? 14  SER A C   1 
ATOM   102  O O   . SER A 1 14  ? -0.740  13.598  -0.727  1.00 31.49 ? 14  SER A O   1 
ATOM   103  C CB  . SER A 1 14  ? -1.550  16.364  0.474   1.00 36.62 ? 14  SER A CB  1 
ATOM   104  O OG  . SER A 1 14  ? -2.936  16.571  0.335   1.00 46.29 ? 14  SER A OG  1 
ATOM   105  N N   . SER A 1 15  ? 0.970   14.429  0.503   1.00 27.54 ? 15  SER A N   1 
ATOM   106  C CA  . SER A 1 15  ? 2.071   13.745  -0.219  1.00 28.48 ? 15  SER A CA  1 
ATOM   107  C C   . SER A 1 15  ? 3.253   13.579  0.731   1.00 26.78 ? 15  SER A C   1 
ATOM   108  O O   . SER A 1 15  ? 3.423   14.413  1.634   1.00 28.97 ? 15  SER A O   1 
ATOM   109  C CB  . SER A 1 15  ? 2.437   14.475  -1.494  1.00 26.24 ? 15  SER A CB  1 
ATOM   110  O OG  . SER A 1 15  ? 3.096   15.681  -1.179  1.00 31.74 ? 15  SER A OG  1 
ATOM   111  N N   . PHE A 1 16  ? 4.078   12.558  0.511   1.00 25.99 ? 16  PHE A N   1 
ATOM   112  C CA  . PHE A 1 16  ? 5.356   12.406  1.245   1.00 24.15 ? 16  PHE A CA  1 
ATOM   113  C C   . PHE A 1 16  ? 6.261   11.404  0.543   1.00 26.26 ? 16  PHE A C   1 
ATOM   114  O O   . PHE A 1 16  ? 5.799   10.597  -0.307  1.00 25.05 ? 16  PHE A O   1 
ATOM   115  C CB  . PHE A 1 16  ? 5.099   12.036  2.713   1.00 24.89 ? 16  PHE A CB  1 
ATOM   116  C CG  . PHE A 1 16  ? 4.520   10.660  2.958   1.00 24.22 ? 16  PHE A CG  1 
ATOM   117  C CD1 . PHE A 1 16  ? 5.320   9.525   2.929   1.00 25.53 ? 16  PHE A CD1 1 
ATOM   118  C CD2 . PHE A 1 16  ? 3.166   10.508  3.244   1.00 30.10 ? 16  PHE A CD2 1 
ATOM   119  C CE1 . PHE A 1 16  ? 4.781   8.269   3.171   1.00 25.56 ? 16  PHE A CE1 1 
ATOM   120  C CE2 . PHE A 1 16  ? 2.623   9.251   3.494   1.00 29.12 ? 16  PHE A CE2 1 
ATOM   121  C CZ  . PHE A 1 16  ? 3.435   8.129   3.470   1.00 26.39 ? 16  PHE A CZ  1 
ATOM   122  N N   . HIS A 1 17  ? 7.539   11.510  0.885   1.00 25.48 ? 17  HIS A N   1 
ATOM   123  C CA  . HIS A 1 17  ? 8.560   10.463  0.696   1.00 25.00 ? 17  HIS A CA  1 
ATOM   124  C C   . HIS A 1 17  ? 8.871   9.900   2.074   1.00 26.00 ? 17  HIS A C   1 
ATOM   125  O O   . HIS A 1 17  ? 8.927   10.701  3.060   1.00 24.97 ? 17  HIS A O   1 
ATOM   126  C CB  . HIS A 1 17  ? 9.825   10.993  0.020   1.00 26.21 ? 17  HIS A CB  1 
ATOM   127  C CG  . HIS A 1 17  ? 10.914  9.981   0.078   1.00 29.78 ? 17  HIS A CG  1 
ATOM   128  N ND1 . HIS A 1 17  ? 11.848  9.954   1.094   1.00 31.89 ? 17  HIS A ND1 1 
ATOM   129  C CD2 . HIS A 1 17  ? 11.148  8.887   -0.664  1.00 30.06 ? 17  HIS A CD2 1 
ATOM   130  C CE1 . HIS A 1 17  ? 12.644  8.921   0.931   1.00 31.64 ? 17  HIS A CE1 1 
ATOM   131  N NE2 . HIS A 1 17  ? 12.232  8.251   -0.138  1.00 30.85 ? 17  HIS A NE2 1 
ATOM   132  N N   . ALA A 1 18  ? 9.079   8.586   2.175   1.00 23.05 ? 18  ALA A N   1 
ATOM   133  C CA  . ALA A 1 18  ? 9.572   7.943   3.412   1.00 20.12 ? 18  ALA A CA  1 
ATOM   134  C C   . ALA A 1 18  ? 10.448  6.765   3.017   1.00 21.97 ? 18  ALA A C   1 
ATOM   135  O O   . ALA A 1 18  ? 10.278  6.192   1.905   1.00 20.87 ? 18  ALA A O   1 
ATOM   136  C CB  . ALA A 1 18  ? 8.420   7.542   4.313   1.00 20.08 ? 18  ALA A CB  1 
ATOM   137  N N   . SER A 1 19  ? 11.409  6.429   3.851   1.00 22.39 ? 19  SER A N   1 
ATOM   138  C CA  . SER A 1 19  ? 12.110  5.138   3.692   1.00 23.37 ? 19  SER A CA  1 
ATOM   139  C C   . SER A 1 19  ? 11.343  4.113   4.536   1.00 20.54 ? 19  SER A C   1 
ATOM   140  O O   . SER A 1 19  ? 10.669  4.476   5.505   1.00 21.13 ? 19  SER A O   1 
ATOM   141  C CB  . SER A 1 19  ? 13.558  5.266   4.067   1.00 27.31 ? 19  SER A CB  1 
ATOM   142  O OG  . SER A 1 19  ? 13.599  5.723   5.390   1.00 34.73 ? 19  SER A OG  1 
ATOM   143  N N   . PHE A 1 20  ? 11.394  2.852   4.157   1.00 19.99 ? 20  PHE A N   1 
ATOM   144  C CA  . PHE A 1 20  ? 10.705  1.801   4.916   1.00 17.82 ? 20  PHE A CA  1 
ATOM   145  C C   . PHE A 1 20  ? 11.643  0.640   5.158   1.00 16.24 ? 20  PHE A C   1 
ATOM   146  O O   . PHE A 1 20  ? 12.567  0.355   4.388   1.00 15.85 ? 20  PHE A O   1 
ATOM   147  C CB  . PHE A 1 20  ? 9.421   1.319   4.233   1.00 18.12 ? 20  PHE A CB  1 
ATOM   148  C CG  . PHE A 1 20  ? 9.605   0.549   2.952   1.00 19.17 ? 20  PHE A CG  1 
ATOM   149  C CD1 . PHE A 1 20  ? 9.872   -0.816  2.960   1.00 22.30 ? 20  PHE A CD1 1 
ATOM   150  C CD2 . PHE A 1 20  ? 9.466   1.184   1.732   1.00 21.34 ? 20  PHE A CD2 1 
ATOM   151  C CE1 . PHE A 1 20  ? 10.072  -1.511  1.771   1.00 21.39 ? 20  PHE A CE1 1 
ATOM   152  C CE2 . PHE A 1 20  ? 9.618   0.484   0.545   1.00 23.37 ? 20  PHE A CE2 1 
ATOM   153  C CZ  . PHE A 1 20  ? 9.929   -0.862  0.563   1.00 24.78 ? 20  PHE A CZ  1 
ATOM   154  N N   . THR A 1 21  ? 11.310  -0.052  6.229   1.00 18.25 ? 21  THR A N   1 
ATOM   155  C CA  . THR A 1 21  ? 11.771  -1.398  6.535   1.00 18.39 ? 21  THR A CA  1 
ATOM   156  C C   . THR A 1 21  ? 10.550  -2.310  6.555   1.00 18.62 ? 21  THR A C   1 
ATOM   157  O O   . THR A 1 21  ? 9.542   -1.929  7.131   1.00 19.58 ? 21  THR A O   1 
ATOM   158  C CB  . THR A 1 21  ? 12.498  -1.447  7.867   1.00 19.92 ? 21  THR A CB  1 
ATOM   159  O OG1 . THR A 1 21  ? 13.519  -0.461  7.753   1.00 21.93 ? 21  THR A OG1 1 
ATOM   160  C CG2 . THR A 1 21  ? 13.075  -2.821  8.100   1.00 18.93 ? 21  THR A CG2 1 
ATOM   161  N N   . GLN A 1 22  ? 10.662  -3.464  5.911   1.00 20.62 ? 22  GLN A N   1 
ATOM   162  C CA  . GLN A 1 22  ? 9.561   -4.447  5.850   1.00 21.00 ? 22  GLN A CA  1 
ATOM   163  C C   . GLN A 1 22  ? 9.945   -5.633  6.715   1.00 22.57 ? 22  GLN A C   1 
ATOM   164  O O   . GLN A 1 22  ? 11.084  -6.072  6.620   1.00 22.57 ? 22  GLN A O   1 
ATOM   165  C CB  . GLN A 1 22  ? 9.332   -4.858  4.406   1.00 23.41 ? 22  GLN A CB  1 
ATOM   166  C CG  . GLN A 1 22  ? 8.308   -5.967  4.265   1.00 24.89 ? 22  GLN A CG  1 
ATOM   167  C CD  . GLN A 1 22  ? 8.564   -6.738  3.003   1.00 29.23 ? 22  GLN A CD  1 
ATOM   168  O OE1 . GLN A 1 22  ? 9.574   -7.440  2.888   1.00 27.83 ? 22  GLN A OE1 1 
ATOM   169  N NE2 . GLN A 1 22  ? 7.651   -6.584  2.048   1.00 28.68 ? 22  GLN A NE2 1 
ATOM   170  N N   . LYS A 1 23  ? 8.988   -6.152  7.478   1.00 21.91 ? 23  LYS A N   1 
ATOM   171  C CA  . LYS A 1 23  ? 9.119   -7.435  8.192   1.00 22.71 ? 23  LYS A CA  1 
ATOM   172  C C   . LYS A 1 23  ? 7.864   -8.254  7.883   1.00 23.70 ? 23  LYS A C   1 
ATOM   173  O O   . LYS A 1 23  ? 6.743   -7.737  8.142   1.00 19.48 ? 23  LYS A O   1 
ATOM   174  C CB  . LYS A 1 23  ? 9.254   -7.227  9.696   1.00 24.76 ? 23  LYS A CB  1 
ATOM   175  C CG  . LYS A 1 23  ? 9.697   -8.493  10.424  1.00 27.86 ? 23  LYS A CG  1 
ATOM   176  C CD  . LYS A 1 23  ? 8.935   -8.864  11.661  1.00 34.99 ? 23  LYS A CD  1 
ATOM   177  C CE  . LYS A 1 23  ? 8.947   -7.862  12.785  1.00 33.68 ? 23  LYS A CE  1 
ATOM   178  N NZ  . LYS A 1 23  ? 9.265   -8.522  14.076  1.00 35.68 ? 23  LYS A NZ  1 
ATOM   179  N N   . VAL A 1 24  ? 8.032   -9.445  7.317   1.00 20.84 ? 24  VAL A N   1 
ATOM   180  C CA  . VAL A 1 24  ? 6.915   -10.401 7.120   1.00 20.56 ? 24  VAL A CA  1 
ATOM   181  C C   . VAL A 1 24  ? 7.075   -11.490 8.187   1.00 22.15 ? 24  VAL A C   1 
ATOM   182  O O   . VAL A 1 24  ? 8.185   -12.092 8.294   1.00 20.47 ? 24  VAL A O   1 
ATOM   183  C CB  . VAL A 1 24  ? 6.866   -10.958 5.690   1.00 22.16 ? 24  VAL A CB  1 
ATOM   184  C CG1 . VAL A 1 24  ? 5.680   -11.898 5.523   1.00 20.23 ? 24  VAL A CG1 1 
ATOM   185  C CG2 . VAL A 1 24  ? 6.825   -9.835  4.659   1.00 21.75 ? 24  VAL A CG2 1 
ATOM   186  N N   . THR A 1 25  ? 6.042   -11.691 8.994   1.00 20.74 ? 25  THR A N   1 
ATOM   187  C CA  . THR A 1 25  ? 6.034   -12.687 10.095  1.00 23.96 ? 25  THR A CA  1 
ATOM   188  C C   . THR A 1 25  ? 4.947   -13.712 9.775   1.00 24.33 ? 25  THR A C   1 
ATOM   189  O O   . THR A 1 25  ? 3.818   -13.280 9.484   1.00 24.81 ? 25  THR A O   1 
ATOM   190  C CB  . THR A 1 25  ? 5.828   -12.005 11.457  1.00 25.91 ? 25  THR A CB  1 
ATOM   191  O OG1 . THR A 1 25  ? 6.666   -10.852 11.598  1.00 28.23 ? 25  THR A OG1 1 
ATOM   192  C CG2 . THR A 1 25  ? 6.149   -12.926 12.605  1.00 30.06 ? 25  THR A CG2 1 
ATOM   193  N N   . ASP A 1 26  ? 5.234   -15.009 9.828   1.00 24.17 ? 26  ASP A N   1 
ATOM   194  C CA  . ASP A 1 26  ? 4.136   -16.001 9.665   1.00 28.15 ? 26  ASP A CA  1 
ATOM   195  C C   . ASP A 1 26  ? 3.443   -16.197 11.039  1.00 27.15 ? 26  ASP A C   1 
ATOM   196  O O   . ASP A 1 26  ? 3.871   -15.620 12.055  1.00 27.06 ? 26  ASP A O   1 
ATOM   197  C CB  . ASP A 1 26  ? 4.630   -17.222 8.889   1.00 30.08 ? 26  ASP A CB  1 
ATOM   198  C CG  . ASP A 1 26  ? 5.676   -18.021 9.619   1.00 30.38 ? 26  ASP A CG  1 
ATOM   199  O OD1 . ASP A 1 26  ? 6.453   -18.655 8.924   1.00 40.65 ? 26  ASP A OD1 1 
ATOM   200  O OD2 . ASP A 1 26  ? 5.715   -17.953 10.867  1.00 38.31 ? 26  ASP A OD2 1 
ATOM   201  N N   . GLY A 1 27  ? 2.316   -16.885 11.089  1.00 37.25 ? 27  GLY A N   1 
ATOM   202  C CA  . GLY A 1 27  ? 1.564   -17.021 12.357  1.00 43.31 ? 27  GLY A CA  1 
ATOM   203  C C   . GLY A 1 27  ? 2.369   -17.811 13.384  1.00 49.94 ? 27  GLY A C   1 
ATOM   204  O O   . GLY A 1 27  ? 2.143   -17.582 14.614  1.00 47.43 ? 27  GLY A O   1 
ATOM   205  N N   . SER A 1 28  ? 3.257   -18.690 12.873  1.00 45.90 ? 28  SER A N   1 
ATOM   206  C CA  . SER A 1 28  ? 4.330   -19.421 13.600  1.00 44.32 ? 28  SER A CA  1 
ATOM   207  C C   . SER A 1 28  ? 5.231   -18.453 14.385  1.00 41.05 ? 28  SER A C   1 
ATOM   208  O O   . SER A 1 28  ? 5.857   -18.913 15.342  1.00 43.09 ? 28  SER A O   1 
ATOM   209  C CB  . SER A 1 28  ? 5.105   -20.367 12.649  1.00 41.28 ? 28  SER A CB  1 
ATOM   210  O OG  . SER A 1 28  ? 6.368   -19.865 12.197  1.00 36.11 ? 28  SER A OG  1 
ATOM   211  N N   . GLY A 1 29  ? 5.289   -17.163 14.034  1.00 36.90 ? 29  GLY A N   1 
ATOM   212  C CA  . GLY A 1 29  ? 6.107   -16.153 14.737  1.00 33.52 ? 29  GLY A CA  1 
ATOM   213  C C   . GLY A 1 29  ? 7.476   -15.948 14.104  1.00 34.09 ? 29  GLY A C   1 
ATOM   214  O O   . GLY A 1 29  ? 8.236   -15.095 14.592  1.00 40.02 ? 29  GLY A O   1 
ATOM   215  N N   . ALA A 1 30  ? 7.798   -16.664 13.033  1.00 29.20 ? 30  ALA A N   1 
ATOM   216  C CA  . ALA A 1 30  ? 9.093   -16.542 12.330  1.00 33.11 ? 30  ALA A CA  1 
ATOM   217  C C   . ALA A 1 30  ? 9.018   -15.306 11.431  1.00 36.33 ? 30  ALA A C   1 
ATOM   218  O O   . ALA A 1 30  ? 8.030   -15.177 10.676  1.00 27.93 ? 30  ALA A O   1 
ATOM   219  C CB  . ALA A 1 30  ? 9.395   -17.785 11.529  1.00 31.30 ? 30  ALA A CB  1 
ATOM   220  N N   . ALA A 1 31  ? 9.986   -14.400 11.552  1.00 35.89 ? 31  ALA A N   1 
ATOM   221  C CA  . ALA A 1 31  ? 10.171  -13.289 10.603  1.00 39.50 ? 31  ALA A CA  1 
ATOM   222  C C   . ALA A 1 31  ? 10.783  -13.924 9.355   1.00 40.68 ? 31  ALA A C   1 
ATOM   223  O O   . ALA A 1 31  ? 11.939  -14.284 9.434   1.00 51.26 ? 31  ALA A O   1 
ATOM   224  C CB  . ALA A 1 31  ? 11.039  -12.211 11.217  1.00 41.15 ? 31  ALA A CB  1 
ATOM   225  N N   . VAL A 1 32  ? 10.005  -14.104 8.287   1.00 38.84 ? 32  VAL A N   1 
ATOM   226  C CA  . VAL A 1 32  ? 10.335  -14.957 7.105   1.00 40.02 ? 32  VAL A CA  1 
ATOM   227  C C   . VAL A 1 32  ? 10.931  -14.079 6.005   1.00 41.22 ? 32  VAL A C   1 
ATOM   228  O O   . VAL A 1 32  ? 11.441  -14.627 5.009   1.00 37.65 ? 32  VAL A O   1 
ATOM   229  C CB  . VAL A 1 32  ? 9.105   -15.715 6.566   1.00 43.44 ? 32  VAL A CB  1 
ATOM   230  C CG1 . VAL A 1 32  ? 8.452   -16.570 7.643   1.00 47.13 ? 32  VAL A CG1 1 
ATOM   231  C CG2 . VAL A 1 32  ? 8.084   -14.797 5.908   1.00 41.80 ? 32  VAL A CG2 1 
ATOM   232  N N   . GLN A 1 33  ? 10.798  -12.762 6.138   1.00 35.86 ? 33  GLN A N   1 
ATOM   233  C CA  . GLN A 1 33  ? 11.364  -11.834 5.149   1.00 38.51 ? 33  GLN A CA  1 
ATOM   234  C C   . GLN A 1 33  ? 11.576  -10.476 5.806   1.00 37.92 ? 33  GLN A C   1 
ATOM   235  O O   . GLN A 1 33  ? 10.734  -10.098 6.641   1.00 28.06 ? 33  GLN A O   1 
ATOM   236  C CB  . GLN A 1 33  ? 10.430  -11.693 3.969   1.00 38.50 ? 33  GLN A CB  1 
ATOM   237  C CG  . GLN A 1 33  ? 10.872  -10.569 3.074   1.00 46.68 ? 33  GLN A CG  1 
ATOM   238  C CD  . GLN A 1 33  ? 10.244  -10.755 1.728   1.00 52.36 ? 33  GLN A CD  1 
ATOM   239  O OE1 . GLN A 1 33  ? 10.372  -11.826 1.144   1.00 51.67 ? 33  GLN A OE1 1 
ATOM   240  N NE2 . GLN A 1 33  ? 9.546   -9.727  1.254   1.00 51.88 ? 33  GLN A NE2 1 
ATOM   241  N N   . GLU A 1 34  ? 12.665  -9.800  5.435   1.00 36.91 ? 34  GLU A N   1 
ATOM   242  C CA  . GLU A 1 34  ? 12.943  -8.412  5.853   1.00 33.84 ? 34  GLU A CA  1 
ATOM   243  C C   . GLU A 1 34  ? 13.420  -7.696  4.606   1.00 33.16 ? 34  GLU A C   1 
ATOM   244  O O   . GLU A 1 34  ? 14.160  -8.323  3.813   1.00 34.04 ? 34  GLU A O   1 
ATOM   245  C CB  . GLU A 1 34  ? 13.940  -8.363  7.003   1.00 39.80 ? 34  GLU A CB  1 
ATOM   246  C CG  . GLU A 1 34  ? 13.676  -9.451  8.037   1.00 50.98 ? 34  GLU A CG  1 
ATOM   247  C CD  . GLU A 1 34  ? 13.710  -9.053  9.501   1.00 54.02 ? 34  GLU A CD  1 
ATOM   248  O OE1 . GLU A 1 34  ? 12.923  -9.639  10.291  1.00 57.74 ? 34  GLU A OE1 1 
ATOM   249  O OE2 . GLU A 1 34  ? 14.525  -8.181  9.846   1.00 60.33 ? 34  GLU A OE2 1 
ATOM   250  N N   . GLY A 1 35  ? 12.983  -6.458  4.389   1.00 25.07 ? 35  GLY A N   1 
ATOM   251  C CA  . GLY A 1 35  ? 13.461  -5.693  3.220   1.00 25.28 ? 35  GLY A CA  1 
ATOM   252  C C   . GLY A 1 35  ? 13.439  -4.227  3.530   1.00 21.76 ? 35  GLY A C   1 
ATOM   253  O O   . GLY A 1 35  ? 13.030  -3.853  4.653   1.00 20.10 ? 35  GLY A O   1 
ATOM   254  N N   . GLN A 1 36  ? 13.940  -3.442  2.607   1.00 21.67 ? 36  GLN A N   1 
ATOM   255  C CA  . GLN A 1 36  ? 13.970  -1.981  2.776   1.00 25.07 ? 36  GLN A CA  1 
ATOM   256  C C   . GLN A 1 36  ? 13.749  -1.330  1.429   1.00 24.91 ? 36  GLN A C   1 
ATOM   257  O O   . GLN A 1 36  ? 14.010  -1.968  0.388   1.00 25.72 ? 36  GLN A O   1 
ATOM   258  C CB  . GLN A 1 36  ? 15.279  -1.479  3.364   1.00 27.50 ? 36  GLN A CB  1 
ATOM   259  C CG  . GLN A 1 36  ? 16.502  -2.095  2.759   1.00 36.64 ? 36  GLN A CG  1 
ATOM   260  C CD  . GLN A 1 36  ? 17.697  -1.646  3.566   1.00 44.56 ? 36  GLN A CD  1 
ATOM   261  O OE1 . GLN A 1 36  ? 17.678  -1.717  4.794   1.00 47.39 ? 36  GLN A OE1 1 
ATOM   262  N NE2 . GLN A 1 36  ? 18.710  -1.121  2.888   1.00 44.50 ? 36  GLN A NE2 1 
ATOM   263  N N   . GLY A 1 37  ? 13.390  -0.064  1.474   1.00 23.73 ? 37  GLY A N   1 
ATOM   264  C CA  . GLY A 1 37  ? 13.254  0.713   0.249   1.00 24.81 ? 37  GLY A CA  1 
ATOM   265  C C   . GLY A 1 37  ? 12.692  2.086   0.512   1.00 23.29 ? 37  GLY A C   1 
ATOM   266  O O   . GLY A 1 37  ? 12.833  2.627   1.622   1.00 20.53 ? 37  GLY A O   1 
ATOM   267  N N   . ASP A 1 38  ? 12.070  2.636   -0.515  1.00 22.85 ? 38  ASP A N   1 
ATOM   268  C CA  . ASP A 1 38  ? 11.552  4.020   -0.499  1.00 24.05 ? 38  ASP A CA  1 
ATOM   269  C C   . ASP A 1 38  ? 10.110  3.970   -0.961  1.00 21.90 ? 38  ASP A C   1 
ATOM   270  O O   . ASP A 1 38  ? 9.814   3.165   -1.886  1.00 20.58 ? 38  ASP A O   1 
ATOM   271  C CB  . ASP A 1 38  ? 12.332  4.936   -1.438  1.00 26.84 ? 38  ASP A CB  1 
ATOM   272  C CG  . ASP A 1 38  ? 13.739  5.207   -0.942  1.00 33.49 ? 38  ASP A CG  1 
ATOM   273  O OD1 . ASP A 1 38  ? 14.649  4.536   -1.434  1.00 35.73 ? 38  ASP A OD1 1 
ATOM   274  O OD2 . ASP A 1 38  ? 13.900  6.081   -0.063  1.00 35.40 ? 38  ASP A OD2 1 
ATOM   275  N N   . LEU A 1 39  ? 9.298   4.857   -0.384  1.00 21.40 ? 39  LEU A N   1 
ATOM   276  C CA  . LEU A 1 39  ? 7.868   5.057   -0.731  1.00 20.30 ? 39  LEU A CA  1 
ATOM   277  C C   . LEU A 1 39  ? 7.651   6.546   -0.999  1.00 20.14 ? 39  LEU A C   1 
ATOM   278  O O   . LEU A 1 39  ? 8.041   7.330   -0.165  1.00 22.11 ? 39  LEU A O   1 
ATOM   279  C CB  . LEU A 1 39  ? 7.049   4.597   0.469   1.00 22.29 ? 39  LEU A CB  1 
ATOM   280  C CG  . LEU A 1 39  ? 5.535   4.735   0.334   1.00 23.00 ? 39  LEU A CG  1 
ATOM   281  C CD1 . LEU A 1 39  ? 5.010   4.067   -0.921  1.00 24.39 ? 39  LEU A CD1 1 
ATOM   282  C CD2 . LEU A 1 39  ? 4.863   4.147   1.568   1.00 27.10 ? 39  LEU A CD2 1 
ATOM   283  N N   . TRP A 1 40  ? 7.070   6.882   -2.140  1.00 20.38 ? 40  TRP A N   1 
ATOM   284  C CA  . TRP A 1 40  ? 6.489   8.207   -2.457  1.00 20.64 ? 40  TRP A CA  1 
ATOM   285  C C   . TRP A 1 40  ? 4.974   8.012   -2.576  1.00 18.70 ? 40  TRP A C   1 
ATOM   286  O O   . TRP A 1 40  ? 4.566   7.010   -3.159  1.00 17.69 ? 40  TRP A O   1 
ATOM   287  C CB  . TRP A 1 40  ? 7.084   8.766   -3.756  1.00 19.85 ? 40  TRP A CB  1 
ATOM   288  C CG  . TRP A 1 40  ? 8.562   8.997   -3.738  1.00 26.34 ? 40  TRP A CG  1 
ATOM   289  C CD1 . TRP A 1 40  ? 9.209   10.193  -3.532  1.00 27.41 ? 40  TRP A CD1 1 
ATOM   290  C CD2 . TRP A 1 40  ? 9.597   8.029   -4.020  1.00 26.87 ? 40  TRP A CD2 1 
ATOM   291  N NE1 . TRP A 1 40  ? 10.568  10.013  -3.595  1.00 26.33 ? 40  TRP A NE1 1 
ATOM   292  C CE2 . TRP A 1 40  ? 10.835  8.715   -3.936  1.00 25.65 ? 40  TRP A CE2 1 
ATOM   293  C CE3 . TRP A 1 40  ? 9.611   6.652   -4.299  1.00 28.98 ? 40  TRP A CE3 1 
ATOM   294  C CZ2 . TRP A 1 40  ? 12.061  8.051   -4.093  1.00 33.48 ? 40  TRP A CZ2 1 
ATOM   295  C CZ3 . TRP A 1 40  ? 10.822  6.006   -4.500  1.00 32.91 ? 40  TRP A CZ3 1 
ATOM   296  C CH2 . TRP A 1 40  ? 12.035  6.703   -4.402  1.00 32.12 ? 40  TRP A CH2 1 
ATOM   297  N N   . VAL A 1 41  ? 4.175   8.886   -1.970  1.00 19.50 ? 41  VAL A N   1 
ATOM   298  C CA  . VAL A 1 41  ? 2.694   8.805   -2.030  1.00 21.52 ? 41  VAL A CA  1 
ATOM   299  C C   . VAL A 1 41  ? 2.167   10.206  -2.336  1.00 22.02 ? 41  VAL A C   1 
ATOM   300  O O   . VAL A 1 41  ? 2.779   11.190  -1.877  1.00 23.04 ? 41  VAL A O   1 
ATOM   301  C CB  . VAL A 1 41  ? 2.095   8.268   -0.728  1.00 24.20 ? 41  VAL A CB  1 
ATOM   302  C CG1 . VAL A 1 41  ? 2.643   6.888   -0.357  1.00 24.60 ? 41  VAL A CG1 1 
ATOM   303  C CG2 . VAL A 1 41  ? 2.289   9.240   0.404   1.00 26.84 ? 41  VAL A CG2 1 
ATOM   304  N N   . LYS A 1 42  ? 1.078   10.276  -3.079  1.00 23.58 ? 42  LYS A N   1 
ATOM   305  C CA  . LYS A 1 42  ? 0.360   11.551  -3.319  1.00 26.64 ? 42  LYS A CA  1 
ATOM   306  C C   . LYS A 1 42  ? -1.125  11.259  -3.452  1.00 23.41 ? 42  LYS A C   1 
ATOM   307  O O   . LYS A 1 42  ? -1.520  10.430  -4.287  1.00 22.19 ? 42  LYS A O   1 
ATOM   308  C CB  . LYS A 1 42  ? 0.894   12.257  -4.566  1.00 27.86 ? 42  LYS A CB  1 
ATOM   309  C CG  . LYS A 1 42  ? 0.304   13.641  -4.772  1.00 31.65 ? 42  LYS A CG  1 
ATOM   310  C CD  . LYS A 1 42  ? 0.788   14.334  -5.982  1.00 35.98 ? 42  LYS A CD  1 
ATOM   311  C CE  . LYS A 1 42  ? 0.278   15.756  -5.999  1.00 40.95 ? 42  LYS A CE  1 
ATOM   312  N NZ  . LYS A 1 42  ? 0.738   16.414  -7.232  1.00 44.87 ? 42  LYS A NZ  1 
ATOM   313  N N   . ARG A 1 43  ? -1.940  11.946  -2.656  1.00 24.36 ? 43  ARG A N   1 
ATOM   314  C CA  . ARG A 1 43  ? -3.411  11.812  -2.756  1.00 22.61 ? 43  ARG A CA  1 
ATOM   315  C C   . ARG A 1 43  ? -3.834  12.161  -4.166  1.00 22.63 ? 43  ARG A C   1 
ATOM   316  O O   . ARG A 1 43  ? -3.236  13.047  -4.779  1.00 22.83 ? 43  ARG A O   1 
ATOM   317  C CB  . ARG A 1 43  ? -4.126  12.781  -1.815  1.00 25.19 ? 43  ARG A CB  1 
ATOM   318  C CG  . ARG A 1 43  ? -3.968  12.443  -0.347  1.00 26.57 ? 43  ARG A CG  1 
ATOM   319  C CD  . ARG A 1 43  ? -4.809  13.374  0.517   1.00 28.33 ? 43  ARG A CD  1 
ATOM   320  N NE  . ARG A 1 43  ? -4.770  12.935  1.890   1.00 25.84 ? 43  ARG A NE  1 
ATOM   321  C CZ  . ARG A 1 43  ? -5.666  12.167  2.491   1.00 26.78 ? 43  ARG A CZ  1 
ATOM   322  N NH1 . ARG A 1 43  ? -5.486  11.875  3.767   1.00 30.69 ? 43  ARG A NH1 1 
ATOM   323  N NH2 . ARG A 1 43  ? -6.751  11.732  1.874   1.00 27.12 ? 43  ARG A NH2 1 
ATOM   324  N N   . PRO A 1 44  ? -4.899  11.520  -4.678  1.00 21.16 ? 44  PRO A N   1 
ATOM   325  C CA  . PRO A 1 44  ? -5.684  10.577  -3.884  1.00 24.17 ? 44  PRO A CA  1 
ATOM   326  C C   . PRO A 1 44  ? -5.208  9.111   -3.950  1.00 22.35 ? 44  PRO A C   1 
ATOM   327  O O   . PRO A 1 44  ? -5.585  8.336   -3.116  1.00 21.37 ? 44  PRO A O   1 
ATOM   328  C CB  . PRO A 1 44  ? -7.073  10.676  -4.525  1.00 23.46 ? 44  PRO A CB  1 
ATOM   329  C CG  . PRO A 1 44  ? -6.812  11.062  -5.958  1.00 22.76 ? 44  PRO A CG  1 
ATOM   330  C CD  . PRO A 1 44  ? -5.480  11.761  -5.997  1.00 23.85 ? 44  PRO A CD  1 
ATOM   331  N N   . ASN A 1 45  ? -4.445  8.751   -4.972  1.00 21.61 ? 45  ASN A N   1 
ATOM   332  C CA  . ASN A 1 45  ? -4.214  7.310   -5.267  1.00 21.93 ? 45  ASN A CA  1 
ATOM   333  C C   . ASN A 1 45  ? -2.889  7.030   -5.980  1.00 18.79 ? 45  ASN A C   1 
ATOM   334  O O   . ASN A 1 45  ? -2.815  5.967   -6.608  1.00 17.85 ? 45  ASN A O   1 
ATOM   335  C CB  . ASN A 1 45  ? -5.365  6.801   -6.119  1.00 22.37 ? 45  ASN A CB  1 
ATOM   336  C CG  . ASN A 1 45  ? -5.601  7.628   -7.367  1.00 24.66 ? 45  ASN A CG  1 
ATOM   337  O OD1 . ASN A 1 45  ? -4.773  8.439   -7.757  1.00 23.10 ? 45  ASN A OD1 1 
ATOM   338  N ND2 . ASN A 1 45  ? -6.735  7.403   -8.013  1.00 26.32 ? 45  ASN A ND2 1 
ATOM   339  N N   . LEU A 1 46  ? -1.911  7.933   -5.889  1.00 20.34 ? 46  LEU A N   1 
ATOM   340  C CA  . LEU A 1 46  ? -0.621  7.835   -6.592  1.00 21.39 ? 46  LEU A CA  1 
ATOM   341  C C   . LEU A 1 46  ? 0.416   7.287   -5.613  1.00 19.02 ? 46  LEU A C   1 
ATOM   342  O O   . LEU A 1 46  ? 0.486   7.749   -4.452  1.00 19.97 ? 46  LEU A O   1 
ATOM   343  C CB  . LEU A 1 46  ? -0.195  9.225   -7.083  1.00 23.48 ? 46  LEU A CB  1 
ATOM   344  C CG  . LEU A 1 46  ? -1.250  10.006  -7.877  1.00 25.14 ? 46  LEU A CG  1 
ATOM   345  C CD1 . LEU A 1 46  ? -0.742  11.388  -8.272  1.00 28.68 ? 46  LEU A CD1 1 
ATOM   346  C CD2 . LEU A 1 46  ? -1.709  9.208   -9.089  1.00 26.76 ? 46  LEU A CD2 1 
ATOM   347  N N   . PHE A 1 47  ? 1.229   6.362   -6.057  1.00 17.89 ? 47  PHE A N   1 
ATOM   348  C CA  . PHE A 1 47  ? 2.345   5.907   -5.205  1.00 18.45 ? 47  PHE A CA  1 
ATOM   349  C C   . PHE A 1 47  ? 3.444   5.308   -6.088  1.00 16.74 ? 47  PHE A C   1 
ATOM   350  O O   . PHE A 1 47  ? 3.196   4.900   -7.223  1.00 17.46 ? 47  PHE A O   1 
ATOM   351  C CB  . PHE A 1 47  ? 1.828   4.984   -4.091  1.00 19.02 ? 47  PHE A CB  1 
ATOM   352  C CG  . PHE A 1 47  ? 1.216   3.695   -4.545  1.00 19.22 ? 47  PHE A CG  1 
ATOM   353  C CD1 . PHE A 1 47  ? 2.012   2.612   -4.889  1.00 20.17 ? 47  PHE A CD1 1 
ATOM   354  C CD2 . PHE A 1 47  ? -0.165  3.553   -4.636  1.00 20.15 ? 47  PHE A CD2 1 
ATOM   355  C CE1 . PHE A 1 47  ? 1.424   1.424   -5.300  1.00 21.61 ? 47  PHE A CE1 1 
ATOM   356  C CE2 . PHE A 1 47  ? -0.748  2.361   -5.020  1.00 19.10 ? 47  PHE A CE2 1 
ATOM   357  C CZ  . PHE A 1 47  ? 0.054   1.300   -5.384  1.00 21.78 ? 47  PHE A CZ  1 
ATOM   358  N N   . ASN A 1 48  ? 4.640   5.295   -5.511  1.00 17.78 ? 48  ASN A N   1 
ATOM   359  C CA  . ASN A 1 48  ? 5.866   4.655   -6.042  1.00 19.82 ? 48  ASN A CA  1 
ATOM   360  C C   . ASN A 1 48  ? 6.542   3.938   -4.862  1.00 21.44 ? 48  ASN A C   1 
ATOM   361  O O   . ASN A 1 48  ? 6.959   4.627   -3.898  1.00 20.79 ? 48  ASN A O   1 
ATOM   362  C CB  . ASN A 1 48  ? 6.769   5.709   -6.666  1.00 19.89 ? 48  ASN A CB  1 
ATOM   363  C CG  . ASN A 1 48  ? 7.986   5.118   -7.322  1.00 20.32 ? 48  ASN A CG  1 
ATOM   364  O OD1 . ASN A 1 48  ? 8.619   4.241   -6.753  1.00 23.18 ? 48  ASN A OD1 1 
ATOM   365  N ND2 . ASN A 1 48  ? 8.314   5.591   -8.517  1.00 21.79 ? 48  ASN A ND2 1 
ATOM   366  N N   . TRP A 1 49  ? 6.482   2.612   -4.863  1.00 20.13 ? 49  TRP A N   1 
ATOM   367  C CA  . TRP A 1 49  ? 7.039   1.745   -3.800  1.00 21.98 ? 49  TRP A CA  1 
ATOM   368  C C   . TRP A 1 49  ? 8.233   1.062   -4.449  1.00 22.31 ? 49  TRP A C   1 
ATOM   369  O O   . TRP A 1 49  ? 8.044   0.455   -5.509  1.00 21.57 ? 49  TRP A O   1 
ATOM   370  C CB  . TRP A 1 49  ? 5.959   0.752   -3.326  1.00 24.91 ? 49  TRP A CB  1 
ATOM   371  C CG  . TRP A 1 49  ? 6.333   -0.204  -2.235  1.00 27.78 ? 49  TRP A CG  1 
ATOM   372  C CD1 . TRP A 1 49  ? 6.123   -0.062  -0.890  1.00 30.99 ? 49  TRP A CD1 1 
ATOM   373  C CD2 . TRP A 1 49  ? 6.864   -1.530  -2.416  1.00 28.21 ? 49  TRP A CD2 1 
ATOM   374  N NE1 . TRP A 1 49  ? 6.501   -1.204  -0.223  1.00 31.63 ? 49  TRP A NE1 1 
ATOM   375  C CE2 . TRP A 1 49  ? 6.972   -2.115  -1.136  1.00 29.33 ? 49  TRP A CE2 1 
ATOM   376  C CE3 . TRP A 1 49  ? 7.259   -2.269  -3.541  1.00 29.43 ? 49  TRP A CE3 1 
ATOM   377  C CZ2 . TRP A 1 49  ? 7.475   -3.402  -0.952  1.00 30.40 ? 49  TRP A CZ2 1 
ATOM   378  C CZ3 . TRP A 1 49  ? 7.747   -3.543  -3.355  1.00 30.43 ? 49  TRP A CZ3 1 
ATOM   379  C CH2 . TRP A 1 49  ? 7.829   -4.107  -2.076  1.00 29.95 ? 49  TRP A CH2 1 
ATOM   380  N N   . HIS A 1 50  ? 9.415   1.261   -3.900  1.00 20.82 ? 50  HIS A N   1 
ATOM   381  C CA  . HIS A 1 50  ? 10.660  0.718   -4.488  1.00 23.19 ? 50  HIS A CA  1 
ATOM   382  C C   . HIS A 1 50  ? 11.412  -0.086  -3.416  1.00 21.43 ? 50  HIS A C   1 
ATOM   383  O O   . HIS A 1 50  ? 12.105  0.537   -2.624  1.00 20.37 ? 50  HIS A O   1 
ATOM   384  C CB  . HIS A 1 50  ? 11.508  1.853   -5.087  1.00 23.91 ? 50  HIS A CB  1 
ATOM   385  C CG  . HIS A 1 50  ? 12.728  1.318   -5.753  1.00 27.34 ? 50  HIS A CG  1 
ATOM   386  N ND1 . HIS A 1 50  ? 13.739  2.124   -6.199  1.00 35.54 ? 50  HIS A ND1 1 
ATOM   387  C CD2 . HIS A 1 50  ? 13.108  0.054   -6.018  1.00 25.78 ? 50  HIS A CD2 1 
ATOM   388  C CE1 . HIS A 1 50  ? 14.681  1.382   -6.755  1.00 30.14 ? 50  HIS A CE1 1 
ATOM   389  N NE2 . HIS A 1 50  ? 14.316  0.112   -6.646  1.00 30.70 ? 50  HIS A NE2 1 
ATOM   390  N N   . MET A 1 51  ? 11.278  -1.412  -3.410  1.00 21.37 ? 51  MET A N   1 
ATOM   391  C CA  . MET A 1 51  ? 12.073  -2.270  -2.496  1.00 25.08 ? 51  MET A CA  1 
ATOM   392  C C   . MET A 1 51  ? 13.450  -2.401  -3.132  1.00 27.57 ? 51  MET A C   1 
ATOM   393  O O   . MET A 1 51  ? 13.500  -2.865  -4.296  1.00 26.11 ? 51  MET A O   1 
ATOM   394  C CB  . MET A 1 51  ? 11.434  -3.641  -2.302  1.00 25.54 ? 51  MET A CB  1 
ATOM   395  C CG  . MET A 1 51  ? 12.357  -4.630  -1.637  1.00 33.06 ? 51  MET A CG  1 
ATOM   396  S SD  . MET A 1 51  ? 11.396  -6.061  -1.116  1.00 42.98 ? 51  MET A SD  1 
ATOM   397  C CE  . MET A 1 51  ? 10.566  -5.332  0.296   1.00 42.13 ? 51  MET A CE  1 
ATOM   398  N N   . THR A 1 52  ? 14.488  -1.893  -2.461  1.00 29.42 ? 52  THR A N   1 
ATOM   399  C CA  . THR A 1 52  ? 15.879  -1.881  -2.975  1.00 34.90 ? 52  THR A CA  1 
ATOM   400  C C   . THR A 1 52  ? 16.623  -3.138  -2.517  1.00 44.92 ? 52  THR A C   1 
ATOM   401  O O   . THR A 1 52  ? 17.319  -3.726  -3.350  1.00 46.74 ? 52  THR A O   1 
ATOM   402  C CB  . THR A 1 52  ? 16.626  -0.626  -2.534  1.00 36.40 ? 52  THR A CB  1 
ATOM   403  O OG1 . THR A 1 52  ? 16.627  -0.676  -1.111  1.00 33.84 ? 52  THR A OG1 1 
ATOM   404  C CG2 . THR A 1 52  ? 15.989  0.635   -3.059  1.00 35.52 ? 52  THR A CG2 1 
ATOM   405  N N   . GLN A 1 53  ? 16.505  -3.508  -1.242  1.00 51.52 ? 53  GLN A N   1 
ATOM   406  C CA  . GLN A 1 53  ? 17.091  -4.750  -0.659  1.00 57.34 ? 53  GLN A CA  1 
ATOM   407  C C   . GLN A 1 53  ? 15.977  -5.548  0.004   1.00 54.65 ? 53  GLN A C   1 
ATOM   408  O O   . GLN A 1 53  ? 15.093  -4.948  0.607   1.00 50.88 ? 53  GLN A O   1 
ATOM   409  C CB  . GLN A 1 53  ? 18.136  -4.428  0.415   1.00 61.66 ? 53  GLN A CB  1 
ATOM   410  C CG  . GLN A 1 53  ? 19.435  -3.798  -0.089  1.00 62.78 ? 53  GLN A CG  1 
ATOM   411  C CD  . GLN A 1 53  ? 20.505  -3.860  0.983   1.00 65.16 ? 53  GLN A CD  1 
ATOM   412  O OE1 . GLN A 1 53  ? 20.447  -4.698  1.880   1.00 68.49 ? 53  GLN A OE1 1 
ATOM   413  N NE2 . GLN A 1 53  ? 21.491  -2.977  0.912   1.00 61.30 ? 53  GLN A NE2 1 
ATOM   414  N N   . PRO A 1 54  ? 15.967  -6.902  -0.054  1.00 57.79 ? 54  PRO A N   1 
ATOM   415  C CA  . PRO A 1 54  ? 17.040  -7.692  -0.661  1.00 60.98 ? 54  PRO A CA  1 
ATOM   416  C C   . PRO A 1 54  ? 16.828  -7.964  -2.159  1.00 59.80 ? 54  PRO A C   1 
ATOM   417  O O   . PRO A 1 54  ? 17.808  -8.087  -2.880  1.00 65.18 ? 54  PRO A O   1 
ATOM   418  C CB  . PRO A 1 54  ? 16.883  -9.027  0.090   1.00 60.92 ? 54  PRO A CB  1 
ATOM   419  C CG  . PRO A 1 54  ? 15.366  -9.180  0.249   1.00 56.18 ? 54  PRO A CG  1 
ATOM   420  C CD  . PRO A 1 54  ? 14.861  -7.760  0.427   1.00 53.23 ? 54  PRO A CD  1 
ATOM   421  N N   . ASP A 1 55  ? 15.556  -8.066  -2.561  1.00 48.50 ? 55  ASP A N   1 
ATOM   422  C CA  . ASP A 1 55  ? 15.089  -8.433  -3.920  1.00 48.61 ? 55  ASP A CA  1 
ATOM   423  C C   . ASP A 1 55  ? 14.298  -7.257  -4.486  1.00 47.35 ? 55  ASP A C   1 
ATOM   424  O O   . ASP A 1 55  ? 13.163  -7.007  -4.005  1.00 44.73 ? 55  ASP A O   1 
ATOM   425  C CB  . ASP A 1 55  ? 14.238  -9.690  -3.862  1.00 49.69 ? 55  ASP A CB  1 
ATOM   426  C CG  . ASP A 1 55  ? 15.059  -10.884 -3.427  1.00 56.81 ? 55  ASP A CG  1 
ATOM   427  O OD1 . ASP A 1 55  ? 14.441  -11.832 -2.890  1.00 51.81 ? 55  ASP A OD1 1 
ATOM   428  O OD2 . ASP A 1 55  ? 16.325  -10.848 -3.634  1.00 55.47 ? 55  ASP A OD2 1 
ATOM   429  N N   . GLU A 1 56  ? 14.907  -6.562  -5.442  1.00 38.69 ? 56  GLU A N   1 
ATOM   430  C CA  . GLU A 1 56  ? 14.428  -5.272  -5.962  1.00 37.21 ? 56  GLU A CA  1 
ATOM   431  C C   . GLU A 1 56  ? 13.060  -5.455  -6.619  1.00 32.20 ? 56  GLU A C   1 
ATOM   432  O O   . GLU A 1 56  ? 12.865  -6.393  -7.404  1.00 32.10 ? 56  GLU A O   1 
ATOM   433  C CB  . GLU A 1 56  ? 15.406  -4.658  -6.946  1.00 35.89 ? 56  GLU A CB  1 
ATOM   434  C CG  . GLU A 1 56  ? 15.068  -3.202  -7.232  1.00 37.28 ? 56  GLU A CG  1 
ATOM   435  C CD  . GLU A 1 56  ? 16.082  -2.473  -8.076  1.00 39.68 ? 56  GLU A CD  1 
ATOM   436  O OE1 . GLU A 1 56  ? 16.081  -1.219  -8.075  1.00 38.31 ? 56  GLU A OE1 1 
ATOM   437  O OE2 . GLU A 1 56  ? 16.868  -3.179  -8.742  1.00 44.74 ? 56  GLU A OE2 1 
ATOM   438  N N   . SER A 1 57  ? 12.155  -4.536  -6.347  1.00 26.71 ? 57  SER A N   1 
ATOM   439  C CA  . SER A 1 57  ? 10.853  -4.518  -7.042  1.00 29.13 ? 57  SER A CA  1 
ATOM   440  C C   . SER A 1 57  ? 10.245  -3.123  -6.922  1.00 25.96 ? 57  SER A C   1 
ATOM   441  O O   . SER A 1 57  ? 10.497  -2.422  -5.934  1.00 22.65 ? 57  SER A O   1 
ATOM   442  C CB  . SER A 1 57  ? 9.954   -5.587  -6.540  1.00 34.10 ? 57  SER A CB  1 
ATOM   443  O OG  . SER A 1 57  ? 9.282   -5.167  -5.390  1.00 36.08 ? 57  SER A OG  1 
ATOM   444  N N   . ILE A 1 58  ? 9.519   -2.742  -7.960  1.00 21.84 ? 58  ILE A N   1 
ATOM   445  C CA  . ILE A 1 58  ? 8.984   -1.378  -8.103  1.00 22.35 ? 58  ILE A CA  1 
ATOM   446  C C   . ILE A 1 58  ? 7.494   -1.546  -8.372  1.00 19.33 ? 58  ILE A C   1 
ATOM   447  O O   . ILE A 1 58  ? 7.167   -2.326  -9.273  1.00 18.34 ? 58  ILE A O   1 
ATOM   448  C CB  . ILE A 1 58  ? 9.750   -0.659  -9.214  1.00 24.39 ? 58  ILE A CB  1 
ATOM   449  C CG1 . ILE A 1 58  ? 11.197  -0.398  -8.782  1.00 25.97 ? 58  ILE A CG1 1 
ATOM   450  C CG2 . ILE A 1 58  ? 9.032   0.613   -9.624  1.00 26.97 ? 58  ILE A CG2 1 
ATOM   451  C CD1 . ILE A 1 58  ? 12.084  0.001   -9.888  1.00 27.99 ? 58  ILE A CD1 1 
ATOM   452  N N   . LEU A 1 59  ? 6.655   -0.897  -7.567  1.00 19.02 ? 59  LEU A N   1 
ATOM   453  C CA  . LEU A 1 59  ? 5.217   -0.729  -7.857  1.00 21.06 ? 59  LEU A CA  1 
ATOM   454  C C   . LEU A 1 59  ? 4.954   0.758   -8.073  1.00 21.15 ? 59  LEU A C   1 
ATOM   455  O O   . LEU A 1 59  ? 5.251   1.523   -7.152  1.00 19.78 ? 59  LEU A O   1 
ATOM   456  C CB  . LEU A 1 59  ? 4.397   -1.253  -6.667  1.00 24.46 ? 59  LEU A CB  1 
ATOM   457  C CG  . LEU A 1 59  ? 3.982   -2.720  -6.704  1.00 30.40 ? 59  LEU A CG  1 
ATOM   458  C CD1 . LEU A 1 59  ? 5.155   -3.624  -6.383  1.00 37.23 ? 59  LEU A CD1 1 
ATOM   459  C CD2 . LEU A 1 59  ? 2.863   -2.958  -5.699  1.00 35.21 ? 59  LEU A CD2 1 
ATOM   460  N N   . VAL A 1 60  ? 4.363   1.129   -9.221  1.00 20.18 ? 60  VAL A N   1 
ATOM   461  C CA  . VAL A 1 60  ? 4.018   2.537   -9.553  1.00 19.88 ? 60  VAL A CA  1 
ATOM   462  C C   . VAL A 1 60  ? 2.535   2.606   -9.907  1.00 18.71 ? 60  VAL A C   1 
ATOM   463  O O   . VAL A 1 60  ? 2.119   1.856   -10.784 1.00 19.48 ? 60  VAL A O   1 
ATOM   464  C CB  . VAL A 1 60  ? 4.886   3.089   -10.684 1.00 21.41 ? 60  VAL A CB  1 
ATOM   465  C CG1 . VAL A 1 60  ? 4.501   4.538   -10.993 1.00 22.53 ? 60  VAL A CG1 1 
ATOM   466  C CG2 . VAL A 1 60  ? 6.374   2.956   -10.347 1.00 23.36 ? 60  VAL A CG2 1 
ATOM   467  N N   . SER A 1 61  ? 1.813   3.470   -9.206  1.00 19.61 ? 61  SER A N   1 
ATOM   468  C CA  . SER A 1 61  ? 0.401   3.797   -9.494  1.00 20.70 ? 61  SER A CA  1 
ATOM   469  C C   . SER A 1 61  ? 0.350   5.214   -10.038 1.00 20.44 ? 61  SER A C   1 
ATOM   470  O O   . SER A 1 61  ? 0.832   6.131   -9.352  1.00 20.09 ? 61  SER A O   1 
ATOM   471  C CB  . SER A 1 61  ? -0.467  3.677   -8.273  1.00 21.17 ? 61  SER A CB  1 
ATOM   472  O OG  . SER A 1 61  ? -1.694  4.342   -8.530  1.00 20.48 ? 61  SER A OG  1 
ATOM   473  N N   . ASP A 1 62  ? -0.170  5.386   -11.244 1.00 24.00 ? 62  ASP A N   1 
ATOM   474  C CA  . ASP A 1 62  ? -0.567  6.727   -11.741 1.00 27.29 ? 62  ASP A CA  1 
ATOM   475  C C   . ASP A 1 62  ? -2.033  7.006   -11.394 1.00 29.59 ? 62  ASP A C   1 
ATOM   476  O O   . ASP A 1 62  ? -2.610  7.926   -11.978 1.00 31.37 ? 62  ASP A O   1 
ATOM   477  C CB  . ASP A 1 62  ? -0.370  6.806   -13.243 1.00 28.03 ? 62  ASP A CB  1 
ATOM   478  C CG  . ASP A 1 62  ? -1.266  5.872   -14.030 1.00 28.26 ? 62  ASP A CG  1 
ATOM   479  O OD1 . ASP A 1 62  ? -1.098  5.848   -15.249 1.00 34.02 ? 62  ASP A OD1 1 
ATOM   480  O OD2 . ASP A 1 62  ? -2.115  5.166   -13.431 1.00 25.45 ? 62  ASP A OD2 1 
ATOM   481  N N   . GLY A 1 63  ? -2.639  6.219   -10.510 1.00 27.95 ? 63  GLY A N   1 
ATOM   482  C CA  . GLY A 1 63  ? -4.037  6.390   -10.103 1.00 25.28 ? 63  GLY A CA  1 
ATOM   483  C C   . GLY A 1 63  ? -4.975  5.583   -10.962 1.00 26.97 ? 63  GLY A C   1 
ATOM   484  O O   . GLY A 1 63  ? -6.124  5.507   -10.608 1.00 26.49 ? 63  GLY A O   1 
ATOM   485  N N   . LYS A 1 64  ? -4.510  4.963   -12.044 1.00 25.38 ? 64  LYS A N   1 
ATOM   486  C CA  . LYS A 1 64  ? -5.378  4.103   -12.884 1.00 26.27 ? 64  LYS A CA  1 
ATOM   487  C C   . LYS A 1 64  ? -4.696  2.772   -13.190 1.00 24.52 ? 64  LYS A C   1 
ATOM   488  O O   . LYS A 1 64  ? -5.358  1.709   -13.032 1.00 22.09 ? 64  LYS A O   1 
ATOM   489  C CB  . LYS A 1 64  ? -5.708  4.774   -14.208 1.00 31.70 ? 64  LYS A CB  1 
ATOM   490  C CG  . LYS A 1 64  ? -6.521  3.896   -15.143 1.00 39.37 ? 64  LYS A CG  1 
ATOM   491  C CD  . LYS A 1 64  ? -7.519  4.655   -15.991 1.00 50.43 ? 64  LYS A CD  1 
ATOM   492  C CE  . LYS A 1 64  ? -6.900  5.780   -16.794 1.00 56.92 ? 64  LYS A CE  1 
ATOM   493  N NZ  . LYS A 1 64  ? -7.945  6.667   -17.367 1.00 66.56 ? 64  LYS A NZ  1 
ATOM   494  N N   . THR A 1 65  ? -3.446  2.847   -13.659 1.00 23.66 ? 65  THR A N   1 
ATOM   495  C CA  . THR A 1 65  ? -2.587  1.673   -13.925 1.00 23.88 ? 65  THR A CA  1 
ATOM   496  C C   . THR A 1 65  ? -1.695  1.403   -12.714 1.00 20.57 ? 65  THR A C   1 
ATOM   497  O O   . THR A 1 65  ? -1.132  2.384   -12.180 1.00 20.59 ? 65  THR A O   1 
ATOM   498  C CB  . THR A 1 65  ? -1.754  1.906   -15.185 1.00 26.73 ? 65  THR A CB  1 
ATOM   499  O OG1 . THR A 1 65  ? -2.673  2.023   -16.269 1.00 26.84 ? 65  THR A OG1 1 
ATOM   500  C CG2 . THR A 1 65  ? -0.754  0.795   -15.431 1.00 27.40 ? 65  THR A CG2 1 
ATOM   501  N N   . LEU A 1 66  ? -1.592  0.146   -12.287 1.00 19.49 ? 66  LEU A N   1 
ATOM   502  C CA  . LEU A 1 66  ? -0.508  -0.290  -11.355 1.00 20.78 ? 66  LEU A CA  1 
ATOM   503  C C   . LEU A 1 66  ? 0.500   -1.109  -12.177 1.00 19.53 ? 66  LEU A C   1 
ATOM   504  O O   . LEU A 1 66  ? 0.130   -2.139  -12.794 1.00 19.56 ? 66  LEU A O   1 
ATOM   505  C CB  . LEU A 1 66  ? -1.059  -1.077  -10.168 1.00 21.30 ? 66  LEU A CB  1 
ATOM   506  C CG  . LEU A 1 66  ? -0.062  -1.583  -9.123  1.00 20.68 ? 66  LEU A CG  1 
ATOM   507  C CD1 . LEU A 1 66  ? 0.688   -0.466  -8.418  1.00 20.48 ? 66  LEU A CD1 1 
ATOM   508  C CD2 . LEU A 1 66  ? -0.781  -2.432  -8.090  1.00 24.15 ? 66  LEU A CD2 1 
ATOM   509  N N   . TRP A 1 67  ? 1.719   -0.590  -12.246 1.00 20.50 ? 67  TRP A N   1 
ATOM   510  C CA  . TRP A 1 67  ? 2.873   -1.278  -12.859 1.00 21.67 ? 67  TRP A CA  1 
ATOM   511  C C   . TRP A 1 67  ? 3.656   -2.017  -11.770 1.00 23.93 ? 67  TRP A C   1 
ATOM   512  O O   . TRP A 1 67  ? 3.878   -1.435  -10.696 1.00 20.90 ? 67  TRP A O   1 
ATOM   513  C CB  . TRP A 1 67  ? 3.740   -0.262  -13.579 1.00 22.59 ? 67  TRP A CB  1 
ATOM   514  C CG  . TRP A 1 67  ? 3.224   0.222   -14.889 1.00 24.77 ? 67  TRP A CG  1 
ATOM   515  C CD1 . TRP A 1 67  ? 2.591   1.405   -15.165 1.00 27.10 ? 67  TRP A CD1 1 
ATOM   516  C CD2 . TRP A 1 67  ? 3.471   -0.407  -16.144 1.00 25.54 ? 67  TRP A CD2 1 
ATOM   517  N NE1 . TRP A 1 67  ? 2.406   1.532   -16.520 1.00 28.48 ? 67  TRP A NE1 1 
ATOM   518  C CE2 . TRP A 1 67  ? 2.925   0.431   -17.144 1.00 28.61 ? 67  TRP A CE2 1 
ATOM   519  C CE3 . TRP A 1 67  ? 4.071   -1.608  -16.512 1.00 26.07 ? 67  TRP A CE3 1 
ATOM   520  C CZ2 . TRP A 1 67  ? 2.956   0.083   -18.489 1.00 30.05 ? 67  TRP A CZ2 1 
ATOM   521  C CZ3 . TRP A 1 67  ? 4.112   -1.949  -17.843 1.00 27.94 ? 67  TRP A CZ3 1 
ATOM   522  C CH2 . TRP A 1 67  ? 3.578   -1.100  -18.818 1.00 30.48 ? 67  TRP A CH2 1 
ATOM   523  N N   . PHE A 1 68  ? 3.989   -3.285  -12.015 1.00 24.52 ? 68  PHE A N   1 
ATOM   524  C CA  . PHE A 1 68  ? 4.907   -4.100  -11.192 1.00 24.12 ? 68  PHE A CA  1 
ATOM   525  C C   . PHE A 1 68  ? 6.135   -4.348  -12.069 1.00 22.82 ? 68  PHE A C   1 
ATOM   526  O O   . PHE A 1 68  ? 5.988   -4.802  -13.213 1.00 21.91 ? 68  PHE A O   1 
ATOM   527  C CB  . PHE A 1 68  ? 4.337   -5.459  -10.788 1.00 28.00 ? 68  PHE A CB  1 
ATOM   528  C CG  . PHE A 1 68  ? 3.012   -5.489  -10.063 1.00 34.23 ? 68  PHE A CG  1 
ATOM   529  C CD1 . PHE A 1 68  ? 2.932   -5.969  -8.759  1.00 37.12 ? 68  PHE A CD1 1 
ATOM   530  C CD2 . PHE A 1 68  ? 1.827   -5.149  -10.711 1.00 38.74 ? 68  PHE A CD2 1 
ATOM   531  C CE1 . PHE A 1 68  ? 1.715   -6.035  -8.091  1.00 39.21 ? 68  PHE A CE1 1 
ATOM   532  C CE2 . PHE A 1 68  ? 0.608   -5.253  -10.052 1.00 38.47 ? 68  PHE A CE2 1 
ATOM   533  C CZ  . PHE A 1 68  ? 0.556   -5.694  -8.746  1.00 38.51 ? 68  PHE A CZ  1 
ATOM   534  N N   . TYR A 1 69  ? 7.290   -3.929  -11.606 1.00 21.19 ? 69  TYR A N   1 
ATOM   535  C CA  . TYR A 1 69  ? 8.551   -4.036  -12.372 1.00 20.93 ? 69  TYR A CA  1 
ATOM   536  C C   . TYR A 1 69  ? 9.555   -4.801  -11.510 1.00 21.91 ? 69  TYR A C   1 
ATOM   537  O O   . TYR A 1 69  ? 9.803   -4.407  -10.346 1.00 19.70 ? 69  TYR A O   1 
ATOM   538  C CB  . TYR A 1 69  ? 9.004   -2.637  -12.746 1.00 21.92 ? 69  TYR A CB  1 
ATOM   539  C CG  . TYR A 1 69  ? 10.331  -2.576  -13.432 1.00 21.50 ? 69  TYR A CG  1 
ATOM   540  C CD1 . TYR A 1 69  ? 11.200  -1.539  -13.177 1.00 24.62 ? 69  TYR A CD1 1 
ATOM   541  C CD2 . TYR A 1 69  ? 10.735  -3.571  -14.291 1.00 22.88 ? 69  TYR A CD2 1 
ATOM   542  C CE1 . TYR A 1 69  ? 12.439  -1.467  -13.802 1.00 25.08 ? 69  TYR A CE1 1 
ATOM   543  C CE2 . TYR A 1 69  ? 11.989  -3.549  -14.881 1.00 23.93 ? 69  TYR A CE2 1 
ATOM   544  C CZ  . TYR A 1 69  ? 12.826  -2.477  -14.650 1.00 23.95 ? 69  TYR A CZ  1 
ATOM   545  O OH  . TYR A 1 69  ? 14.047  -2.443  -15.245 1.00 25.64 ? 69  TYR A OH  1 
ATOM   546  N N   . ASN A 1 70  ? 9.984   -5.947  -12.032 1.00 21.15 ? 70  ASN A N   1 
ATOM   547  C CA  . ASN A 1 70  ? 11.051  -6.797  -11.454 1.00 20.57 ? 70  ASN A CA  1 
ATOM   548  C C   . ASN A 1 70  ? 12.276  -6.564  -12.315 1.00 20.13 ? 70  ASN A C   1 
ATOM   549  O O   . ASN A 1 70  ? 12.358  -7.096  -13.424 1.00 18.53 ? 70  ASN A O   1 
ATOM   550  C CB  . ASN A 1 70  ? 10.678  -8.266  -11.435 1.00 21.82 ? 70  ASN A CB  1 
ATOM   551  C CG  . ASN A 1 70  ? 11.780  -9.110  -10.836 1.00 23.28 ? 70  ASN A CG  1 
ATOM   552  O OD1 . ASN A 1 70  ? 12.925  -8.676  -10.720 1.00 22.09 ? 70  ASN A OD1 1 
ATOM   553  N ND2 . ASN A 1 70  ? 11.430  -10.320 -10.445 1.00 24.18 ? 70  ASN A ND2 1 
ATOM   554  N N   . PRO A 1 71  ? 13.205  -5.696  -11.876 1.00 19.42 ? 71  PRO A N   1 
ATOM   555  C CA  . PRO A 1 71  ? 14.378  -5.341  -12.683 1.00 22.41 ? 71  PRO A CA  1 
ATOM   556  C C   . PRO A 1 71  ? 15.382  -6.505  -12.774 1.00 24.83 ? 71  PRO A C   1 
ATOM   557  O O   . PRO A 1 71  ? 16.225  -6.506  -13.690 1.00 29.20 ? 71  PRO A O   1 
ATOM   558  C CB  . PRO A 1 71  ? 15.007  -4.137  -11.942 1.00 23.70 ? 71  PRO A CB  1 
ATOM   559  C CG  . PRO A 1 71  ? 13.910  -3.692  -10.967 1.00 23.00 ? 71  PRO A CG  1 
ATOM   560  C CD  . PRO A 1 71  ? 13.165  -4.958  -10.608 1.00 20.33 ? 71  PRO A CD  1 
ATOM   561  N N   . PHE A 1 72  ? 15.280  -7.486  -11.882 1.00 22.02 ? 72  PHE A N   1 
ATOM   562  C CA  . PHE A 1 72  ? 16.228  -8.627  -11.886 1.00 22.25 ? 72  PHE A CA  1 
ATOM   563  C C   . PHE A 1 72  ? 15.972  -9.476  -13.138 1.00 23.82 ? 72  PHE A C   1 
ATOM   564  O O   . PHE A 1 72  ? 16.908  -9.817  -13.873 1.00 22.98 ? 72  PHE A O   1 
ATOM   565  C CB  . PHE A 1 72  ? 16.193  -9.481  -10.613 1.00 20.16 ? 72  PHE A CB  1 
ATOM   566  C CG  . PHE A 1 72  ? 17.339  -10.465 -10.617 1.00 18.78 ? 72  PHE A CG  1 
ATOM   567  C CD1 . PHE A 1 72  ? 18.603  -10.063 -10.235 1.00 20.15 ? 72  PHE A CD1 1 
ATOM   568  C CD2 . PHE A 1 72  ? 17.179  -11.760 -11.064 1.00 20.94 ? 72  PHE A CD2 1 
ATOM   569  C CE1 . PHE A 1 72  ? 19.669  -10.941 -10.266 1.00 18.88 ? 72  PHE A CE1 1 
ATOM   570  C CE2 . PHE A 1 72  ? 18.251  -12.651 -11.089 1.00 20.27 ? 72  PHE A CE2 1 
ATOM   571  C CZ  . PHE A 1 72  ? 19.495  -12.226 -10.704 1.00 18.74 ? 72  PHE A CZ  1 
ATOM   572  N N   . VAL A 1 73  ? 14.729  -9.813  -13.409 1.00 22.30 ? 73  VAL A N   1 
ATOM   573  C CA  . VAL A 1 73  ? 14.372  -10.592 -14.631 1.00 25.18 ? 73  VAL A CA  1 
ATOM   574  C C   . VAL A 1 73  ? 13.943  -9.654  -15.768 1.00 25.42 ? 73  VAL A C   1 
ATOM   575  O O   . VAL A 1 73  ? 13.610  -10.172 -16.817 1.00 27.06 ? 73  VAL A O   1 
ATOM   576  C CB  . VAL A 1 73  ? 13.281  -11.623 -14.300 1.00 24.87 ? 73  VAL A CB  1 
ATOM   577  C CG1 . VAL A 1 73  ? 13.748  -12.611 -13.271 1.00 27.73 ? 73  VAL A CG1 1 
ATOM   578  C CG2 . VAL A 1 73  ? 11.987  -10.981 -13.846 1.00 22.98 ? 73  VAL A CG2 1 
ATOM   579  N N   . GLU A 1 74  ? 13.888  -8.336  -15.545 1.00 21.98 ? 74  GLU A N   1 
ATOM   580  C CA  . GLU A 1 74  ? 13.518  -7.321  -16.568 1.00 23.53 ? 74  GLU A CA  1 
ATOM   581  C C   . GLU A 1 74  ? 12.109  -7.645  -17.083 1.00 22.82 ? 74  GLU A C   1 
ATOM   582  O O   . GLU A 1 74  ? 11.924  -7.833  -18.312 1.00 25.55 ? 74  GLU A O   1 
ATOM   583  C CB  . GLU A 1 74  ? 14.562  -7.245  -17.688 1.00 28.08 ? 74  GLU A CB  1 
ATOM   584  C CG  . GLU A 1 74  ? 15.916  -6.780  -17.193 1.00 31.87 ? 74  GLU A CG  1 
ATOM   585  C CD  . GLU A 1 74  ? 16.001  -5.330  -16.711 1.00 40.66 ? 74  GLU A CD  1 
ATOM   586  O OE1 . GLU A 1 74  ? 17.128  -4.788  -16.765 1.00 41.65 ? 74  GLU A OE1 1 
ATOM   587  O OE2 . GLU A 1 74  ? 14.966  -4.738  -16.238 1.00 34.10 ? 74  GLU A OE2 1 
ATOM   588  N N   . GLN A 1 75  ? 11.146  -7.699  -16.173 1.00 20.04 ? 75  GLN A N   1 
ATOM   589  C CA  . GLN A 1 75  ? 9.723   -7.975  -16.500 1.00 22.82 ? 75  GLN A CA  1 
ATOM   590  C C   . GLN A 1 75  ? 8.871   -6.909  -15.816 1.00 21.01 ? 75  GLN A C   1 
ATOM   591  O O   . GLN A 1 75  ? 9.147   -6.563  -14.676 1.00 21.20 ? 75  GLN A O   1 
ATOM   592  C CB  . GLN A 1 75  ? 9.307   -9.400  -16.133 1.00 25.98 ? 75  GLN A CB  1 
ATOM   593  C CG  . GLN A 1 75  ? 10.006  -10.417 -17.038 1.00 36.87 ? 75  GLN A CG  1 
ATOM   594  C CD  . GLN A 1 75  ? 9.903   -11.863 -16.617 1.00 44.26 ? 75  GLN A CD  1 
ATOM   595  O OE1 . GLN A 1 75  ? 10.540  -12.755 -17.197 1.00 45.08 ? 75  GLN A OE1 1 
ATOM   596  N NE2 . GLN A 1 75  ? 9.079   -12.109 -15.615 1.00 43.29 ? 75  GLN A NE2 1 
ATOM   597  N N   . ALA A 1 76  ? 7.914   -6.364  -16.555 1.00 22.03 ? 76  ALA A N   1 
ATOM   598  C CA  . ALA A 1 76  ? 6.984   -5.352  -16.028 1.00 22.75 ? 76  ALA A CA  1 
ATOM   599  C C   . ALA A 1 76  ? 5.586   -5.827  -16.400 1.00 24.94 ? 76  ALA A C   1 
ATOM   600  O O   . ALA A 1 76  ? 5.415   -6.343  -17.535 1.00 26.53 ? 76  ALA A O   1 
ATOM   601  C CB  . ALA A 1 76  ? 7.326   -3.999  -16.595 1.00 22.42 ? 76  ALA A CB  1 
ATOM   602  N N   . THR A 1 77  ? 4.680   -5.778  -15.442 1.00 23.49 ? 77  THR A N   1 
ATOM   603  C CA  . THR A 1 77  ? 3.264   -6.137  -15.648 1.00 25.07 ? 77  THR A CA  1 
ATOM   604  C C   . THR A 1 77  ? 2.419   -4.876  -15.445 1.00 24.68 ? 77  THR A C   1 
ATOM   605  O O   . THR A 1 77  ? 2.559   -4.235  -14.367 1.00 24.20 ? 77  THR A O   1 
ATOM   606  C CB  . THR A 1 77  ? 2.903   -7.247  -14.672 1.00 27.42 ? 77  THR A CB  1 
ATOM   607  O OG1 . THR A 1 77  ? 3.883   -8.267  -14.877 1.00 30.09 ? 77  THR A OG1 1 
ATOM   608  C CG2 . THR A 1 77  ? 1.500   -7.771  -14.878 1.00 28.06 ? 77  THR A CG2 1 
ATOM   609  N N   . ALA A 1 78  ? 1.586   -4.528  -16.429 1.00 24.82 ? 78  ALA A N   1 
ATOM   610  C CA  . ALA A 1 78  ? 0.579   -3.444  -16.282 1.00 26.06 ? 78  ALA A CA  1 
ATOM   611  C C   . ALA A 1 78  ? -0.749  -4.091  -15.888 1.00 27.69 ? 78  ALA A C   1 
ATOM   612  O O   . ALA A 1 78  ? -1.223  -5.025  -16.591 1.00 27.70 ? 78  ALA A O   1 
ATOM   613  C CB  . ALA A 1 78  ? 0.477   -2.616  -17.530 1.00 27.42 ? 78  ALA A CB  1 
ATOM   614  N N   . THR A 1 79  ? -1.285  -3.637  -14.761 1.00 26.43 ? 79  THR A N   1 
ATOM   615  C CA  . THR A 1 79  ? -2.607  -4.023  -14.242 1.00 26.28 ? 79  THR A CA  1 
ATOM   616  C C   . THR A 1 79  ? -3.435  -2.764  -13.952 1.00 24.31 ? 79  THR A C   1 
ATOM   617  O O   . THR A 1 79  ? -2.880  -1.619  -14.017 1.00 26.00 ? 79  THR A O   1 
ATOM   618  C CB  . THR A 1 79  ? -2.457  -4.846  -12.972 1.00 28.30 ? 79  THR A CB  1 
ATOM   619  O OG1 . THR A 1 79  ? -1.967  -3.885  -12.046 1.00 30.98 ? 79  THR A OG1 1 
ATOM   620  C CG2 . THR A 1 79  ? -1.513  -6.017  -13.082 1.00 28.93 ? 79  THR A CG2 1 
ATOM   621  N N   . TRP A 1 80  ? -4.730  -2.965  -13.717 1.00 25.26 ? 80  TRP A N   1 
ATOM   622  C CA  . TRP A 1 80  ? -5.646  -1.937  -13.171 1.00 25.16 ? 80  TRP A CA  1 
ATOM   623  C C   . TRP A 1 80  ? -5.441  -1.850  -11.670 1.00 22.14 ? 80  TRP A C   1 
ATOM   624  O O   . TRP A 1 80  ? -5.575  -2.874  -11.004 1.00 22.46 ? 80  TRP A O   1 
ATOM   625  C CB  . TRP A 1 80  ? -7.104  -2.263  -13.514 1.00 27.98 ? 80  TRP A CB  1 
ATOM   626  C CG  . TRP A 1 80  ? -7.402  -2.271  -14.980 1.00 27.00 ? 80  TRP A CG  1 
ATOM   627  C CD1 . TRP A 1 80  ? -7.963  -3.299  -15.682 1.00 30.05 ? 80  TRP A CD1 1 
ATOM   628  C CD2 . TRP A 1 80  ? -7.181  -1.218  -15.935 1.00 28.19 ? 80  TRP A CD2 1 
ATOM   629  N NE1 . TRP A 1 80  ? -8.131  -2.948  -16.989 1.00 29.74 ? 80  TRP A NE1 1 
ATOM   630  C CE2 . TRP A 1 80  ? -7.686  -1.671  -17.173 1.00 29.13 ? 80  TRP A CE2 1 
ATOM   631  C CE3 . TRP A 1 80  ? -6.648  0.072   -15.873 1.00 31.24 ? 80  TRP A CE3 1 
ATOM   632  C CZ2 . TRP A 1 80  ? -7.616  -0.910  -18.333 1.00 27.96 ? 80  TRP A CZ2 1 
ATOM   633  C CZ3 . TRP A 1 80  ? -6.586  0.838   -17.020 1.00 30.53 ? 80  TRP A CZ3 1 
ATOM   634  C CH2 . TRP A 1 80  ? -7.095  0.359   -18.228 1.00 32.02 ? 80  TRP A CH2 1 
ATOM   635  N N   . LEU A 1 81  ? -5.150  -0.644  -11.183 1.00 22.93 ? 81  LEU A N   1 
ATOM   636  C CA  . LEU A 1 81  ? -4.987  -0.344  -9.747  1.00 23.32 ? 81  LEU A CA  1 
ATOM   637  C C   . LEU A 1 81  ? -6.183  -0.901  -8.974  1.00 23.49 ? 81  LEU A C   1 
ATOM   638  O O   . LEU A 1 81  ? -5.965  -1.421  -7.880  1.00 24.63 ? 81  LEU A O   1 
ATOM   639  C CB  . LEU A 1 81  ? -4.879  1.166   -9.583  1.00 21.80 ? 81  LEU A CB  1 
ATOM   640  C CG  . LEU A 1 81  ? -4.764  1.706   -8.168  1.00 21.54 ? 81  LEU A CG  1 
ATOM   641  C CD1 . LEU A 1 81  ? -3.510  1.191   -7.459  1.00 23.49 ? 81  LEU A CD1 1 
ATOM   642  C CD2 . LEU A 1 81  ? -4.722  3.227   -8.217  1.00 21.87 ? 81  LEU A CD2 1 
ATOM   643  N N   . LYS A 1 82  ? -7.398  -0.751  -9.511  1.00 26.29 ? 82  LYS A N   1 
ATOM   644  C CA  . LYS A 1 82  ? -8.641  -1.097  -8.769  1.00 29.79 ? 82  LYS A CA  1 
ATOM   645  C C   . LYS A 1 82  ? -8.582  -2.588  -8.437  1.00 29.43 ? 82  LYS A C   1 
ATOM   646  O O   . LYS A 1 82  ? -9.076  -2.981  -7.370  1.00 31.44 ? 82  LYS A O   1 
ATOM   647  C CB  . LYS A 1 82  ? -9.889  -0.667  -9.556  1.00 32.73 ? 82  LYS A CB  1 
ATOM   648  C CG  . LYS A 1 82  ? -10.180 -1.404  -10.850 1.00 33.52 ? 82  LYS A CG  1 
ATOM   649  C CD  . LYS A 1 82  ? -10.937 -2.692  -10.650 1.00 42.98 ? 82  LYS A CD  1 
ATOM   650  C CE  . LYS A 1 82  ? -11.714 -3.145  -11.870 1.00 46.31 ? 82  LYS A CE  1 
ATOM   651  N NZ  . LYS A 1 82  ? -10.844 -3.315  -13.055 1.00 52.77 ? 82  LYS A NZ  1 
ATOM   652  N N   . ASP A 1 83  ? -7.970  -3.391  -9.301  1.00 29.05 ? 83  ASP A N   1 
ATOM   653  C CA  . ASP A 1 83  ? -7.866  -4.855  -9.088  1.00 30.65 ? 83  ASP A CA  1 
ATOM   654  C C   . ASP A 1 83  ? -6.900  -5.224  -7.951  1.00 32.58 ? 83  ASP A C   1 
ATOM   655  O O   . ASP A 1 83  ? -6.929  -6.396  -7.540  1.00 36.45 ? 83  ASP A O   1 
ATOM   656  C CB  . ASP A 1 83  ? -7.476  -5.564  -10.377 1.00 30.84 ? 83  ASP A CB  1 
ATOM   657  C CG  . ASP A 1 83  ? -8.577  -5.521  -11.413 1.00 34.69 ? 83  ASP A CG  1 
ATOM   658  O OD1 . ASP A 1 83  ? -8.245  -5.414  -12.591 1.00 32.93 ? 83  ASP A OD1 1 
ATOM   659  O OD2 . ASP A 1 83  ? -9.772  -5.567  -11.011 1.00 38.04 ? 83  ASP A OD2 1 
ATOM   660  N N   . ALA A 1 84  ? -6.041  -4.321  -7.483  1.00 28.38 ? 84  ALA A N   1 
ATOM   661  C CA  . ALA A 1 84  ? -5.030  -4.629  -6.441  1.00 25.06 ? 84  ALA A CA  1 
ATOM   662  C C   . ALA A 1 84  ? -5.422  -4.036  -5.097  1.00 24.79 ? 84  ALA A C   1 
ATOM   663  O O   . ALA A 1 84  ? -4.946  -4.552  -4.107  1.00 27.94 ? 84  ALA A O   1 
ATOM   664  C CB  . ALA A 1 84  ? -3.691  -4.103  -6.858  1.00 26.42 ? 84  ALA A CB  1 
ATOM   665  N N   . THR A 1 85  ? -6.222  -2.969  -5.064  1.00 21.92 ? 85  THR A N   1 
ATOM   666  C CA  . THR A 1 85  ? -6.498  -2.165  -3.843  1.00 23.91 ? 85  THR A CA  1 
ATOM   667  C C   . THR A 1 85  ? -7.905  -2.452  -3.287  1.00 24.84 ? 85  THR A C   1 
ATOM   668  O O   . THR A 1 85  ? -8.193  -2.036  -2.161  1.00 26.00 ? 85  THR A O   1 
ATOM   669  C CB  . THR A 1 85  ? -6.362  -0.671  -4.146  1.00 23.32 ? 85  THR A CB  1 
ATOM   670  O OG1 . THR A 1 85  ? -7.214  -0.366  -5.243  1.00 25.28 ? 85  THR A OG1 1 
ATOM   671  C CG2 . THR A 1 85  ? -4.936  -0.296  -4.484  1.00 26.68 ? 85  THR A CG2 1 
ATOM   672  N N   . GLY A 1 86  ? -8.717  -3.180  -4.039  1.00 26.21 ? 86  GLY A N   1 
ATOM   673  C CA  . GLY A 1 86  ? -10.074 -3.570  -3.627  1.00 28.51 ? 86  GLY A CA  1 
ATOM   674  C C   . GLY A 1 86  ? -10.046 -4.414  -2.368  1.00 27.38 ? 86  GLY A C   1 
ATOM   675  O O   . GLY A 1 86  ? -9.144  -5.270  -2.215  1.00 23.78 ? 86  GLY A O   1 
ATOM   676  N N   . ASN A 1 87  ? -10.974 -4.136  -1.452  1.00 26.91 ? 87  ASN A N   1 
ATOM   677  C CA  . ASN A 1 87  ? -11.102 -4.858  -0.171  1.00 25.06 ? 87  ASN A CA  1 
ATOM   678  C C   . ASN A 1 87  ? -9.888  -4.571  0.727   1.00 23.97 ? 87  ASN A C   1 
ATOM   679  O O   . ASN A 1 87  ? -9.437  -5.466  1.470   1.00 24.18 ? 87  ASN A O   1 
ATOM   680  C CB  . ASN A 1 87  ? -11.272 -6.339  -0.439  1.00 24.07 ? 87  ASN A CB  1 
ATOM   681  C CG  . ASN A 1 87  ? -12.375 -6.912  0.411   1.00 22.53 ? 87  ASN A CG  1 
ATOM   682  O OD1 . ASN A 1 87  ? -12.802 -6.271  1.371   1.00 23.47 ? 87  ASN A OD1 1 
ATOM   683  N ND2 . ASN A 1 87  ? -12.857 -8.070  0.025   1.00 23.62 ? 87  ASN A ND2 1 
ATOM   684  N N   . THR A 1 88  ? -9.365  -3.355  0.643   1.00 22.35 ? 88  THR A N   1 
ATOM   685  C CA  . THR A 1 88  ? -8.341  -2.801  1.569   1.00 23.69 ? 88  THR A CA  1 
ATOM   686  C C   . THR A 1 88  ? -8.788  -1.404  1.961   1.00 20.02 ? 88  THR A C   1 
ATOM   687  O O   . THR A 1 88  ? -9.712  -0.870  1.356   1.00 23.89 ? 88  THR A O   1 
ATOM   688  C CB  . THR A 1 88  ? -6.945  -2.702  0.934   1.00 25.74 ? 88  THR A CB  1 
ATOM   689  O OG1 . THR A 1 88  ? -6.922  -1.568  0.058   1.00 24.05 ? 88  THR A OG1 1 
ATOM   690  C CG2 . THR A 1 88  ? -6.551  -3.948  0.172   1.00 27.31 ? 88  THR A CG2 1 
ATOM   691  N N   . PRO A 1 89  ? -8.177  -0.788  2.985   1.00 22.11 ? 89  PRO A N   1 
ATOM   692  C CA  . PRO A 1 89  ? -8.519  0.579   3.354   1.00 23.61 ? 89  PRO A CA  1 
ATOM   693  C C   . PRO A 1 89  ? -7.996  1.629   2.355   1.00 23.62 ? 89  PRO A C   1 
ATOM   694  O O   . PRO A 1 89  ? -8.047  2.814   2.675   1.00 23.33 ? 89  PRO A O   1 
ATOM   695  C CB  . PRO A 1 89  ? -7.899  0.747   4.754   1.00 24.02 ? 89  PRO A CB  1 
ATOM   696  C CG  . PRO A 1 89  ? -7.372  -0.629  5.179   1.00 23.88 ? 89  PRO A CG  1 
ATOM   697  C CD  . PRO A 1 89  ? -7.184  -1.388  3.899   1.00 22.44 ? 89  PRO A CD  1 
ATOM   698  N N   . PHE A 1 90  ? -7.505  1.210   1.188   1.00 22.07 ? 90  PHE A N   1 
ATOM   699  C CA  . PHE A 1 90  ? -7.030  2.153   0.144   1.00 23.20 ? 90  PHE A CA  1 
ATOM   700  C C   . PHE A 1 90  ? -8.119  3.202   -0.125  1.00 21.83 ? 90  PHE A C   1 
ATOM   701  O O   . PHE A 1 90  ? -7.791  4.386   -0.263  1.00 20.09 ? 90  PHE A O   1 
ATOM   702  C CB  . PHE A 1 90  ? -6.639  1.428   -1.135  1.00 21.38 ? 90  PHE A CB  1 
ATOM   703  C CG  . PHE A 1 90  ? -5.916  2.287   -2.140  1.00 22.15 ? 90  PHE A CG  1 
ATOM   704  C CD1 . PHE A 1 90  ? -4.564  2.591   -1.976  1.00 21.84 ? 90  PHE A CD1 1 
ATOM   705  C CD2 . PHE A 1 90  ? -6.557  2.750   -3.276  1.00 21.66 ? 90  PHE A CD2 1 
ATOM   706  C CE1 . PHE A 1 90  ? -3.876  3.329   -2.931  1.00 22.74 ? 90  PHE A CE1 1 
ATOM   707  C CE2 . PHE A 1 90  ? -5.863  3.477   -4.233  1.00 20.33 ? 90  PHE A CE2 1 
ATOM   708  C CZ  . PHE A 1 90  ? -4.529  3.788   -4.041  1.00 21.26 ? 90  PHE A CZ  1 
ATOM   709  N N   . MET A 1 91  ? -9.377  2.779   -0.187  1.00 22.29 ? 91  MET A N   1 
ATOM   710  C CA  . MET A 1 91  ? -10.518 3.686   -0.480  1.00 25.17 ? 91  MET A CA  1 
ATOM   711  C C   . MET A 1 91  ? -10.652 4.798   0.578   1.00 22.43 ? 91  MET A C   1 
ATOM   712  O O   . MET A 1 91  ? -11.270 5.864   0.238   1.00 23.43 ? 91  MET A O   1 
ATOM   713  C CB  . MET A 1 91  ? -11.810 2.871   -0.525  1.00 28.42 ? 91  MET A CB  1 
ATOM   714  C CG  . MET A 1 91  ? -12.032 2.176   0.796   1.00 34.86 ? 91  MET A CG  1 
ATOM   715  S SD  . MET A 1 91  ? -13.669 1.492   0.939   1.00 39.81 ? 91  MET A SD  1 
ATOM   716  C CE  . MET A 1 91  ? -13.558 1.046   2.672   1.00 36.52 ? 91  MET A CE  1 
ATOM   717  N N   . LEU A 1 92  ? -10.179 4.584   1.807   1.00 21.49 ? 92  LEU A N   1 
ATOM   718  C CA  . LEU A 1 92  ? -10.269 5.608   2.887   1.00 24.32 ? 92  LEU A CA  1 
ATOM   719  C C   . LEU A 1 92  ? -9.429  6.832   2.489   1.00 26.04 ? 92  LEU A C   1 
ATOM   720  O O   . LEU A 1 92  ? -9.727  7.927   2.946   1.00 24.02 ? 92  LEU A O   1 
ATOM   721  C CB  . LEU A 1 92  ? -9.832  5.027   4.235   1.00 24.21 ? 92  LEU A CB  1 
ATOM   722  C CG  . LEU A 1 92  ? -10.656 3.868   4.801   1.00 25.20 ? 92  LEU A CG  1 
ATOM   723  C CD1 . LEU A 1 92  ? -10.250 3.573   6.227   1.00 24.88 ? 92  LEU A CD1 1 
ATOM   724  C CD2 . LEU A 1 92  ? -12.125 4.182   4.733   1.00 26.86 ? 92  LEU A CD2 1 
ATOM   725  N N   . ILE A 1 93  ? -8.390  6.625   1.680   1.00 26.38 ? 93  ILE A N   1 
ATOM   726  C CA  . ILE A 1 93  ? -7.551  7.704   1.098   1.00 25.84 ? 93  ILE A CA  1 
ATOM   727  C C   . ILE A 1 93  ? -8.104  8.086   -0.265  1.00 25.90 ? 93  ILE A C   1 
ATOM   728  O O   . ILE A 1 93  ? -8.238  9.288   -0.537  1.00 28.14 ? 93  ILE A O   1 
ATOM   729  C CB  . ILE A 1 93  ? -6.081  7.233   1.002   1.00 27.30 ? 93  ILE A CB  1 
ATOM   730  C CG1 . ILE A 1 93  ? -5.564  6.703   2.342   1.00 28.57 ? 93  ILE A CG1 1 
ATOM   731  C CG2 . ILE A 1 93  ? -5.219  8.337   0.453   1.00 26.67 ? 93  ILE A CG2 1 
ATOM   732  C CD1 . ILE A 1 93  ? -5.753  7.669   3.501   1.00 27.59 ? 93  ILE A CD1 1 
ATOM   733  N N   . ALA A 1 94  ? -8.345  7.108   -1.130  1.00 24.61 ? 94  ALA A N   1 
ATOM   734  C CA  . ALA A 1 94  ? -8.524  7.338   -2.583  1.00 25.64 ? 94  ALA A CA  1 
ATOM   735  C C   . ALA A 1 94  ? -9.899  7.953   -2.855  1.00 27.52 ? 94  ALA A C   1 
ATOM   736  O O   . ALA A 1 94  ? -10.093 8.522   -3.936  1.00 28.07 ? 94  ALA A O   1 
ATOM   737  C CB  . ALA A 1 94  ? -8.363  6.074   -3.383  1.00 23.96 ? 94  ALA A CB  1 
ATOM   738  N N   . ARG A 1 95  ? -10.834 7.750   -1.945  1.00 28.15 ? 95  ARG A N   1 
ATOM   739  C CA  . ARG A 1 95  ? -12.244 8.135   -2.150  1.00 31.35 ? 95  ARG A CA  1 
ATOM   740  C C   . ARG A 1 95  ? -12.712 8.896   -0.910  1.00 35.46 ? 95  ARG A C   1 
ATOM   741  O O   . ARG A 1 95  ? -13.321 9.936   -1.071  1.00 36.79 ? 95  ARG A O   1 
ATOM   742  C CB  . ARG A 1 95  ? -12.946 6.803   -2.387  1.00 31.95 ? 95  ARG A CB  1 
ATOM   743  C CG  . ARG A 1 95  ? -14.444 6.866   -2.538  1.00 31.55 ? 95  ARG A CG  1 
ATOM   744  C CD  . ARG A 1 95  ? -14.775 5.592   -3.257  1.00 28.60 ? 95  ARG A CD  1 
ATOM   745  N NE  . ARG A 1 95  ? -15.194 4.542   -2.350  1.00 25.99 ? 95  ARG A NE  1 
ATOM   746  C CZ  . ARG A 1 95  ? -15.564 3.335   -2.744  1.00 23.00 ? 95  ARG A CZ  1 
ATOM   747  N NH1 . ARG A 1 95  ? -15.510 3.014   -4.032  1.00 20.72 ? 95  ARG A NH1 1 
ATOM   748  N NH2 . ARG A 1 95  ? -15.994 2.462   -1.831  1.00 24.99 ? 95  ARG A NH2 1 
ATOM   749  N N   . ASN A 1 96  ? -12.537 8.301   0.270   1.00 40.57 ? 96  ASN A N   1 
ATOM   750  C CA  . ASN A 1 96  ? -12.704 8.985   1.574   1.00 49.22 ? 96  ASN A CA  1 
ATOM   751  C C   . ASN A 1 96  ? -14.173 9.416   1.766   1.00 48.33 ? 96  ASN A C   1 
ATOM   752  O O   . ASN A 1 96  ? -14.387 10.403  2.499   1.00 53.78 ? 96  ASN A O   1 
ATOM   753  C CB  . ASN A 1 96  ? -11.678 10.122  1.631   1.00 47.02 ? 96  ASN A CB  1 
ATOM   754  C CG  . ASN A 1 96  ? -11.401 10.675  3.014   1.00 56.79 ? 96  ASN A CG  1 
ATOM   755  O OD1 . ASN A 1 96  ? -11.594 10.007  4.039   1.00 51.73 ? 96  ASN A OD1 1 
ATOM   756  N ND2 . ASN A 1 96  ? -10.912 11.909  3.044   1.00 58.46 ? 96  ASN A ND2 1 
ATOM   757  N N   . GLN A 1 97  ? -15.131 8.716   1.135   1.00 44.29 ? 97  GLN A N   1 
ATOM   758  C CA  . GLN A 1 97  ? -16.605 8.838   1.367   1.00 41.13 ? 97  GLN A CA  1 
ATOM   759  C C   . GLN A 1 97  ? -16.889 8.347   2.794   1.00 40.87 ? 97  GLN A C   1 
ATOM   760  O O   . GLN A 1 97  ? -16.256 7.344   3.252   1.00 35.48 ? 97  GLN A O   1 
ATOM   761  C CB  . GLN A 1 97  ? -17.437 7.992   0.400   1.00 36.93 ? 97  GLN A CB  1 
ATOM   762  C CG  . GLN A 1 97  ? -17.292 8.288   -1.087  1.00 38.35 ? 97  GLN A CG  1 
ATOM   763  C CD  . GLN A 1 97  ? -17.702 7.106   -1.947  1.00 45.76 ? 97  GLN A CD  1 
ATOM   764  O OE1 . GLN A 1 97  ? -17.695 5.958   -1.514  1.00 48.84 ? 97  GLN A OE1 1 
ATOM   765  N NE2 . GLN A 1 97  ? -18.036 7.345   -3.209  1.00 49.41 ? 97  GLN A NE2 1 
ATOM   766  N N   . SER A 1 98  ? -17.787 9.014   3.517   1.00 35.77 ? 98  SER A N   1 
ATOM   767  C CA  . SER A 1 98  ? -17.983 8.739   4.957   1.00 32.56 ? 98  SER A CA  1 
ATOM   768  C C   . SER A 1 98  ? -18.342 7.258   5.134   1.00 29.14 ? 98  SER A C   1 
ATOM   769  O O   . SER A 1 98  ? -17.809 6.623   6.037   1.00 26.62 ? 98  SER A O   1 
ATOM   770  C CB  . SER A 1 98  ? -19.019 9.659   5.565   1.00 36.84 ? 98  SER A CB  1 
ATOM   771  O OG  . SER A 1 98  ? -20.005 9.972   4.594   1.00 45.75 ? 98  SER A OG  1 
ATOM   772  N N   . SER A 1 99  ? -19.202 6.697   4.293   1.00 24.42 ? 99  SER A N   1 
ATOM   773  C CA  . SER A 1 99  ? -19.622 5.279   4.455   1.00 26.39 ? 99  SER A CA  1 
ATOM   774  C C   . SER A 1 99  ? -18.441 4.315   4.232   1.00 24.76 ? 99  SER A C   1 
ATOM   775  O O   . SER A 1 99  ? -18.492 3.202   4.832   1.00 26.12 ? 99  SER A O   1 
ATOM   776  C CB  . SER A 1 99  ? -20.764 4.943   3.585   1.00 23.97 ? 99  SER A CB  1 
ATOM   777  O OG  . SER A 1 99  ? -20.371 5.034   2.250   1.00 30.53 ? 99  SER A OG  1 
ATOM   778  N N   . ASP A 1 100 ? -17.397 4.702   3.484   1.00 20.81 ? 100 ASP A N   1 
ATOM   779  C CA  . ASP A 1 100 ? -16.161 3.862   3.376   1.00 23.84 ? 100 ASP A CA  1 
ATOM   780  C C   . ASP A 1 100 ? -15.558 3.570   4.760   1.00 22.50 ? 100 ASP A C   1 
ATOM   781  O O   . ASP A 1 100 ? -15.142 2.402   5.023   1.00 22.03 ? 100 ASP A O   1 
ATOM   782  C CB  . ASP A 1 100 ? -15.116 4.496   2.477   1.00 23.28 ? 100 ASP A CB  1 
ATOM   783  C CG  . ASP A 1 100 ? -15.528 4.538   1.031   1.00 27.25 ? 100 ASP A CG  1 
ATOM   784  O OD1 . ASP A 1 100 ? -16.456 3.778   0.650   1.00 28.71 ? 100 ASP A OD1 1 
ATOM   785  O OD2 . ASP A 1 100 ? -14.961 5.337   0.321   1.00 26.71 ? 100 ASP A OD2 1 
ATOM   786  N N   . TRP A 1 101 ? -15.508 4.573   5.635   1.00 21.95 ? 101 TRP A N   1 
ATOM   787  C CA  . TRP A 1 101 ? -14.955 4.433   7.001   1.00 21.32 ? 101 TRP A CA  1 
ATOM   788  C C   . TRP A 1 101 ? -15.799 3.415   7.789   1.00 20.98 ? 101 TRP A C   1 
ATOM   789  O O   . TRP A 1 101 ? -15.240 2.745   8.679   1.00 22.20 ? 101 TRP A O   1 
ATOM   790  C CB  . TRP A 1 101 ? -14.880 5.797   7.714   1.00 22.29 ? 101 TRP A CB  1 
ATOM   791  C CG  . TRP A 1 101 ? -13.783 6.622   7.131   1.00 23.94 ? 101 TRP A CG  1 
ATOM   792  C CD1 . TRP A 1 101 ? -13.842 7.355   5.980   1.00 24.10 ? 101 TRP A CD1 1 
ATOM   793  C CD2 . TRP A 1 101 ? -12.414 6.644   7.555   1.00 25.10 ? 101 TRP A CD2 1 
ATOM   794  N NE1 . TRP A 1 101 ? -12.606 7.845   5.677   1.00 26.77 ? 101 TRP A NE1 1 
ATOM   795  C CE2 . TRP A 1 101 ? -11.717 7.467   6.641   1.00 26.59 ? 101 TRP A CE2 1 
ATOM   796  C CE3 . TRP A 1 101 ? -11.720 6.092   8.638   1.00 26.55 ? 101 TRP A CE3 1 
ATOM   797  C CZ2 . TRP A 1 101 ? -10.364 7.770   6.784   1.00 25.65 ? 101 TRP A CZ2 1 
ATOM   798  C CZ3 . TRP A 1 101 ? -10.382 6.376   8.769   1.00 25.87 ? 101 TRP A CZ3 1 
ATOM   799  C CH2 . TRP A 1 101 ? -9.718  7.191   7.850   1.00 27.34 ? 101 TRP A CH2 1 
ATOM   800  N N   . GLN A 1 102 ? -17.093 3.310   7.471   1.00 21.94 ? 102 GLN A N   1 
ATOM   801  C CA  . GLN A 1 102 ? -18.070 2.442   8.192   1.00 21.53 ? 102 GLN A CA  1 
ATOM   802  C C   . GLN A 1 102 ? -17.894 0.978   7.793   1.00 19.12 ? 102 GLN A C   1 
ATOM   803  O O   . GLN A 1 102 ? -18.498 0.135   8.425   1.00 18.46 ? 102 GLN A O   1 
ATOM   804  C CB  . GLN A 1 102 ? -19.506 2.878   7.897   1.00 24.78 ? 102 GLN A CB  1 
ATOM   805  C CG  . GLN A 1 102 ? -19.888 4.212   8.512   1.00 28.34 ? 102 GLN A CG  1 
ATOM   806  C CD  . GLN A 1 102 ? -19.921 4.132   10.014  1.00 33.43 ? 102 GLN A CD  1 
ATOM   807  O OE1 . GLN A 1 102 ? -20.441 3.184   10.592  1.00 33.82 ? 102 GLN A OE1 1 
ATOM   808  N NE2 . GLN A 1 102 ? -19.331 5.121   10.665  1.00 36.52 ? 102 GLN A NE2 1 
ATOM   809  N N   . GLN A 1 103 ? -17.048 0.683   6.823   1.00 18.37 ? 103 GLN A N   1 
ATOM   810  C CA  . GLN A 1 103 ? -16.699 -0.722  6.475   1.00 19.45 ? 103 GLN A CA  1 
ATOM   811  C C   . GLN A 1 103 ? -15.817 -1.321  7.563   1.00 19.70 ? 103 GLN A C   1 
ATOM   812  O O   . GLN A 1 103 ? -15.734 -2.541  7.649   1.00 20.02 ? 103 GLN A O   1 
ATOM   813  C CB  . GLN A 1 103 ? -15.927 -0.847  5.163   1.00 19.13 ? 103 GLN A CB  1 
ATOM   814  C CG  . GLN A 1 103 ? -16.776 -0.676  3.915   1.00 20.22 ? 103 GLN A CG  1 
ATOM   815  C CD  . GLN A 1 103 ? -15.990 -1.024  2.669   1.00 22.60 ? 103 GLN A CD  1 
ATOM   816  O OE1 . GLN A 1 103 ? -16.218 -0.473  1.591   1.00 23.84 ? 103 GLN A OE1 1 
ATOM   817  N NE2 . GLN A 1 103 ? -15.028 -1.921  2.823   1.00 22.74 ? 103 GLN A NE2 1 
ATOM   818  N N   . TYR A 1 104 ? -15.149 -0.514  8.381   1.00 18.42 ? 104 TYR A N   1 
ATOM   819  C CA  . TYR A 1 104 ? -14.144 -1.049  9.321   1.00 19.32 ? 104 TYR A CA  1 
ATOM   820  C C   . TYR A 1 104 ? -14.579 -0.753  10.731  1.00 20.58 ? 104 TYR A C   1 
ATOM   821  O O   . TYR A 1 104 ? -14.984 0.395   10.971  1.00 19.14 ? 104 TYR A O   1 
ATOM   822  C CB  . TYR A 1 104 ? -12.761 -0.456  9.053   1.00 21.43 ? 104 TYR A CB  1 
ATOM   823  C CG  . TYR A 1 104 ? -12.212 -0.930  7.734   1.00 21.04 ? 104 TYR A CG  1 
ATOM   824  C CD1 . TYR A 1 104 ? -11.519 -2.137  7.650   1.00 20.90 ? 104 TYR A CD1 1 
ATOM   825  C CD2 . TYR A 1 104 ? -12.388 -0.194  6.571   1.00 22.91 ? 104 TYR A CD2 1 
ATOM   826  C CE1 . TYR A 1 104 ? -11.046 -2.606  6.437   1.00 20.18 ? 104 TYR A CE1 1 
ATOM   827  C CE2 . TYR A 1 104 ? -11.906 -0.652  5.354   1.00 20.71 ? 104 TYR A CE2 1 
ATOM   828  C CZ  . TYR A 1 104 ? -11.243 -1.873  5.285   1.00 21.54 ? 104 TYR A CZ  1 
ATOM   829  O OH  . TYR A 1 104 ? -10.814 -2.374  4.080   1.00 24.74 ? 104 TYR A OH  1 
ATOM   830  N N   . ASN A 1 105 ? -14.402 -1.725  11.619  1.00 19.76 ? 105 ASN A N   1 
ATOM   831  C CA  . ASN A 1 105 ? -14.296 -1.448  13.077  1.00 23.02 ? 105 ASN A CA  1 
ATOM   832  C C   . ASN A 1 105 ? -12.882 -0.953  13.362  1.00 21.88 ? 105 ASN A C   1 
ATOM   833  O O   . ASN A 1 105 ? -11.935 -1.701  13.062  1.00 19.12 ? 105 ASN A O   1 
ATOM   834  C CB  . ASN A 1 105 ? -14.652 -2.665  13.931  1.00 25.50 ? 105 ASN A CB  1 
ATOM   835  C CG  . ASN A 1 105 ? -16.146 -2.932  13.931  1.00 33.75 ? 105 ASN A CG  1 
ATOM   836  O OD1 . ASN A 1 105 ? -16.955 -2.014  14.159  1.00 37.13 ? 105 ASN A OD1 1 
ATOM   837  N ND2 . ASN A 1 105 ? -16.530 -4.177  13.679  1.00 34.28 ? 105 ASN A ND2 1 
ATOM   838  N N   . ILE A 1 106 ? -12.758 0.276   13.869  1.00 20.62 ? 106 ILE A N   1 
ATOM   839  C CA  . ILE A 1 106 ? -11.457 0.952   14.110  1.00 19.18 ? 106 ILE A CA  1 
ATOM   840  C C   . ILE A 1 106 ? -11.313 1.176   15.618  1.00 22.79 ? 106 ILE A C   1 
ATOM   841  O O   . ILE A 1 106 ? -12.260 1.703   16.236  1.00 23.88 ? 106 ILE A O   1 
ATOM   842  C CB  . ILE A 1 106 ? -11.330 2.247   13.307  1.00 19.46 ? 106 ILE A CB  1 
ATOM   843  C CG1 . ILE A 1 106 ? -11.585 1.980   11.822  1.00 22.24 ? 106 ILE A CG1 1 
ATOM   844  C CG2 . ILE A 1 106 ? -9.964  2.828   13.572  1.00 21.49 ? 106 ILE A CG2 1 
ATOM   845  C CD1 . ILE A 1 106 ? -11.642 3.207   10.957  1.00 23.88 ? 106 ILE A CD1 1 
ATOM   846  N N   . LYS A 1 107 ? -10.215 0.689   16.187  1.00 23.12 ? 107 LYS A N   1 
ATOM   847  C CA  . LYS A 1 107 ? -9.913  0.808   17.627  1.00 26.36 ? 107 LYS A CA  1 
ATOM   848  C C   . LYS A 1 107 ? -8.540  1.449   17.740  1.00 25.17 ? 107 LYS A C   1 
ATOM   849  O O   . LYS A 1 107 ? -7.677  1.164   16.896  1.00 24.00 ? 107 LYS A O   1 
ATOM   850  C CB  . LYS A 1 107 ? -10.065 -0.542  18.332  1.00 31.94 ? 107 LYS A CB  1 
ATOM   851  C CG  . LYS A 1 107 ? -11.347 -1.271  17.946  1.00 39.27 ? 107 LYS A CG  1 
ATOM   852  C CD  . LYS A 1 107 ? -12.010 -2.087  19.032  1.00 42.35 ? 107 LYS A CD  1 
ATOM   853  C CE  . LYS A 1 107 ? -11.076 -3.061  19.702  1.00 46.92 ? 107 LYS A CE  1 
ATOM   854  N NZ  . LYS A 1 107 ? -11.791 -3.923  20.680  1.00 50.76 ? 107 LYS A NZ  1 
ATOM   855  N N   . GLN A 1 108 ? -8.390  2.303   18.759  1.00 24.70 ? 108 GLN A N   1 
ATOM   856  C CA  . GLN A 1 108 ? -7.217  3.174   19.028  1.00 25.03 ? 108 GLN A CA  1 
ATOM   857  C C   . GLN A 1 108 ? -6.583  2.820   20.371  1.00 25.78 ? 108 GLN A C   1 
ATOM   858  O O   . GLN A 1 108 ? -7.331  2.597   21.341  1.00 29.08 ? 108 GLN A O   1 
ATOM   859  C CB  . GLN A 1 108 ? -7.682  4.614   19.124  1.00 26.60 ? 108 GLN A CB  1 
ATOM   860  C CG  . GLN A 1 108 ? -6.533  5.581   19.241  1.00 27.61 ? 108 GLN A CG  1 
ATOM   861  C CD  . GLN A 1 108 ? -6.972  7.001   18.996  1.00 27.54 ? 108 GLN A CD  1 
ATOM   862  O OE1 . GLN A 1 108 ? -8.151  7.290   18.827  1.00 30.81 ? 108 GLN A OE1 1 
ATOM   863  N NE2 . GLN A 1 108 ? -6.004  7.896   18.953  1.00 30.37 ? 108 GLN A NE2 1 
ATOM   864  N N   . ASN A 1 109 ? -5.273  2.756   20.401  1.00 27.51 ? 109 ASN A N   1 
ATOM   865  C CA  . ASN A 1 109 ? -4.443  2.804   21.624  1.00 32.03 ? 109 ASN A CA  1 
ATOM   866  C C   . ASN A 1 109 ? -3.357  3.824   21.380  1.00 28.43 ? 109 ASN A C   1 
ATOM   867  O O   . ASN A 1 109 ? -2.340  3.463   20.753  1.00 28.50 ? 109 ASN A O   1 
ATOM   868  C CB  . ASN A 1 109 ? -3.778  1.481   21.997  1.00 34.35 ? 109 ASN A CB  1 
ATOM   869  C CG  . ASN A 1 109 ? -2.887  1.679   23.210  1.00 40.00 ? 109 ASN A CG  1 
ATOM   870  O OD1 . ASN A 1 109 ? -3.164  2.528   24.045  1.00 40.34 ? 109 ASN A OD1 1 
ATOM   871  N ND2 . ASN A 1 109 ? -1.783  0.957   23.281  1.00 43.66 ? 109 ASN A ND2 1 
ATOM   872  N N   . GLY A 1 110 ? -3.587  5.072   21.780  1.00 30.31 ? 110 GLY A N   1 
ATOM   873  C CA  . GLY A 1 110 ? -2.585  6.133   21.543  1.00 28.97 ? 110 GLY A CA  1 
ATOM   874  C C   . GLY A 1 110 ? -2.500  6.481   20.068  1.00 26.95 ? 110 GLY A C   1 
ATOM   875  O O   . GLY A 1 110 ? -3.520  6.927   19.519  1.00 29.31 ? 110 GLY A O   1 
ATOM   876  N N   . ASP A 1 111 ? -1.336  6.284   19.446  1.00 24.53 ? 111 ASP A N   1 
ATOM   877  C CA  . ASP A 1 111 ? -1.134  6.535   17.991  1.00 24.98 ? 111 ASP A CA  1 
ATOM   878  C C   . ASP A 1 111 ? -1.317  5.245   17.166  1.00 23.45 ? 111 ASP A C   1 
ATOM   879  O O   . ASP A 1 111 ? -1.166  5.349   15.953  1.00 20.69 ? 111 ASP A O   1 
ATOM   880  C CB  . ASP A 1 111 ? 0.236   7.135   17.728  1.00 25.36 ? 111 ASP A CB  1 
ATOM   881  C CG  . ASP A 1 111 ? 0.449   8.447   18.479  1.00 27.82 ? 111 ASP A CG  1 
ATOM   882  O OD1 . ASP A 1 111 ? -0.532  9.143   18.775  1.00 27.55 ? 111 ASP A OD1 1 
ATOM   883  O OD2 . ASP A 1 111 ? 1.558   8.712   18.789  1.00 31.90 ? 111 ASP A OD2 1 
ATOM   884  N N   . ASP A 1 112 ? -1.641  4.125   17.824  1.00 24.83 ? 112 ASP A N   1 
ATOM   885  C CA  . ASP A 1 112 ? -1.854  2.791   17.209  1.00 25.05 ? 112 ASP A CA  1 
ATOM   886  C C   . ASP A 1 112 ? -3.331  2.631   16.917  1.00 23.24 ? 112 ASP A C   1 
ATOM   887  O O   . ASP A 1 112 ? -4.193  2.818   17.810  1.00 22.54 ? 112 ASP A O   1 
ATOM   888  C CB  . ASP A 1 112 ? -1.386  1.643   18.095  1.00 29.95 ? 112 ASP A CB  1 
ATOM   889  C CG  . ASP A 1 112 ? 0.119   1.550   18.158  1.00 35.91 ? 112 ASP A CG  1 
ATOM   890  O OD1 . ASP A 1 112 ? 0.766   1.654   17.087  1.00 35.27 ? 112 ASP A OD1 1 
ATOM   891  O OD2 . ASP A 1 112 ? 0.637   1.403   19.274  1.00 46.66 ? 112 ASP A OD2 1 
ATOM   892  N N   . PHE A 1 113 ? -3.624  2.261   15.686  1.00 20.63 ? 113 PHE A N   1 
ATOM   893  C CA  . PHE A 1 113 ? -4.996  1.969   15.271  1.00 18.69 ? 113 PHE A CA  1 
ATOM   894  C C   . PHE A 1 113 ? -5.035  0.571   14.670  1.00 18.32 ? 113 PHE A C   1 
ATOM   895  O O   . PHE A 1 113 ? -4.154  0.169   13.922  1.00 17.20 ? 113 PHE A O   1 
ATOM   896  C CB  . PHE A 1 113 ? -5.477  2.994   14.270  1.00 19.25 ? 113 PHE A CB  1 
ATOM   897  C CG  . PHE A 1 113 ? -5.513  4.410   14.783  1.00 19.43 ? 113 PHE A CG  1 
ATOM   898  C CD1 . PHE A 1 113 ? -4.359  5.165   14.849  1.00 20.02 ? 113 PHE A CD1 1 
ATOM   899  C CD2 . PHE A 1 113 ? -6.712  4.971   15.202  1.00 21.29 ? 113 PHE A CD2 1 
ATOM   900  C CE1 . PHE A 1 113 ? -4.405  6.473   15.321  1.00 22.49 ? 113 PHE A CE1 1 
ATOM   901  C CE2 . PHE A 1 113 ? -6.757  6.292   15.637  1.00 22.60 ? 113 PHE A CE2 1 
ATOM   902  C CZ  . PHE A 1 113 ? -5.592  7.025   15.714  1.00 21.77 ? 113 PHE A CZ  1 
ATOM   903  N N   . VAL A 1 114 ? -6.152  -0.088  14.886  1.00 19.57 ? 114 VAL A N   1 
ATOM   904  C CA  . VAL A 1 114 ? -6.435  -1.400  14.268  1.00 19.70 ? 114 VAL A CA  1 
ATOM   905  C C   . VAL A 1 114 ? -7.768  -1.296  13.531  1.00 19.30 ? 114 VAL A C   1 
ATOM   906  O O   . VAL A 1 114 ? -8.740  -0.798  14.127  1.00 22.40 ? 114 VAL A O   1 
ATOM   907  C CB  . VAL A 1 114 ? -6.472  -2.484  15.355  1.00 19.86 ? 114 VAL A CB  1 
ATOM   908  C CG1 . VAL A 1 114 ? -6.758  -3.823  14.713  1.00 19.14 ? 114 VAL A CG1 1 
ATOM   909  C CG2 . VAL A 1 114 ? -5.162  -2.516  16.113  1.00 27.06 ? 114 VAL A CG2 1 
ATOM   910  N N   . LEU A 1 115 ? -7.784  -1.714  12.273  1.00 20.16 ? 115 LEU A N   1 
ATOM   911  C CA  . LEU A 1 115 ? -8.945  -1.675  11.367  1.00 19.28 ? 115 LEU A CA  1 
ATOM   912  C C   . LEU A 1 115 ? -9.295  -3.119  11.034  1.00 20.36 ? 115 LEU A C   1 
ATOM   913  O O   . LEU A 1 115 ? -8.413  -3.856  10.548  1.00 19.76 ? 115 LEU A O   1 
ATOM   914  C CB  . LEU A 1 115 ? -8.583  -0.906  10.093  1.00 18.64 ? 115 LEU A CB  1 
ATOM   915  C CG  . LEU A 1 115 ? -8.249  0.582   10.264  1.00 20.34 ? 115 LEU A CG  1 
ATOM   916  C CD1 . LEU A 1 115 ? -6.777  0.805   10.563  1.00 22.08 ? 115 LEU A CD1 1 
ATOM   917  C CD2 . LEU A 1 115 ? -8.634  1.338   9.012   1.00 20.18 ? 115 LEU A CD2 1 
ATOM   918  N N   . THR A 1 116 ? -10.515 -3.515  11.361  1.00 19.32 ? 116 THR A N   1 
ATOM   919  C CA  . THR A 1 116 ? -11.028 -4.862  11.144  1.00 19.04 ? 116 THR A CA  1 
ATOM   920  C C   . THR A 1 116 ? -12.228 -4.698  10.237  1.00 18.13 ? 116 THR A C   1 
ATOM   921  O O   . THR A 1 116 ? -13.188 -4.043  10.625  1.00 19.00 ? 116 THR A O   1 
ATOM   922  C CB  . THR A 1 116 ? -11.355 -5.529  12.474  1.00 18.73 ? 116 THR A CB  1 
ATOM   923  O OG1 . THR A 1 116 ? -10.249 -5.475  13.374  1.00 19.80 ? 116 THR A OG1 1 
ATOM   924  C CG2 . THR A 1 116 ? -11.743 -6.971  12.272  1.00 18.75 ? 116 THR A CG2 1 
ATOM   925  N N   . PRO A 1 117 ? -12.227 -5.308  9.046   1.00 17.93 ? 117 PRO A N   1 
ATOM   926  C CA  . PRO A 1 117 ? -13.371 -5.191  8.152   1.00 19.69 ? 117 PRO A CA  1 
ATOM   927  C C   . PRO A 1 117 ? -14.591 -5.873  8.782   1.00 21.75 ? 117 PRO A C   1 
ATOM   928  O O   . PRO A 1 117 ? -14.470 -6.937  9.362   1.00 17.95 ? 117 PRO A O   1 
ATOM   929  C CB  . PRO A 1 117 ? -12.936 -5.908  6.882   1.00 19.90 ? 117 PRO A CB  1 
ATOM   930  C CG  . PRO A 1 117 ? -11.890 -6.889  7.374   1.00 18.65 ? 117 PRO A CG  1 
ATOM   931  C CD  . PRO A 1 117 ? -11.171 -6.182  8.499   1.00 17.86 ? 117 PRO A CD  1 
ATOM   932  N N   . LYS A 1 118 ? -15.760 -5.270  8.601   1.00 20.59 ? 118 LYS A N   1 
ATOM   933  C CA  . LYS A 1 118 ? -16.989 -5.786  9.217   1.00 20.50 ? 118 LYS A CA  1 
ATOM   934  C C   . LYS A 1 118 ? -17.577 -6.937  8.417   1.00 21.03 ? 118 LYS A C   1 
ATOM   935  O O   . LYS A 1 118 ? -18.264 -7.764  9.027   1.00 20.05 ? 118 LYS A O   1 
ATOM   936  C CB  . LYS A 1 118 ? -17.994 -4.646  9.305   1.00 20.35 ? 118 LYS A CB  1 
ATOM   937  C CG  . LYS A 1 118 ? -17.530 -3.510  10.194  1.00 23.93 ? 118 LYS A CG  1 
ATOM   938  C CD  . LYS A 1 118 ? -18.578 -2.428  10.300  1.00 24.15 ? 118 LYS A CD  1 
ATOM   939  C CE  . LYS A 1 118 ? -18.254 -1.361  11.311  1.00 26.11 ? 118 LYS A CE  1 
ATOM   940  N NZ  . LYS A 1 118 ? -19.224 -0.248  11.176  1.00 28.18 ? 118 LYS A NZ  1 
ATOM   941  N N   . ALA A 1 119 ? -17.448 -6.936  7.099   1.00 19.78 ? 119 ALA A N   1 
ATOM   942  C CA  . ALA A 1 119 ? -18.279 -7.828  6.272   1.00 22.93 ? 119 ALA A CA  1 
ATOM   943  C C   . ALA A 1 119 ? -17.510 -8.211  5.022   1.00 21.03 ? 119 ALA A C   1 
ATOM   944  O O   . ALA A 1 119 ? -18.134 -8.351  3.995   1.00 22.85 ? 119 ALA A O   1 
ATOM   945  C CB  . ALA A 1 119 ? -19.615 -7.174  5.959   1.00 24.20 ? 119 ALA A CB  1 
ATOM   946  N N   . SER A 1 120 ? -16.196 -8.384  5.128   1.00 20.18 ? 120 SER A N   1 
ATOM   947  C CA  . SER A 1 120 ? -15.335 -8.777  3.993   1.00 21.46 ? 120 SER A CA  1 
ATOM   948  C C   . SER A 1 120 ? -15.311 -10.310 3.828   1.00 21.86 ? 120 SER A C   1 
ATOM   949  O O   . SER A 1 120 ? -15.274 -10.999 4.814   1.00 24.17 ? 120 SER A O   1 
ATOM   950  C CB  . SER A 1 120 ? -13.950 -8.243  4.178   1.00 21.39 ? 120 SER A CB  1 
ATOM   951  O OG  . SER A 1 120 ? -13.121 -8.663  3.116   1.00 22.96 ? 120 SER A OG  1 
ATOM   952  N N   . ASN A 1 121 ? -15.247 -10.774 2.599   1.00 24.59 ? 121 ASN A N   1 
ATOM   953  C CA  . ASN A 1 121 ? -14.884 -12.159 2.209   1.00 27.63 ? 121 ASN A CA  1 
ATOM   954  C C   . ASN A 1 121 ? -13.405 -12.221 1.811   1.00 25.47 ? 121 ASN A C   1 
ATOM   955  O O   . ASN A 1 121 ? -13.033 -13.241 1.303   1.00 28.15 ? 121 ASN A O   1 
ATOM   956  C CB  . ASN A 1 121 ? -15.680 -12.630 0.981   1.00 31.39 ? 121 ASN A CB  1 
ATOM   957  C CG  . ASN A 1 121 ? -17.170 -12.728 1.227   1.00 37.22 ? 121 ASN A CG  1 
ATOM   958  O OD1 . ASN A 1 121 ? -17.601 -12.712 2.383   1.00 34.11 ? 121 ASN A OD1 1 
ATOM   959  N ND2 . ASN A 1 121 ? -17.963 -12.798 0.148   1.00 35.31 ? 121 ASN A ND2 1 
ATOM   960  N N   . GLY A 1 122 ? -12.617 -11.145 1.941   1.00 22.44 ? 122 GLY A N   1 
ATOM   961  C CA  . GLY A 1 122 ? -11.257 -11.097 1.383   1.00 22.51 ? 122 GLY A CA  1 
ATOM   962  C C   . GLY A 1 122 ? -10.234 -11.893 2.200   1.00 21.50 ? 122 GLY A C   1 
ATOM   963  O O   . GLY A 1 122 ? -10.544 -12.329 3.337   1.00 20.34 ? 122 GLY A O   1 
ATOM   964  N N   . ASN A 1 123 ? -9.026  -11.976 1.662   1.00 22.32 ? 123 ASN A N   1 
ATOM   965  C CA  . ASN A 1 123 ? -7.864  -12.623 2.318   1.00 24.98 ? 123 ASN A CA  1 
ATOM   966  C C   . ASN A 1 123 ? -7.336  -11.744 3.472   1.00 22.60 ? 123 ASN A C   1 
ATOM   967  O O   . ASN A 1 123 ? -6.792  -12.307 4.398   1.00 23.90 ? 123 ASN A O   1 
ATOM   968  C CB  . ASN A 1 123 ? -6.744  -12.890 1.316   1.00 28.75 ? 123 ASN A CB  1 
ATOM   969  C CG  . ASN A 1 123 ? -5.600  -13.693 1.897   1.00 30.00 ? 123 ASN A CG  1 
ATOM   970  O OD1 . ASN A 1 123 ? -5.799  -14.635 2.671   1.00 34.16 ? 123 ASN A OD1 1 
ATOM   971  N ND2 . ASN A 1 123 ? -4.385  -13.321 1.530   1.00 32.33 ? 123 ASN A ND2 1 
ATOM   972  N N   . LEU A 1 124 ? -7.480  -10.419 3.412   1.00 21.36 ? 124 LEU A N   1 
ATOM   973  C CA  . LEU A 1 124 ? -6.915  -9.530  4.465   1.00 22.40 ? 124 LEU A CA  1 
ATOM   974  C C   . LEU A 1 124 ? -7.954  -9.298  5.554   1.00 21.13 ? 124 LEU A C   1 
ATOM   975  O O   . LEU A 1 124 ? -9.089  -8.876  5.261   1.00 23.82 ? 124 LEU A O   1 
ATOM   976  C CB  . LEU A 1 124 ? -6.446  -8.243  3.812   1.00 23.68 ? 124 LEU A CB  1 
ATOM   977  C CG  . LEU A 1 124 ? -5.338  -8.427  2.778   1.00 26.08 ? 124 LEU A CG  1 
ATOM   978  C CD1 . LEU A 1 124 ? -4.978  -7.110  2.122   1.00 27.41 ? 124 LEU A CD1 1 
ATOM   979  C CD2 . LEU A 1 124 ? -4.106  -9.082  3.394   1.00 25.11 ? 124 LEU A CD2 1 
ATOM   980  N N   . LYS A 1 125 ? -7.617  -9.654  6.778   1.00 17.82 ? 125 LYS A N   1 
ATOM   981  C CA  . LYS A 1 125 ? -8.630  -9.644  7.860   1.00 19.45 ? 125 LYS A CA  1 
ATOM   982  C C   . LYS A 1 125 ? -8.311  -8.623  8.942   1.00 16.76 ? 125 LYS A C   1 
ATOM   983  O O   . LYS A 1 125 ? -9.106  -8.504  9.867   1.00 15.77 ? 125 LYS A O   1 
ATOM   984  C CB  . LYS A 1 125 ? -8.756  -11.022 8.481   1.00 21.00 ? 125 LYS A CB  1 
ATOM   985  C CG  . LYS A 1 125 ? -7.491  -11.567 9.074   1.00 21.42 ? 125 LYS A CG  1 
ATOM   986  C CD  . LYS A 1 125 ? -7.762  -12.918 9.675   1.00 21.36 ? 125 LYS A CD  1 
ATOM   987  C CE  . LYS A 1 125 ? -6.498  -13.556 10.169  1.00 23.20 ? 125 LYS A CE  1 
ATOM   988  N NZ  . LYS A 1 125 ? -6.741  -14.860 10.823  1.00 23.72 ? 125 LYS A NZ  1 
ATOM   989  N N   . GLN A 1 126 ? -7.176  -7.947  8.836   1.00 17.83 ? 126 GLN A N   1 
ATOM   990  C CA  . GLN A 1 126 ? -6.791  -6.875  9.782   1.00 17.17 ? 126 GLN A CA  1 
ATOM   991  C C   . GLN A 1 126 ? -5.775  -5.946  9.116   1.00 16.30 ? 126 GLN A C   1 
ATOM   992  O O   . GLN A 1 126 ? -4.904  -6.414  8.320   1.00 15.39 ? 126 GLN A O   1 
ATOM   993  C CB  . GLN A 1 126 ? -6.156  -7.444  11.040  1.00 18.23 ? 126 GLN A CB  1 
ATOM   994  C CG  . GLN A 1 126 ? -6.119  -6.484  12.238  1.00 18.83 ? 126 GLN A CG  1 
ATOM   995  C CD  . GLN A 1 126 ? -5.307  -7.078  13.371  1.00 17.48 ? 126 GLN A CD  1 
ATOM   996  O OE1 . GLN A 1 126 ? -4.084  -7.170  13.314  1.00 19.51 ? 126 GLN A OE1 1 
ATOM   997  N NE2 . GLN A 1 126 ? -5.984  -7.506  14.426  1.00 17.43 ? 126 GLN A NE2 1 
ATOM   998  N N   . PHE A 1 127 ? -5.902  -4.668  9.437   1.00 16.58 ? 127 PHE A N   1 
ATOM   999  C CA  . PHE A 1 127 ? -4.884  -3.640  9.120   1.00 16.44 ? 127 PHE A CA  1 
ATOM   1000 C C   . PHE A 1 127 ? -4.548  -2.939  10.428  1.00 16.60 ? 127 PHE A C   1 
ATOM   1001 O O   . PHE A 1 127 ? -5.427  -2.759  11.276  1.00 18.17 ? 127 PHE A O   1 
ATOM   1002 C CB  . PHE A 1 127 ? -5.380  -2.681  8.045   1.00 17.47 ? 127 PHE A CB  1 
ATOM   1003 C CG  . PHE A 1 127 ? -5.905  -3.396  6.833   1.00 20.05 ? 127 PHE A CG  1 
ATOM   1004 C CD1 . PHE A 1 127 ? -5.043  -3.741  5.796   1.00 20.36 ? 127 PHE A CD1 1 
ATOM   1005 C CD2 . PHE A 1 127 ? -7.229  -3.802  6.774   1.00 20.53 ? 127 PHE A CD2 1 
ATOM   1006 C CE1 . PHE A 1 127 ? -5.512  -4.462  4.703   1.00 20.20 ? 127 PHE A CE1 1 
ATOM   1007 C CE2 . PHE A 1 127 ? -7.689  -4.522  5.685   1.00 22.61 ? 127 PHE A CE2 1 
ATOM   1008 C CZ  . PHE A 1 127 ? -6.825  -4.864  4.662   1.00 22.02 ? 127 PHE A CZ  1 
ATOM   1009 N N   . THR A 1 128 ? -3.313  -2.493  10.527  1.00 16.63 ? 128 THR A N   1 
ATOM   1010 C CA  . THR A 1 128 ? -2.846  -1.619  11.628  1.00 17.33 ? 128 THR A CA  1 
ATOM   1011 C C   . THR A 1 128 ? -2.111  -0.418  11.031  1.00 17.64 ? 128 THR A C   1 
ATOM   1012 O O   . THR A 1 128 ? -1.506  -0.487  9.899   1.00 17.00 ? 128 THR A O   1 
ATOM   1013 C CB  . THR A 1 128 ? -1.980  -2.395  12.641  1.00 18.49 ? 128 THR A CB  1 
ATOM   1014 O OG1 . THR A 1 128 ? -0.712  -2.707  12.049  1.00 17.44 ? 128 THR A OG1 1 
ATOM   1015 C CG2 . THR A 1 128 ? -2.661  -3.654  13.140  1.00 17.35 ? 128 THR A CG2 1 
ATOM   1016 N N   . ILE A 1 129 ? -2.142  0.672   11.763  1.00 17.23 ? 129 ILE A N   1 
ATOM   1017 C CA  . ILE A 1 129 ? -1.372  1.874   11.373  1.00 16.05 ? 129 ILE A CA  1 
ATOM   1018 C C   . ILE A 1 129 ? -1.057  2.624   12.660  1.00 17.70 ? 129 ILE A C   1 
ATOM   1019 O O   . ILE A 1 129 ? -1.894  2.626   13.576  1.00 19.46 ? 129 ILE A O   1 
ATOM   1020 C CB  . ILE A 1 129 ? -2.084  2.721   10.296  1.00 18.16 ? 129 ILE A CB  1 
ATOM   1021 C CG1 . ILE A 1 129 ? -1.188  3.862   9.805   1.00 19.10 ? 129 ILE A CG1 1 
ATOM   1022 C CG2 . ILE A 1 129 ? -3.436  3.202   10.803  1.00 18.51 ? 129 ILE A CG2 1 
ATOM   1023 C CD1 . ILE A 1 129 ? -1.757  4.659   8.638   1.00 19.32 ? 129 ILE A CD1 1 
ATOM   1024 N N   . ASN A 1 130 ? 0.182   3.092   12.744  1.00 17.31 ? 130 ASN A N   1 
ATOM   1025 C CA  . ASN A 1 130 ? 0.665   4.017   13.786  1.00 19.70 ? 130 ASN A CA  1 
ATOM   1026 C C   . ASN A 1 130 ? 0.886   5.361   13.100  1.00 18.81 ? 130 ASN A C   1 
ATOM   1027 O O   . ASN A 1 130 ? 1.736   5.448   12.173  1.00 19.13 ? 130 ASN A O   1 
ATOM   1028 C CB  . ASN A 1 130 ? 1.908   3.493   14.501  1.00 23.25 ? 130 ASN A CB  1 
ATOM   1029 C CG  . ASN A 1 130 ? 2.316   4.481   15.577  1.00 26.00 ? 130 ASN A CG  1 
ATOM   1030 O OD1 . ASN A 1 130 ? 2.604   5.641   15.273  1.00 25.82 ? 130 ASN A OD1 1 
ATOM   1031 N ND2 . ASN A 1 130 ? 2.186   4.070   16.827  1.00 28.58 ? 130 ASN A ND2 1 
ATOM   1032 N N   . VAL A 1 131 ? 0.100   6.375   13.483  1.00 21.54 ? 131 VAL A N   1 
ATOM   1033 C CA  . VAL A 1 131 ? 0.193   7.728   12.866  1.00 22.52 ? 131 VAL A CA  1 
ATOM   1034 C C   . VAL A 1 131 ? 0.056   8.781   13.971  1.00 22.16 ? 131 VAL A C   1 
ATOM   1035 O O   . VAL A 1 131 ? -0.802  8.645   14.837  1.00 20.57 ? 131 VAL A O   1 
ATOM   1036 C CB  . VAL A 1 131 ? -0.809  7.903   11.725  1.00 24.93 ? 131 VAL A CB  1 
ATOM   1037 C CG1 . VAL A 1 131 ? -2.198  7.433   12.089  1.00 28.33 ? 131 VAL A CG1 1 
ATOM   1038 C CG2 . VAL A 1 131 ? -0.827  9.308   11.171  1.00 26.69 ? 131 VAL A CG2 1 
ATOM   1039 N N   . GLY A 1 132 ? 1.017   9.682   14.031  1.00 27.18 ? 132 GLY A N   1 
ATOM   1040 C CA  . GLY A 1 132 ? 1.069   10.674  15.120  1.00 25.56 ? 132 GLY A CA  1 
ATOM   1041 C C   . GLY A 1 132 ? -0.028  11.678  14.916  1.00 26.71 ? 132 GLY A C   1 
ATOM   1042 O O   . GLY A 1 132 ? -0.622  11.731  13.812  1.00 24.78 ? 132 GLY A O   1 
ATOM   1043 N N   . ARG A 1 133 ? -0.250  12.532  15.908  1.00 29.28 ? 133 ARG A N   1 
ATOM   1044 C CA  . ARG A 1 133 ? -1.321  13.552  15.820  1.00 30.45 ? 133 ARG A CA  1 
ATOM   1045 C C   . ARG A 1 133 ? -1.002  14.527  14.680  1.00 25.78 ? 133 ARG A C   1 
ATOM   1046 O O   . ARG A 1 133 ? -1.940  15.129  14.185  1.00 29.99 ? 133 ARG A O   1 
ATOM   1047 C CB  . ARG A 1 133 ? -1.547  14.261  17.159  1.00 35.72 ? 133 ARG A CB  1 
ATOM   1048 C CG  . ARG A 1 133 ? -2.902  13.928  17.765  1.00 44.54 ? 133 ARG A CG  1 
ATOM   1049 C CD  . ARG A 1 133 ? -3.177  14.629  19.086  1.00 49.86 ? 133 ARG A CD  1 
ATOM   1050 N NE  . ARG A 1 133 ? -2.739  13.809  20.212  1.00 52.13 ? 133 ARG A NE  1 
ATOM   1051 C CZ  . ARG A 1 133 ? -3.528  13.034  20.960  1.00 58.51 ? 133 ARG A CZ  1 
ATOM   1052 N NH1 . ARG A 1 133 ? -3.004  12.319  21.949  1.00 59.83 ? 133 ARG A NH1 1 
ATOM   1053 N NH2 . ARG A 1 133 ? -4.828  12.961  20.715  1.00 62.31 ? 133 ARG A NH2 1 
ATOM   1054 N N   . ASP A 1 134 ? 0.246   14.582  14.215  1.00 26.39 ? 134 ASP A N   1 
ATOM   1055 C CA  . ASP A 1 134 ? 0.685   15.495  13.127  1.00 29.73 ? 134 ASP A CA  1 
ATOM   1056 C C   . ASP A 1 134 ? 0.564   14.826  11.752  1.00 31.47 ? 134 ASP A C   1 
ATOM   1057 O O   . ASP A 1 134 ? 0.928   15.482  10.753  1.00 27.77 ? 134 ASP A O   1 
ATOM   1058 C CB  . ASP A 1 134 ? 2.110   15.996  13.355  1.00 35.58 ? 134 ASP A CB  1 
ATOM   1059 C CG  . ASP A 1 134 ? 3.174   14.911  13.415  1.00 37.47 ? 134 ASP A CG  1 
ATOM   1060 O OD1 . ASP A 1 134 ? 2.821   13.708  13.530  1.00 35.99 ? 134 ASP A OD1 1 
ATOM   1061 O OD2 . ASP A 1 134 ? 4.341   15.281  13.378  1.00 39.01 ? 134 ASP A OD2 1 
ATOM   1062 N N   . GLY A 1 135 ? 0.076   13.582  11.691  1.00 29.69 ? 135 GLY A N   1 
ATOM   1063 C CA  . GLY A 1 135 ? -0.107  12.865  10.419  1.00 28.70 ? 135 GLY A CA  1 
ATOM   1064 C C   . GLY A 1 135 ? 1.163   12.164  9.962   1.00 26.93 ? 135 GLY A C   1 
ATOM   1065 O O   . GLY A 1 135 ? 1.151   11.609  8.868   1.00 30.00 ? 135 GLY A O   1 
ATOM   1066 N N   . THR A 1 136 ? 2.228   12.161  10.751  1.00 27.27 ? 136 THR A N   1 
ATOM   1067 C CA  . THR A 1 136 ? 3.425   11.335  10.457  1.00 27.72 ? 136 THR A CA  1 
ATOM   1068 C C   . THR A 1 136 ? 3.066   9.857   10.612  1.00 27.80 ? 136 THR A C   1 
ATOM   1069 O O   . THR A 1 136 ? 2.605   9.458   11.677  1.00 24.01 ? 136 THR A O   1 
ATOM   1070 C CB  . THR A 1 136 ? 4.632   11.671  11.328  1.00 32.03 ? 136 THR A CB  1 
ATOM   1071 O OG1 . THR A 1 136 ? 4.837   13.076  11.174  1.00 32.19 ? 136 THR A OG1 1 
ATOM   1072 C CG2 . THR A 1 136 ? 5.881   10.920  10.904  1.00 33.54 ? 136 THR A CG2 1 
ATOM   1073 N N   . ILE A 1 137 ? 3.275   9.077   9.557   1.00 26.26 ? 137 ILE A N   1 
ATOM   1074 C CA  . ILE A 1 137 ? 2.961   7.623   9.595   1.00 23.39 ? 137 ILE A CA  1 
ATOM   1075 C C   . ILE A 1 137 ? 4.235   6.878   9.972   1.00 21.10 ? 137 ILE A C   1 
ATOM   1076 O O   . ILE A 1 137 ? 5.221   6.962   9.224   1.00 25.09 ? 137 ILE A O   1 
ATOM   1077 C CB  . ILE A 1 137 ? 2.359   7.161   8.254   1.00 23.09 ? 137 ILE A CB  1 
ATOM   1078 C CG1 . ILE A 1 137 ? 1.057   7.912   7.965   1.00 25.99 ? 137 ILE A CG1 1 
ATOM   1079 C CG2 . ILE A 1 137 ? 2.158   5.653   8.276   1.00 20.40 ? 137 ILE A CG2 1 
ATOM   1080 C CD1 . ILE A 1 137 ? 0.698   7.936   6.536   1.00 29.01 ? 137 ILE A CD1 1 
ATOM   1081 N N   . HIS A 1 138 ? 4.193   6.153   11.087  1.00 20.21 ? 138 HIS A N   1 
ATOM   1082 C CA  . HIS A 1 138 ? 5.355   5.455   11.656  1.00 21.27 ? 138 HIS A CA  1 
ATOM   1083 C C   . HIS A 1 138 ? 5.342   3.994   11.217  1.00 19.92 ? 138 HIS A C   1 
ATOM   1084 O O   . HIS A 1 138 ? 6.399   3.465   11.043  1.00 19.41 ? 138 HIS A O   1 
ATOM   1085 C CB  . HIS A 1 138 ? 5.330   5.623   13.180  1.00 23.50 ? 138 HIS A CB  1 
ATOM   1086 C CG  . HIS A 1 138 ? 5.485   7.061   13.556  1.00 23.33 ? 138 HIS A CG  1 
ATOM   1087 N ND1 . HIS A 1 138 ? 6.666   7.734   13.336  1.00 26.68 ? 138 HIS A ND1 1 
ATOM   1088 C CD2 . HIS A 1 138 ? 4.612   7.967   14.064  1.00 29.20 ? 138 HIS A CD2 1 
ATOM   1089 C CE1 . HIS A 1 138 ? 6.530   9.006   13.730  1.00 27.29 ? 138 HIS A CE1 1 
ATOM   1090 N NE2 . HIS A 1 138 ? 5.267   9.174   14.159  1.00 28.13 ? 138 HIS A NE2 1 
ATOM   1091 N N   . GLN A 1 139 ? 4.166   3.373   11.118  1.00 20.08 ? 139 GLN A N   1 
ATOM   1092 C CA  . GLN A 1 139 ? 4.071   1.918   10.861  1.00 20.87 ? 139 GLN A CA  1 
ATOM   1093 C C   . GLN A 1 139 ? 2.722   1.604   10.216  1.00 19.46 ? 139 GLN A C   1 
ATOM   1094 O O   . GLN A 1 139 ? 1.749   2.309   10.476  1.00 18.17 ? 139 GLN A O   1 
ATOM   1095 C CB  . GLN A 1 139 ? 4.216   1.099   12.144  1.00 24.04 ? 139 GLN A CB  1 
ATOM   1096 C CG  . GLN A 1 139 ? 4.706   -0.309  11.832  1.00 34.49 ? 139 GLN A CG  1 
ATOM   1097 C CD  . GLN A 1 139 ? 4.701   -1.241  13.018  1.00 42.81 ? 139 GLN A CD  1 
ATOM   1098 O OE1 . GLN A 1 139 ? 5.737   -1.498  13.614  1.00 41.72 ? 139 GLN A OE1 1 
ATOM   1099 N NE2 . GLN A 1 139 ? 3.521   -1.750  13.356  1.00 48.03 ? 139 GLN A NE2 1 
ATOM   1100 N N   . PHE A 1 140 ? 2.710   0.566   9.383   1.00 18.16 ? 140 PHE A N   1 
ATOM   1101 C CA  . PHE A 1 140 ? 1.476   0.003   8.800   1.00 18.15 ? 140 PHE A CA  1 
ATOM   1102 C C   . PHE A 1 140 ? 1.649   -1.502  8.671   1.00 16.51 ? 140 PHE A C   1 
ATOM   1103 O O   . PHE A 1 140 ? 2.791   -1.943  8.360   1.00 17.72 ? 140 PHE A O   1 
ATOM   1104 C CB  . PHE A 1 140 ? 1.175   0.632   7.445   1.00 20.14 ? 140 PHE A CB  1 
ATOM   1105 C CG  . PHE A 1 140 ? -0.060  0.060   6.792   1.00 24.65 ? 140 PHE A CG  1 
ATOM   1106 C CD1 . PHE A 1 140 ? 0.030   -0.972  5.874   1.00 24.38 ? 140 PHE A CD1 1 
ATOM   1107 C CD2 . PHE A 1 140 ? -1.314  0.615   7.038   1.00 26.03 ? 140 PHE A CD2 1 
ATOM   1108 C CE1 . PHE A 1 140 ? -1.120  -1.471  5.258   1.00 26.04 ? 140 PHE A CE1 1 
ATOM   1109 C CE2 . PHE A 1 140 ? -2.452  0.113   6.420   1.00 25.04 ? 140 PHE A CE2 1 
ATOM   1110 C CZ  . PHE A 1 140 ? -2.356  -0.938  5.548   1.00 24.18 ? 140 PHE A CZ  1 
ATOM   1111 N N   . SER A 1 141 ? 0.563   -2.244  8.833   1.00 16.44 ? 141 SER A N   1 
ATOM   1112 C CA  . SER A 1 141 ? 0.618   -3.712  8.621   1.00 16.86 ? 141 SER A CA  1 
ATOM   1113 C C   . SER A 1 141 ? -0.712  -4.184  8.060   1.00 16.14 ? 141 SER A C   1 
ATOM   1114 O O   . SER A 1 141 ? -1.729  -3.535  8.273   1.00 14.69 ? 141 SER A O   1 
ATOM   1115 C CB  . SER A 1 141 ? 1.014   -4.455  9.896   1.00 18.30 ? 141 SER A CB  1 
ATOM   1116 O OG  . SER A 1 141 ? -0.114  -4.695  10.714  1.00 21.30 ? 141 SER A OG  1 
ATOM   1117 N N   . ALA A 1 142 ? -0.668  -5.330  7.409   1.00 15.59 ? 142 ALA A N   1 
ATOM   1118 C CA  . ALA A 1 142 ? -1.832  -6.049  6.887   1.00 15.43 ? 142 ALA A CA  1 
ATOM   1119 C C   . ALA A 1 142 ? -1.662  -7.526  7.265   1.00 16.30 ? 142 ALA A C   1 
ATOM   1120 O O   . ALA A 1 142 ? -0.505  -8.026  7.160   1.00 15.70 ? 142 ALA A O   1 
ATOM   1121 C CB  . ALA A 1 142 ? -1.876  -5.830  5.408   1.00 16.12 ? 142 ALA A CB  1 
ATOM   1122 N N   . VAL A 1 143 ? -2.746  -8.164  7.689   1.00 16.21 ? 143 VAL A N   1 
ATOM   1123 C CA  . VAL A 1 143 ? -2.765  -9.581  8.117   1.00 17.00 ? 143 VAL A CA  1 
ATOM   1124 C C   . VAL A 1 143 ? -3.658  -10.376 7.183   1.00 17.91 ? 143 VAL A C   1 
ATOM   1125 O O   . VAL A 1 143 ? -4.813  -9.997  6.995   1.00 16.81 ? 143 VAL A O   1 
ATOM   1126 C CB  . VAL A 1 143 ? -3.205  -9.760  9.576   1.00 17.35 ? 143 VAL A CB  1 
ATOM   1127 C CG1 . VAL A 1 143 ? -2.973  -11.195 10.003  1.00 19.11 ? 143 VAL A CG1 1 
ATOM   1128 C CG2 . VAL A 1 143 ? -2.472  -8.804  10.509  1.00 18.48 ? 143 VAL A CG2 1 
ATOM   1129 N N   . GLU A 1 144 ? -3.118  -11.472 6.662   1.00 18.96 ? 144 GLU A N   1 
ATOM   1130 C CA  . GLU A 1 144 ? -3.823  -12.403 5.752   1.00 20.32 ? 144 GLU A CA  1 
ATOM   1131 C C   . GLU A 1 144 ? -4.549  -13.441 6.615   1.00 21.22 ? 144 GLU A C   1 
ATOM   1132 O O   . GLU A 1 144 ? -4.270  -13.520 7.799   1.00 21.78 ? 144 GLU A O   1 
ATOM   1133 C CB  . GLU A 1 144 ? -2.834  -13.028 4.778   1.00 22.06 ? 144 GLU A CB  1 
ATOM   1134 C CG  . GLU A 1 144 ? -2.179  -12.014 3.871   1.00 26.58 ? 144 GLU A CG  1 
ATOM   1135 C CD  . GLU A 1 144 ? -1.044  -12.575 3.023   1.00 34.44 ? 144 GLU A CD  1 
ATOM   1136 O OE1 . GLU A 1 144 ? 0.129   -12.143 3.200   1.00 34.64 ? 144 GLU A OE1 1 
ATOM   1137 O OE2 . GLU A 1 144 ? -1.330  -13.471 2.208   1.00 38.01 ? 144 GLU A OE2 1 
ATOM   1138 N N   . GLN A 1 145 ? -5.446  -14.224 6.018   1.00 22.37 ? 145 GLN A N   1 
ATOM   1139 C CA  . GLN A 1 145 ? -6.259  -15.239 6.731   1.00 22.97 ? 145 GLN A CA  1 
ATOM   1140 C C   . GLN A 1 145 ? -5.361  -16.175 7.546   1.00 23.27 ? 145 GLN A C   1 
ATOM   1141 O O   . GLN A 1 145 ? -5.731  -16.484 8.718   1.00 21.69 ? 145 GLN A O   1 
ATOM   1142 C CB  . GLN A 1 145 ? -7.150  -15.963 5.714   1.00 22.94 ? 145 GLN A CB  1 
ATOM   1143 C CG  . GLN A 1 145 ? -8.287  -15.061 5.239   1.00 24.30 ? 145 GLN A CG  1 
ATOM   1144 C CD  . GLN A 1 145 ? -9.323  -14.848 6.312   1.00 23.06 ? 145 GLN A CD  1 
ATOM   1145 O OE1 . GLN A 1 145 ? -9.413  -15.617 7.271   1.00 24.39 ? 145 GLN A OE1 1 
ATOM   1146 N NE2 . GLN A 1 145 ? -10.158 -13.829 6.147   1.00 22.54 ? 145 GLN A NE2 1 
ATOM   1147 N N   . ASP A 1 146 ? -4.234  -16.600 6.986   1.00 25.92 ? 146 ASP A N   1 
ATOM   1148 C CA  . ASP A 1 146 ? -3.308  -17.558 7.645   1.00 26.45 ? 146 ASP A CA  1 
ATOM   1149 C C   . ASP A 1 146 ? -2.435  -16.859 8.688   1.00 28.25 ? 146 ASP A C   1 
ATOM   1150 O O   . ASP A 1 146 ? -1.555  -17.532 9.231   1.00 25.99 ? 146 ASP A O   1 
ATOM   1151 C CB  . ASP A 1 146 ? -2.379  -18.265 6.656   1.00 30.45 ? 146 ASP A CB  1 
ATOM   1152 C CG  . ASP A 1 146 ? -1.516  -17.346 5.811   1.00 32.93 ? 146 ASP A CG  1 
ATOM   1153 O OD1 . ASP A 1 146 ? -0.985  -17.843 4.827   1.00 35.70 ? 146 ASP A OD1 1 
ATOM   1154 O OD2 . ASP A 1 146 ? -1.394  -16.140 6.132   1.00 28.81 ? 146 ASP A OD2 1 
ATOM   1155 N N   . ASP A 1 147 ? -2.701  -15.583 8.978   1.00 22.35 ? 147 ASP A N   1 
ATOM   1156 C CA  . ASP A 1 147 ? -2.049  -14.801 10.052  1.00 24.36 ? 147 ASP A CA  1 
ATOM   1157 C C   . ASP A 1 147 ? -0.666  -14.309 9.626   1.00 21.80 ? 147 ASP A C   1 
ATOM   1158 O O   . ASP A 1 147 ? -0.068  -13.602 10.475  1.00 24.46 ? 147 ASP A O   1 
ATOM   1159 C CB  . ASP A 1 147 ? -2.002  -15.536 11.400  1.00 25.20 ? 147 ASP A CB  1 
ATOM   1160 C CG  . ASP A 1 147 ? -3.385  -15.725 12.014  1.00 27.43 ? 147 ASP A CG  1 
ATOM   1161 O OD1 . ASP A 1 147 ? -4.200  -14.779 11.889  1.00 26.07 ? 147 ASP A OD1 1 
ATOM   1162 O OD2 . ASP A 1 147 ? -3.623  -16.809 12.626  1.00 25.76 ? 147 ASP A OD2 1 
ATOM   1163 N N   . GLN A 1 148 ? -0.266  -14.518 8.368   1.00 21.05 ? 148 GLN A N   1 
ATOM   1164 C CA  . GLN A 1 148 ? 0.930   -13.848 7.802   1.00 21.06 ? 148 GLN A CA  1 
ATOM   1165 C C   . GLN A 1 148 ? 0.779   -12.324 7.871   1.00 19.77 ? 148 GLN A C   1 
ATOM   1166 O O   . GLN A 1 148 ? -0.237  -11.777 7.330   1.00 20.51 ? 148 GLN A O   1 
ATOM   1167 C CB  . GLN A 1 148 ? 1.207   -14.215 6.359   1.00 23.76 ? 148 GLN A CB  1 
ATOM   1168 C CG  . GLN A 1 148 ? 2.504   -13.576 5.914   1.00 27.14 ? 148 GLN A CG  1 
ATOM   1169 C CD  . GLN A 1 148 ? 3.028   -14.274 4.695   1.00 33.12 ? 148 GLN A CD  1 
ATOM   1170 O OE1 . GLN A 1 148 ? 2.764   -13.849 3.585   1.00 38.71 ? 148 GLN A OE1 1 
ATOM   1171 N NE2 . GLN A 1 148 ? 3.731   -15.372 4.915   1.00 35.33 ? 148 GLN A NE2 1 
ATOM   1172 N N   . ARG A 1 149 ? 1.712   -11.646 8.555   1.00 20.08 ? 149 ARG A N   1 
ATOM   1173 C CA  . ARG A 1 149 ? 1.581   -10.170 8.698   1.00 20.07 ? 149 ARG A CA  1 
ATOM   1174 C C   . ARG A 1 149 ? 2.716   -9.547  7.915   1.00 19.40 ? 149 ARG A C   1 
ATOM   1175 O O   . ARG A 1 149 ? 3.867   -9.999  8.131   1.00 18.85 ? 149 ARG A O   1 
ATOM   1176 C CB  . ARG A 1 149 ? 1.560   -9.758  10.170  1.00 20.55 ? 149 ARG A CB  1 
ATOM   1177 C CG  . ARG A 1 149 ? 1.386   -8.252  10.374  1.00 22.69 ? 149 ARG A CG  1 
ATOM   1178 C CD  . ARG A 1 149 ? 1.810   -7.787  11.756  1.00 24.25 ? 149 ARG A CD  1 
ATOM   1179 N NE  . ARG A 1 149 ? 0.970   -8.299  12.809  1.00 27.18 ? 149 ARG A NE  1 
ATOM   1180 C CZ  . ARG A 1 149 ? -0.201  -7.800  13.209  1.00 32.57 ? 149 ARG A CZ  1 
ATOM   1181 N NH1 . ARG A 1 149 ? -0.748  -6.744  12.630  1.00 33.05 ? 149 ARG A NH1 1 
ATOM   1182 N NH2 . ARG A 1 149 ? -0.838  -8.371  14.218  1.00 37.43 ? 149 ARG A NH2 1 
ATOM   1183 N N   . SER A 1 150 ? 2.389   -8.595  7.042   1.00 19.14 ? 150 SER A N   1 
ATOM   1184 C CA  . SER A 1 150 ? 3.342   -7.723  6.326   1.00 19.19 ? 150 SER A CA  1 
ATOM   1185 C C   . SER A 1 150 ? 3.359   -6.378  7.034   1.00 18.31 ? 150 SER A C   1 
ATOM   1186 O O   . SER A 1 150 ? 2.307   -5.740  7.047   1.00 15.13 ? 150 SER A O   1 
ATOM   1187 C CB  . SER A 1 150 ? 2.962   -7.573  4.885   1.00 21.24 ? 150 SER A CB  1 
ATOM   1188 O OG  . SER A 1 150 ? 3.009   -8.854  4.285   1.00 22.86 ? 150 SER A OG  1 
ATOM   1189 N N   . SER A 1 151 ? 4.496   -6.024  7.639   1.00 18.76 ? 151 SER A N   1 
ATOM   1190 C CA  . SER A 1 151 ? 4.626   -4.817  8.485   1.00 19.57 ? 151 SER A CA  1 
ATOM   1191 C C   . SER A 1 151 ? 5.657   -3.908  7.837   1.00 19.56 ? 151 SER A C   1 
ATOM   1192 O O   . SER A 1 151 ? 6.655   -4.399  7.296   1.00 18.84 ? 151 SER A O   1 
ATOM   1193 C CB  . SER A 1 151 ? 4.963   -5.078  9.924   1.00 20.36 ? 151 SER A CB  1 
ATOM   1194 O OG  . SER A 1 151 ? 4.121   -6.065  10.506  1.00 25.26 ? 151 SER A OG  1 
ATOM   1195 N N   . TYR A 1 152 ? 5.429   -2.606  7.956   1.00 19.76 ? 152 TYR A N   1 
ATOM   1196 C CA  . TYR A 1 152 ? 6.267   -1.559  7.351   1.00 19.47 ? 152 TYR A CA  1 
ATOM   1197 C C   . TYR A 1 152 ? 6.549   -0.509  8.416   1.00 21.13 ? 152 TYR A C   1 
ATOM   1198 O O   . TYR A 1 152 ? 5.601   0.010   9.001   1.00 21.31 ? 152 TYR A O   1 
ATOM   1199 C CB  . TYR A 1 152 ? 5.573   -0.952  6.125   1.00 20.63 ? 152 TYR A CB  1 
ATOM   1200 C CG  . TYR A 1 152 ? 5.381   -1.990  5.055   1.00 21.05 ? 152 TYR A CG  1 
ATOM   1201 C CD1 . TYR A 1 152 ? 4.274   -2.821  5.025   1.00 21.89 ? 152 TYR A CD1 1 
ATOM   1202 C CD2 . TYR A 1 152 ? 6.407   -2.236  4.158   1.00 22.99 ? 152 TYR A CD2 1 
ATOM   1203 C CE1 . TYR A 1 152 ? 4.178   -3.843  4.089   1.00 22.76 ? 152 TYR A CE1 1 
ATOM   1204 C CE2 . TYR A 1 152 ? 6.305   -3.215  3.194   1.00 25.31 ? 152 TYR A CE2 1 
ATOM   1205 C CZ  . TYR A 1 152 ? 5.187   -4.024  3.162   1.00 24.96 ? 152 TYR A CZ  1 
ATOM   1206 O OH  . TYR A 1 152 ? 5.171   -4.996  2.191   1.00 28.83 ? 152 TYR A OH  1 
ATOM   1207 N N   . GLN A 1 153 ? 7.826   -0.268  8.699   1.00 18.36 ? 153 GLN A N   1 
ATOM   1208 C CA  . GLN A 1 153 ? 8.262   0.810   9.607   1.00 21.09 ? 153 GLN A CA  1 
ATOM   1209 C C   . GLN A 1 153 ? 8.791   1.941   8.720   1.00 20.42 ? 153 GLN A C   1 
ATOM   1210 O O   . GLN A 1 153 ? 9.782   1.692   7.987   1.00 21.75 ? 153 GLN A O   1 
ATOM   1211 C CB  . GLN A 1 153 ? 9.315   0.239   10.553  1.00 23.41 ? 153 GLN A CB  1 
ATOM   1212 C CG  . GLN A 1 153 ? 9.642   1.142   11.720  1.00 28.00 ? 153 GLN A CG  1 
ATOM   1213 C CD  . GLN A 1 153 ? 10.652  0.446   12.605  1.00 27.29 ? 153 GLN A CD  1 
ATOM   1214 O OE1 . GLN A 1 153 ? 11.795  0.305   12.229  1.00 33.76 ? 153 GLN A OE1 1 
ATOM   1215 N NE2 . GLN A 1 153 ? 10.212  -0.063  13.739  1.00 30.34 ? 153 GLN A NE2 1 
ATOM   1216 N N   . LEU A 1 154 ? 8.138   3.094   8.763   1.00 19.03 ? 154 LEU A N   1 
ATOM   1217 C CA  . LEU A 1 154 ? 8.457   4.285   7.936   1.00 21.53 ? 154 LEU A CA  1 
ATOM   1218 C C   . LEU A 1 154 ? 9.365   5.208   8.747   1.00 23.29 ? 154 LEU A C   1 
ATOM   1219 O O   . LEU A 1 154 ? 9.120   5.367   9.965   1.00 24.24 ? 154 LEU A O   1 
ATOM   1220 C CB  . LEU A 1 154 ? 7.181   5.035   7.556   1.00 24.19 ? 154 LEU A CB  1 
ATOM   1221 C CG  . LEU A 1 154 ? 6.526   4.537   6.279   1.00 27.11 ? 154 LEU A CG  1 
ATOM   1222 C CD1 . LEU A 1 154 ? 6.151   3.084   6.395   1.00 31.70 ? 154 LEU A CD1 1 
ATOM   1223 C CD2 . LEU A 1 154 ? 5.339   5.401   5.918   1.00 30.12 ? 154 LEU A CD2 1 
ATOM   1224 N N   . LYS A 1 155 ? 10.369  5.769   8.090   1.00 24.73 ? 155 LYS A N   1 
ATOM   1225 C CA  . LYS A 1 155 ? 11.257  6.782   8.714   1.00 30.27 ? 155 LYS A CA  1 
ATOM   1226 C C   . LYS A 1 155 ? 11.450  7.910   7.719   1.00 30.45 ? 155 LYS A C   1 
ATOM   1227 O O   . LYS A 1 155 ? 11.179  7.693   6.513   1.00 27.09 ? 155 LYS A O   1 
ATOM   1228 C CB  . LYS A 1 155 ? 12.647  6.226   9.009   1.00 33.66 ? 155 LYS A CB  1 
ATOM   1229 C CG  . LYS A 1 155 ? 12.691  4.919   9.766   1.00 40.35 ? 155 LYS A CG  1 
ATOM   1230 C CD  . LYS A 1 155 ? 12.302  5.033   11.224  1.00 48.10 ? 155 LYS A CD  1 
ATOM   1231 C CE  . LYS A 1 155 ? 12.542  3.733   11.960  1.00 54.12 ? 155 LYS A CE  1 
ATOM   1232 N NZ  . LYS A 1 155 ? 13.989  3.497   12.180  1.00 55.82 ? 155 LYS A NZ  1 
ATOM   1233 N N   . SER A 1 156 ? 11.959  9.039   8.212   1.00 33.97 ? 156 SER A N   1 
ATOM   1234 C CA  . SER A 1 156 ? 12.380  10.189  7.383   1.00 33.43 ? 156 SER A CA  1 
ATOM   1235 C C   . SER A 1 156 ? 11.185  10.665  6.557   1.00 31.72 ? 156 SER A C   1 
ATOM   1236 O O   . SER A 1 156 ? 11.410  11.065  5.414   1.00 33.54 ? 156 SER A O   1 
ATOM   1237 C CB  . SER A 1 156 ? 13.497  9.811   6.462   1.00 35.71 ? 156 SER A CB  1 
ATOM   1238 O OG  . SER A 1 156 ? 14.512  9.125   7.159   1.00 39.88 ? 156 SER A OG  1 
ATOM   1239 N N   . GLN A 1 157 ? 9.965   10.601  7.093   1.00 30.52 ? 157 GLN A N   1 
ATOM   1240 C CA  . GLN A 1 157 ? 8.794   11.151  6.387   1.00 29.03 ? 157 GLN A CA  1 
ATOM   1241 C C   . GLN A 1 157 ? 9.059   12.638  6.080   1.00 33.13 ? 157 GLN A C   1 
ATOM   1242 O O   . GLN A 1 157 ? 9.375   13.413  7.024   1.00 30.64 ? 157 GLN A O   1 
ATOM   1243 C CB  . GLN A 1 157 ? 7.495   10.964  7.154   1.00 29.65 ? 157 GLN A CB  1 
ATOM   1244 C CG  . GLN A 1 157 ? 6.293   11.376  6.298   1.00 32.09 ? 157 GLN A CG  1 
ATOM   1245 C CD  . GLN A 1 157 ? 4.947   11.048  6.894   1.00 34.51 ? 157 GLN A CD  1 
ATOM   1246 O OE1 . GLN A 1 157 ? 4.756   10.011  7.512   1.00 34.39 ? 157 GLN A OE1 1 
ATOM   1247 N NE2 . GLN A 1 157 ? 3.989   11.943  6.699   1.00 37.80 ? 157 GLN A NE2 1 
ATOM   1248 N N   . GLN A 1 158 ? 8.927   13.014  4.812   1.00 33.71 ? 158 GLN A N   1 
ATOM   1249 C CA  . GLN A 1 158 ? 9.074   14.408  4.303   1.00 36.34 ? 158 GLN A CA  1 
ATOM   1250 C C   . GLN A 1 158 ? 7.822   14.741  3.485   1.00 34.62 ? 158 GLN A C   1 
ATOM   1251 O O   . GLN A 1 158 ? 7.704   14.242  2.378   1.00 32.25 ? 158 GLN A O   1 
ATOM   1252 C CB  . GLN A 1 158 ? 10.362  14.538  3.481   1.00 36.02 ? 158 GLN A CB  1 
ATOM   1253 C CG  . GLN A 1 158 ? 11.594  14.004  4.208   1.00 42.27 ? 158 GLN A CG  1 
ATOM   1254 C CD  . GLN A 1 158 ? 12.545  13.189  3.353   1.00 51.28 ? 158 GLN A CD  1 
ATOM   1255 O OE1 . GLN A 1 158 ? 12.396  11.966  3.155   1.00 48.33 ? 158 GLN A OE1 1 
ATOM   1256 N NE2 . GLN A 1 158 ? 13.610  13.845  2.910   1.00 51.66 ? 158 GLN A NE2 1 
ATOM   1257 N N   . ASN A 1 159 ? 6.907   15.545  4.020   1.00 35.05 ? 159 ASN A N   1 
ATOM   1258 C CA  . ASN A 1 159 ? 5.645   15.905  3.312   1.00 39.26 ? 159 ASN A CA  1 
ATOM   1259 C C   . ASN A 1 159 ? 5.981   16.827  2.127   1.00 42.55 ? 159 ASN A C   1 
ATOM   1260 O O   . ASN A 1 159 ? 6.863   17.643  2.283   1.00 41.74 ? 159 ASN A O   1 
ATOM   1261 C CB  . ASN A 1 159 ? 4.608   16.492  4.268   1.00 37.04 ? 159 ASN A CB  1 
ATOM   1262 C CG  . ASN A 1 159 ? 4.298   15.572  5.436   1.00 37.48 ? 159 ASN A CG  1 
ATOM   1263 O OD1 . ASN A 1 159 ? 4.480   14.361  5.367   1.00 35.17 ? 159 ASN A OD1 1 
ATOM   1264 N ND2 . ASN A 1 159 ? 3.868   16.142  6.550   1.00 42.23 ? 159 ASN A ND2 1 
ATOM   1265 N N   . GLY A 1 160 ? 5.372   16.618  0.956   1.00 50.61 ? 160 GLY A N   1 
ATOM   1266 C CA  . GLY A 1 160 ? 5.571   17.476  -0.230  1.00 49.20 ? 160 GLY A CA  1 
ATOM   1267 C C   . GLY A 1 160 ? 6.771   17.063  -1.063  1.00 52.51 ? 160 GLY A C   1 
ATOM   1268 O O   . GLY A 1 160 ? 6.857   17.553  -2.210  1.00 55.14 ? 160 GLY A O   1 
ATOM   1269 N N   . ALA A 1 161 ? 7.642   16.170  -0.560  1.00 52.98 ? 161 ALA A N   1 
ATOM   1270 C CA  . ALA A 1 161 ? 8.876   15.704  -1.258  1.00 54.28 ? 161 ALA A CA  1 
ATOM   1271 C C   . ALA A 1 161 ? 8.541   14.667  -2.350  1.00 54.95 ? 161 ALA A C   1 
ATOM   1272 O O   . ALA A 1 161 ? 9.094   13.535  -2.300  1.00 56.62 ? 161 ALA A O   1 
ATOM   1273 C CB  . ALA A 1 161 ? 9.877   15.158  -0.264  1.00 52.85 ? 161 ALA A CB  1 
ATOM   1274 N N   . VAL A 1 162 ? 7.683   15.039  -3.311  1.00 52.89 ? 162 VAL A N   1 
ATOM   1275 C CA  . VAL A 1 162 ? 7.270   14.205  -4.485  1.00 55.67 ? 162 VAL A CA  1 
ATOM   1276 C C   . VAL A 1 162 ? 7.234   15.115  -5.716  1.00 55.44 ? 162 VAL A C   1 
ATOM   1277 O O   . VAL A 1 162 ? 6.865   16.280  -5.551  1.00 63.53 ? 162 VAL A O   1 
ATOM   1278 C CB  . VAL A 1 162 ? 5.892   13.532  -4.280  1.00 51.87 ? 162 VAL A CB  1 
ATOM   1279 C CG1 . VAL A 1 162 ? 5.797   12.773  -2.963  1.00 46.84 ? 162 VAL A CG1 1 
ATOM   1280 C CG2 . VAL A 1 162 ? 4.752   14.535  -4.386  1.00 54.65 ? 162 VAL A CG2 1 
ATOM   1281 N N   . ASP A 1 163 ? 7.572   14.580  -6.890  1.00 51.94 ? 163 ASP A N   1 
ATOM   1282 C CA  . ASP A 1 163 ? 7.299   15.196  -8.218  1.00 52.48 ? 163 ASP A CA  1 
ATOM   1283 C C   . ASP A 1 163 ? 6.418   14.226  -9.008  1.00 46.36 ? 163 ASP A C   1 
ATOM   1284 O O   . ASP A 1 163 ? 6.372   13.040  -8.650  1.00 46.08 ? 163 ASP A O   1 
ATOM   1285 C CB  . ASP A 1 163 ? 8.591   15.522  -8.979  1.00 52.57 ? 163 ASP A CB  1 
ATOM   1286 C CG  . ASP A 1 163 ? 9.422   14.309  -9.357  1.00 53.40 ? 163 ASP A CG  1 
ATOM   1287 O OD1 . ASP A 1 163 ? 9.945   13.643  -8.453  1.00 55.73 ? 163 ASP A OD1 1 
ATOM   1288 O OD2 . ASP A 1 163 ? 9.528   14.033  -10.558 1.00 64.83 ? 163 ASP A OD2 1 
ATOM   1289 N N   . ALA A 1 164 ? 5.758   14.712  -10.046 1.00 45.01 ? 164 ALA A N   1 
ATOM   1290 C CA  . ALA A 1 164 ? 4.757   13.935  -10.810 1.00 47.56 ? 164 ALA A CA  1 
ATOM   1291 C C   . ALA A 1 164 ? 5.437   12.776  -11.540 1.00 43.40 ? 164 ALA A C   1 
ATOM   1292 O O   . ALA A 1 164 ? 4.746   11.798  -11.820 1.00 42.88 ? 164 ALA A O   1 
ATOM   1293 C CB  . ALA A 1 164 ? 4.016   14.829  -11.767 1.00 48.48 ? 164 ALA A CB  1 
ATOM   1294 N N   . ALA A 1 165 ? 6.731   12.882  -11.845 1.00 40.80 ? 165 ALA A N   1 
ATOM   1295 C CA  . ALA A 1 165 ? 7.473   11.841  -12.587 1.00 37.96 ? 165 ALA A CA  1 
ATOM   1296 C C   . ALA A 1 165 ? 7.563   10.583  -11.726 1.00 34.54 ? 165 ALA A C   1 
ATOM   1297 O O   . ALA A 1 165 ? 7.672   9.526   -12.315 1.00 34.17 ? 165 ALA A O   1 
ATOM   1298 C CB  . ALA A 1 165 ? 8.863   12.286  -12.979 1.00 40.69 ? 165 ALA A CB  1 
ATOM   1299 N N   . LYS A 1 166 ? 7.540   10.698  -10.397 1.00 30.02 ? 166 LYS A N   1 
ATOM   1300 C CA  . LYS A 1 166 ? 7.562   9.490   -9.535  1.00 32.49 ? 166 LYS A CA  1 
ATOM   1301 C C   . LYS A 1 166 ? 6.336   8.634   -9.849  1.00 27.81 ? 166 LYS A C   1 
ATOM   1302 O O   . LYS A 1 166 ? 6.400   7.448   -9.517  1.00 29.86 ? 166 LYS A O   1 
ATOM   1303 C CB  . LYS A 1 166 ? 7.595   9.799   -8.031  1.00 33.25 ? 166 LYS A CB  1 
ATOM   1304 C CG  . LYS A 1 166 ? 8.972   10.168  -7.477  1.00 36.07 ? 166 LYS A CG  1 
ATOM   1305 C CD  . LYS A 1 166 ? 10.061  9.146   -7.778  1.00 35.22 ? 166 LYS A CD  1 
ATOM   1306 C CE  . LYS A 1 166 ? 11.458  9.562   -7.401  1.00 40.13 ? 166 LYS A CE  1 
ATOM   1307 N NZ  . LYS A 1 166 ? 11.666  11.029  -7.490  1.00 43.71 ? 166 LYS A NZ  1 
ATOM   1308 N N   . PHE A 1 167 ? 5.241   9.195   -10.379 1.00 23.77 ? 167 PHE A N   1 
ATOM   1309 C CA  . PHE A 1 167 ? 3.986   8.417   -10.519 1.00 25.38 ? 167 PHE A CA  1 
ATOM   1310 C C   . PHE A 1 167 ? 3.700   8.063   -11.964 1.00 27.72 ? 167 PHE A C   1 
ATOM   1311 O O   . PHE A 1 167 ? 2.536   7.749   -12.251 1.00 31.08 ? 167 PHE A O   1 
ATOM   1312 C CB  . PHE A 1 167 ? 2.826   9.141   -9.849  1.00 25.32 ? 167 PHE A CB  1 
ATOM   1313 C CG  . PHE A 1 167 ? 3.199   9.598   -8.474  1.00 25.74 ? 167 PHE A CG  1 
ATOM   1314 C CD1 . PHE A 1 167 ? 3.253   10.949  -8.166  1.00 24.35 ? 167 PHE A CD1 1 
ATOM   1315 C CD2 . PHE A 1 167 ? 3.531   8.662   -7.491  1.00 23.25 ? 167 PHE A CD2 1 
ATOM   1316 C CE1 . PHE A 1 167 ? 3.613   11.356  -6.891  1.00 26.00 ? 167 PHE A CE1 1 
ATOM   1317 C CE2 . PHE A 1 167 ? 3.869   9.074   -6.217  1.00 24.44 ? 167 PHE A CE2 1 
ATOM   1318 C CZ  . PHE A 1 167 ? 3.919   10.421  -5.919  1.00 27.80 ? 167 PHE A CZ  1 
ATOM   1319 N N   . THR A 1 168 ? 4.706   8.101   -12.824 1.00 28.51 ? 168 THR A N   1 
ATOM   1320 C CA  . THR A 1 168 ? 4.553   7.679   -14.235 1.00 30.55 ? 168 THR A CA  1 
ATOM   1321 C C   . THR A 1 168 ? 5.554   6.556   -14.486 1.00 29.34 ? 168 THR A C   1 
ATOM   1322 O O   . THR A 1 168 ? 6.629   6.588   -13.910 1.00 34.47 ? 168 THR A O   1 
ATOM   1323 C CB  . THR A 1 168 ? 4.829   8.834   -15.202 1.00 33.37 ? 168 THR A CB  1 
ATOM   1324 O OG1 . THR A 1 168 ? 6.169   9.229   -14.910 1.00 35.19 ? 168 THR A OG1 1 
ATOM   1325 C CG2 . THR A 1 168 ? 3.876   9.991   -15.057 1.00 35.33 ? 168 THR A CG2 1 
ATOM   1326 N N   . PHE A 1 169 ? 5.209   5.578   -15.294 1.00 29.23 ? 169 PHE A N   1 
ATOM   1327 C CA  . PHE A 1 169 ? 6.135   4.458   -15.555 1.00 29.47 ? 169 PHE A CA  1 
ATOM   1328 C C   . PHE A 1 169 ? 6.121   4.152   -17.041 1.00 27.98 ? 169 PHE A C   1 
ATOM   1329 O O   . PHE A 1 169 ? 5.099   3.811   -17.569 1.00 30.35 ? 169 PHE A O   1 
ATOM   1330 C CB  . PHE A 1 169 ? 5.774   3.225   -14.730 1.00 27.66 ? 169 PHE A CB  1 
ATOM   1331 C CG  . PHE A 1 169 ? 6.712   2.080   -14.981 1.00 26.81 ? 169 PHE A CG  1 
ATOM   1332 C CD1 . PHE A 1 169 ? 7.905   1.986   -14.281 1.00 28.39 ? 169 PHE A CD1 1 
ATOM   1333 C CD2 . PHE A 1 169 ? 6.422   1.138   -15.951 1.00 25.79 ? 169 PHE A CD2 1 
ATOM   1334 C CE1 . PHE A 1 169 ? 8.772   0.925   -14.506 1.00 28.98 ? 169 PHE A CE1 1 
ATOM   1335 C CE2 . PHE A 1 169 ? 7.287   0.083   -16.179 1.00 26.24 ? 169 PHE A CE2 1 
ATOM   1336 C CZ  . PHE A 1 169 ? 8.453   -0.025  -15.456 1.00 25.37 ? 169 PHE A CZ  1 
ATOM   1337 N N   . THR A 1 170 ? 7.299   4.199   -17.634 1.00 29.47 ? 170 THR A N   1 
ATOM   1338 C CA  . THR A 1 170 ? 7.549   3.754   -19.018 1.00 32.31 ? 170 THR A CA  1 
ATOM   1339 C C   . THR A 1 170 ? 8.536   2.605   -18.922 1.00 29.38 ? 170 THR A C   1 
ATOM   1340 O O   . THR A 1 170 ? 9.584   2.731   -18.289 1.00 29.09 ? 170 THR A O   1 
ATOM   1341 C CB  . THR A 1 170 ? 8.098   4.914   -19.847 1.00 34.68 ? 170 THR A CB  1 
ATOM   1342 O OG1 . THR A 1 170 ? 9.290   5.233   -19.140 1.00 43.77 ? 170 THR A OG1 1 
ATOM   1343 C CG2 . THR A 1 170 ? 7.192   6.120   -19.910 1.00 35.85 ? 170 THR A CG2 1 
ATOM   1344 N N   . PRO A 1 171 ? 8.206   1.414   -19.448 1.00 29.78 ? 171 PRO A N   1 
ATOM   1345 C CA  . PRO A 1 171 ? 9.157   0.305   -19.405 1.00 28.74 ? 171 PRO A CA  1 
ATOM   1346 C C   . PRO A 1 171 ? 10.520  0.686   -20.001 1.00 30.32 ? 171 PRO A C   1 
ATOM   1347 O O   . PRO A 1 171 ? 10.617  1.162   -21.129 1.00 33.69 ? 171 PRO A O   1 
ATOM   1348 C CB  . PRO A 1 171 ? 8.461   -0.790  -20.220 1.00 31.54 ? 171 PRO A CB  1 
ATOM   1349 C CG  . PRO A 1 171 ? 6.981   -0.451  -20.153 1.00 31.56 ? 171 PRO A CG  1 
ATOM   1350 C CD  . PRO A 1 171 ? 6.907   1.056   -20.026 1.00 29.89 ? 171 PRO A CD  1 
ATOM   1351 N N   . PRO A 1 172 ? 11.637  0.501   -19.275 1.00 29.02 ? 172 PRO A N   1 
ATOM   1352 C CA  . PRO A 1 172 ? 12.967  0.654   -19.867 1.00 28.26 ? 172 PRO A CA  1 
ATOM   1353 C C   . PRO A 1 172 ? 13.188  -0.192  -21.129 1.00 28.77 ? 172 PRO A C   1 
ATOM   1354 O O   . PRO A 1 172 ? 12.546  -1.220  -21.265 1.00 25.12 ? 172 PRO A O   1 
ATOM   1355 C CB  . PRO A 1 172 ? 13.908  0.200   -18.744 1.00 26.57 ? 172 PRO A CB  1 
ATOM   1356 C CG  . PRO A 1 172 ? 13.121  0.499   -17.464 1.00 26.63 ? 172 PRO A CG  1 
ATOM   1357 C CD  . PRO A 1 172 ? 11.683  0.213   -17.834 1.00 27.51 ? 172 PRO A CD  1 
ATOM   1358 N N   . GLN A 1 173 ? 14.114  0.250   -21.992 1.00 29.73 ? 173 GLN A N   1 
ATOM   1359 C CA  . GLN A 1 173 ? 14.686  -0.542  -23.128 1.00 31.16 ? 173 GLN A CA  1 
ATOM   1360 C C   . GLN A 1 173 ? 14.985  -1.962  -22.636 1.00 26.49 ? 173 GLN A C   1 
ATOM   1361 O O   . GLN A 1 173 ? 15.674  -2.104  -21.599 1.00 29.78 ? 173 GLN A O   1 
ATOM   1362 C CB  . GLN A 1 173 ? 15.969  0.079   -23.723 1.00 33.61 ? 173 GLN A CB  1 
ATOM   1363 C CG  . GLN A 1 173 ? 16.546  -0.763  -24.880 1.00 38.51 ? 173 GLN A CG  1 
ATOM   1364 C CD  . GLN A 1 173 ? 18.041  -0.660  -25.136 1.00 46.74 ? 173 GLN A CD  1 
ATOM   1365 O OE1 . GLN A 1 173 ? 18.836  -1.559  -24.818 1.00 50.01 ? 173 GLN A OE1 1 
ATOM   1366 N NE2 . GLN A 1 173 ? 18.444  0.438   -25.747 1.00 42.53 ? 173 GLN A NE2 1 
ATOM   1367 N N   . GLY A 1 174 ? 14.451  -2.960  -23.325 1.00 28.75 ? 174 GLY A N   1 
ATOM   1368 C CA  . GLY A 1 174 ? 14.761  -4.386  -23.106 1.00 29.48 ? 174 GLY A CA  1 
ATOM   1369 C C   . GLY A 1 174 ? 13.857  -5.030  -22.085 1.00 29.83 ? 174 GLY A C   1 
ATOM   1370 O O   . GLY A 1 174 ? 14.019  -6.209  -21.817 1.00 30.96 ? 174 GLY A O   1 
ATOM   1371 N N   . VAL A 1 175 ? 12.904  -4.302  -21.510 1.00 26.97 ? 175 VAL A N   1 
ATOM   1372 C CA  . VAL A 1 175 ? 12.068  -4.910  -20.438 1.00 25.60 ? 175 VAL A CA  1 
ATOM   1373 C C   . VAL A 1 175 ? 10.870  -5.555  -21.107 1.00 25.03 ? 175 VAL A C   1 
ATOM   1374 O O   . VAL A 1 175 ? 10.218  -4.903  -21.937 1.00 23.42 ? 175 VAL A O   1 
ATOM   1375 C CB  . VAL A 1 175 ? 11.685  -3.898  -19.345 1.00 25.70 ? 175 VAL A CB  1 
ATOM   1376 C CG1 . VAL A 1 175 ? 10.617  -4.414  -18.386 1.00 27.60 ? 175 VAL A CG1 1 
ATOM   1377 C CG2 . VAL A 1 175 ? 12.919  -3.494  -18.578 1.00 27.70 ? 175 VAL A CG2 1 
ATOM   1378 N N   . THR A 1 176 ? 10.584  -6.796  -20.751 1.00 23.12 ? 176 THR A N   1 
ATOM   1379 C CA  . THR A 1 176 ? 9.402   -7.500  -21.283 1.00 26.40 ? 176 THR A CA  1 
ATOM   1380 C C   . THR A 1 176 ? 8.177   -6.988  -20.548 1.00 26.50 ? 176 THR A C   1 
ATOM   1381 O O   . THR A 1 176 ? 8.196   -6.981  -19.310 1.00 27.96 ? 176 THR A O   1 
ATOM   1382 C CB  . THR A 1 176 ? 9.558   -9.013  -21.181 1.00 28.03 ? 176 THR A CB  1 
ATOM   1383 O OG1 . THR A 1 176 ? 10.767  -9.316  -21.877 1.00 36.76 ? 176 THR A OG1 1 
ATOM   1384 C CG2 . THR A 1 176 ? 8.400   -9.740  -21.801 1.00 31.93 ? 176 THR A CG2 1 
ATOM   1385 N N   . VAL A 1 177 ? 7.137   -6.657  -21.294 1.00 28.89 ? 177 VAL A N   1 
ATOM   1386 C CA  . VAL A 1 177 ? 5.881   -6.099  -20.734 1.00 30.59 ? 177 VAL A CA  1 
ATOM   1387 C C   . VAL A 1 177 ? 4.767   -7.126  -20.906 1.00 32.28 ? 177 VAL A C   1 
ATOM   1388 O O   . VAL A 1 177 ? 4.538   -7.590  -22.050 1.00 35.01 ? 177 VAL A O   1 
ATOM   1389 C CB  . VAL A 1 177 ? 5.510   -4.773  -21.417 1.00 35.21 ? 177 VAL A CB  1 
ATOM   1390 C CG1 . VAL A 1 177 ? 4.201   -4.238  -20.869 1.00 38.82 ? 177 VAL A CG1 1 
ATOM   1391 C CG2 . VAL A 1 177 ? 6.627   -3.757  -21.304 1.00 36.15 ? 177 VAL A CG2 1 
ATOM   1392 N N   . ASP A 1 178 ? 4.143   -7.508  -19.805 1.00 31.49 ? 178 ASP A N   1 
ATOM   1393 C CA  . ASP A 1 178 ? 2.861   -8.254  -19.777 1.00 31.05 ? 178 ASP A CA  1 
ATOM   1394 C C   . ASP A 1 178 ? 1.776   -7.218  -19.464 1.00 33.86 ? 178 ASP A C   1 
ATOM   1395 O O   . ASP A 1 178 ? 1.654   -6.860  -18.267 1.00 30.33 ? 178 ASP A O   1 
ATOM   1396 C CB  . ASP A 1 178 ? 2.898   -9.338  -18.698 1.00 30.19 ? 178 ASP A CB  1 
ATOM   1397 C CG  . ASP A 1 178 ? 1.592   -10.095 -18.529 1.00 36.24 ? 178 ASP A CG  1 
ATOM   1398 O OD1 . ASP A 1 178 ? 1.459   -10.832 -17.538 1.00 35.06 ? 178 ASP A OD1 1 
ATOM   1399 O OD2 . ASP A 1 178 ? 0.716   -9.957  -19.412 1.00 39.82 ? 178 ASP A OD2 1 
ATOM   1400 N N   . ASP A 1 179 ? 1.036   -6.741  -20.474 1.00 33.11 ? 179 ASP A N   1 
ATOM   1401 C CA  . ASP A 1 179 ? -0.038  -5.725  -20.257 1.00 37.79 ? 179 ASP A CA  1 
ATOM   1402 C C   . ASP A 1 179 ? -1.367  -6.456  -20.097 1.00 36.37 ? 179 ASP A C   1 
ATOM   1403 O O   . ASP A 1 179 ? -1.990  -6.804  -21.119 1.00 40.60 ? 179 ASP A O   1 
ATOM   1404 C CB  . ASP A 1 179 ? -0.089  -4.653  -21.342 1.00 35.08 ? 179 ASP A CB  1 
ATOM   1405 C CG  . ASP A 1 179 ? -1.114  -3.556  -21.079 1.00 33.43 ? 179 ASP A CG  1 
ATOM   1406 O OD1 . ASP A 1 179 ? -1.114  -2.628  -21.840 1.00 33.66 ? 179 ASP A OD1 1 
ATOM   1407 O OD2 . ASP A 1 179 ? -1.878  -3.633  -20.085 1.00 34.49 ? 179 ASP A OD2 1 
ATOM   1408 N N   . GLN A 1 180 ? -1.751  -6.686  -18.849 1.00 36.18 ? 180 GLN A N   1 
ATOM   1409 C CA  . GLN A 1 180 ? -3.001  -7.382  -18.470 1.00 36.71 ? 180 GLN A CA  1 
ATOM   1410 C C   . GLN A 1 180 ? -4.207  -6.439  -18.473 1.00 40.28 ? 180 GLN A C   1 
ATOM   1411 O O   . GLN A 1 180 ? -5.251  -6.853  -17.936 1.00 41.57 ? 180 GLN A O   1 
ATOM   1412 C CB  . GLN A 1 180 ? -2.823  -7.977  -17.086 1.00 36.65 ? 180 GLN A CB  1 
ATOM   1413 C CG  . GLN A 1 180 ? -1.779  -9.073  -17.086 1.00 40.98 ? 180 GLN A CG  1 
ATOM   1414 C CD  . GLN A 1 180 ? -1.553  -9.625  -15.707 1.00 43.03 ? 180 GLN A CD  1 
ATOM   1415 O OE1 . GLN A 1 180 ? -2.289  -9.338  -14.766 1.00 52.25 ? 180 GLN A OE1 1 
ATOM   1416 N NE2 . GLN A 1 180 ? -0.531  -10.447 -15.578 1.00 44.92 ? 180 GLN A NE2 1 
ATOM   1417 N N   . ARG A 1 181 ? -4.078  -5.222  -19.001 1.00 41.30 ? 181 ARG A N   1 
ATOM   1418 C CA  . ARG A 1 181 ? -5.222  -4.284  -19.171 1.00 44.08 ? 181 ARG A CA  1 
ATOM   1419 C C   . ARG A 1 181 ? -5.966  -4.604  -20.477 1.00 51.40 ? 181 ARG A C   1 
ATOM   1420 O O   . ARG A 1 181 ? -7.196  -4.392  -20.506 1.00 59.63 ? 181 ARG A O   1 
ATOM   1421 C CB  . ARG A 1 181 ? -4.739  -2.833  -19.188 1.00 42.06 ? 181 ARG A CB  1 
ATOM   1422 C CG  . ARG A 1 181 ? -3.987  -2.407  -17.930 1.00 37.41 ? 181 ARG A CG  1 
ATOM   1423 C CD  . ARG A 1 181 ? -3.422  -1.017  -18.090 1.00 34.19 ? 181 ARG A CD  1 
ATOM   1424 N NE  . ARG A 1 181 ? -2.465  -1.035  -19.165 1.00 31.35 ? 181 ARG A NE  1 
ATOM   1425 C CZ  . ARG A 1 181 ? -1.614  -0.079  -19.436 1.00 32.41 ? 181 ARG A CZ  1 
ATOM   1426 N NH1 . ARG A 1 181 ? -1.604  1.028   -18.720 1.00 35.70 ? 181 ARG A NH1 1 
ATOM   1427 N NH2 . ARG A 1 181 ? -0.768  -0.217  -20.437 1.00 33.07 ? 181 ARG A NH2 1 
ATOM   1428 N N   . LYS A 1 182 ? -5.246  -5.079  -21.504 1.00 54.92 ? 182 LYS A N   1 
ATOM   1429 C CA  . LYS A 1 182 ? -5.770  -5.452  -22.848 1.00 60.91 ? 182 LYS A CA  1 
ATOM   1430 C C   . LYS A 1 182 ? -5.966  -6.973  -22.959 1.00 58.79 ? 182 LYS A C   1 
ATOM   1431 O O   . LYS A 1 182 ? -6.342  -7.575  -21.941 1.00 66.85 ? 182 LYS A O   1 
ATOM   1432 C CB  . LYS A 1 182 ? -4.785  -4.995  -23.922 1.00 59.97 ? 182 LYS A CB  1 
ATOM   1433 C CG  . LYS A 1 182 ? -3.646  -5.970  -24.196 1.00 63.22 ? 182 LYS A CG  1 
ATOM   1434 C CD  . LYS A 1 182 ? -2.640  -5.476  -25.213 1.00 63.29 ? 182 LYS A CD  1 
ATOM   1435 C CE  . LYS A 1 182 ? -2.097  -4.101  -24.884 1.00 64.33 ? 182 LYS A CE  1 
ATOM   1436 N NZ  . LYS A 1 182 ? -0.959  -3.743  -25.757 1.00 59.45 ? 182 LYS A NZ  1 
ATOM   1437 N N   . HIS A 1 187 ? -6.195  -12.413 -27.115 1.00 82.86 ? 187 HIS A N   1 
ATOM   1438 C CA  . HIS A 1 187 ? -6.784  -13.751 -27.411 1.00 85.24 ? 187 HIS A CA  1 
ATOM   1439 C C   . HIS A 1 187 ? -8.038  -13.963 -26.558 1.00 84.83 ? 187 HIS A C   1 
ATOM   1440 O O   . HIS A 1 187 ? -7.943  -14.073 -25.336 1.00 70.05 ? 187 HIS A O   1 
ATOM   1441 C CB  . HIS A 1 187 ? -5.743  -14.869 -27.197 1.00 80.95 ? 187 HIS A CB  1 
ATOM   1442 C CG  . HIS A 1 187 ? -6.147  -16.209 -27.727 1.00 82.52 ? 187 HIS A CG  1 
ATOM   1443 N ND1 . HIS A 1 187 ? -6.287  -17.320 -26.909 1.00 79.91 ? 187 HIS A ND1 1 
ATOM   1444 C CD2 . HIS A 1 187 ? -6.421  -16.633 -28.986 1.00 79.88 ? 187 HIS A CD2 1 
ATOM   1445 C CE1 . HIS A 1 187 ? -6.631  -18.363 -27.639 1.00 77.35 ? 187 HIS A CE1 1 
ATOM   1446 N NE2 . HIS A 1 187 ? -6.725  -17.968 -28.918 1.00 75.48 ? 187 HIS A NE2 1 
ATOM   1447 N N   . PRO A 1 188 ? -9.248  -14.051 -27.170 1.00 89.35 ? 188 PRO A N   1 
ATOM   1448 C CA  . PRO A 1 188 ? -10.489 -14.252 -26.416 1.00 84.45 ? 188 PRO A CA  1 
ATOM   1449 C C   . PRO A 1 188 ? -10.633 -15.727 -26.000 1.00 82.19 ? 188 PRO A C   1 
ATOM   1450 O O   . PRO A 1 188 ? -10.083 -16.569 -26.686 1.00 81.91 ? 188 PRO A O   1 
ATOM   1451 C CB  . PRO A 1 188 ? -11.554 -13.829 -27.432 1.00 86.29 ? 188 PRO A CB  1 
ATOM   1452 C CG  . PRO A 1 188 ? -10.969 -14.277 -28.760 1.00 88.19 ? 188 PRO A CG  1 
ATOM   1453 C CD  . PRO A 1 188 ? -9.480  -14.022 -28.626 1.00 90.11 ? 188 PRO A CD  1 
ATOM   1454 N N   . GLN A 1 189 ? -11.338 -16.014 -24.900 1.00 75.72 ? 189 GLN A N   1 
ATOM   1455 C CA  . GLN A 1 189 ? -11.314 -17.362 -24.267 1.00 72.26 ? 189 GLN A CA  1 
ATOM   1456 C C   . GLN A 1 189 ? -12.632 -18.105 -24.526 1.00 59.04 ? 189 GLN A C   1 
ATOM   1457 O O   . GLN A 1 189 ? -13.708 -17.505 -24.356 1.00 56.60 ? 189 GLN A O   1 
ATOM   1458 C CB  . GLN A 1 189 ? -10.974 -17.253 -22.777 1.00 75.29 ? 189 GLN A CB  1 
ATOM   1459 C CG  . GLN A 1 189 ? -9.513  -17.580 -22.475 1.00 81.55 ? 189 GLN A CG  1 
ATOM   1460 C CD  . GLN A 1 189 ? -8.916  -16.834 -21.304 1.00 87.01 ? 189 GLN A CD  1 
ATOM   1461 O OE1 . GLN A 1 189 ? -7.698  -16.779 -21.145 1.00 84.13 ? 189 GLN A OE1 1 
ATOM   1462 N NE2 . GLN A 1 189 ? -9.759  -16.247 -20.468 1.00 91.33 ? 189 GLN A NE2 1 
ATOM   1463 N N   . PHE A 1 190 ? -12.520 -19.382 -24.913 1.00 52.19 ? 190 PHE A N   1 
ATOM   1464 C CA  . PHE A 1 190 ? -13.641 -20.347 -25.045 1.00 43.75 ? 190 PHE A CA  1 
ATOM   1465 C C   . PHE A 1 190 ? -13.872 -21.047 -23.706 1.00 42.43 ? 190 PHE A C   1 
ATOM   1466 O O   . PHE A 1 190 ? -12.898 -21.479 -23.070 1.00 41.46 ? 190 PHE A O   1 
ATOM   1467 C CB  . PHE A 1 190 ? -13.363 -21.342 -26.168 1.00 42.04 ? 190 PHE A CB  1 
ATOM   1468 C CG  . PHE A 1 190 ? -13.501 -20.756 -27.548 1.00 41.82 ? 190 PHE A CG  1 
ATOM   1469 C CD1 . PHE A 1 190 ? -14.675 -20.914 -28.270 1.00 37.77 ? 190 PHE A CD1 1 
ATOM   1470 C CD2 . PHE A 1 190 ? -12.456 -20.050 -28.132 1.00 45.79 ? 190 PHE A CD2 1 
ATOM   1471 C CE1 . PHE A 1 190 ? -14.796 -20.379 -29.549 1.00 41.15 ? 190 PHE A CE1 1 
ATOM   1472 C CE2 . PHE A 1 190 ? -12.578 -19.531 -29.416 1.00 47.46 ? 190 PHE A CE2 1 
ATOM   1473 C CZ  . PHE A 1 190 ? -13.743 -19.704 -30.129 1.00 41.01 ? 190 PHE A CZ  1 
ATOM   1474 N N   . GLU A 1 191 ? -15.138 -21.192 -23.320 1.00 40.81 ? 191 GLU A N   1 
ATOM   1475 C CA  . GLU A 1 191 ? -15.569 -21.726 -22.000 1.00 46.60 ? 191 GLU A CA  1 
ATOM   1476 C C   . GLU A 1 191 ? -16.649 -22.806 -22.194 1.00 44.91 ? 191 GLU A C   1 
ATOM   1477 O O   . GLU A 1 191 ? -17.544 -22.613 -23.030 1.00 36.16 ? 191 GLU A O   1 
ATOM   1478 C CB  . GLU A 1 191 ? -16.037 -20.549 -21.139 1.00 49.17 ? 191 GLU A CB  1 
ATOM   1479 C CG  . GLU A 1 191 ? -14.914 -19.566 -20.821 1.00 59.64 ? 191 GLU A CG  1 
ATOM   1480 C CD  . GLU A 1 191 ? -15.318 -18.149 -20.444 1.00 68.70 ? 191 GLU A CD  1 
ATOM   1481 O OE1 . GLU A 1 191 ? -14.449 -17.254 -20.539 1.00 68.44 ? 191 GLU A OE1 1 
ATOM   1482 O OE2 . GLU A 1 191 ? -16.493 -17.940 -20.052 1.00 74.68 ? 191 GLU A OE2 1 
ATOM   1483 N N   . LYS A 1 192 ? -16.579 -23.887 -21.416 1.00 47.50 ? 192 LYS A N   1 
ATOM   1484 C CA  . LYS A 1 192 ? -17.565 -25.007 -21.396 1.00 53.67 ? 192 LYS A CA  1 
ATOM   1485 C C   . LYS A 1 192 ? -18.981 -24.494 -21.064 1.00 56.73 ? 192 LYS A C   1 
ATOM   1486 O O   . LYS A 1 192 ? -19.975 -25.192 -21.291 1.00 56.31 ? 192 LYS A O   1 
ATOM   1487 C CB  . LYS A 1 192 ? -17.111 -26.060 -20.378 1.00 61.60 ? 192 LYS A CB  1 
ATOM   1488 C CG  . LYS A 1 192 ? -17.629 -27.478 -20.607 1.00 68.65 ? 192 LYS A CG  1 
ATOM   1489 C CD  . LYS A 1 192 ? -16.834 -28.280 -21.635 1.00 70.95 ? 192 LYS A CD  1 
ATOM   1490 C CE  . LYS A 1 192 ? -16.979 -29.781 -21.471 1.00 66.36 ? 192 LYS A CE  1 
ATOM   1491 N NZ  . LYS A 1 192 ? -18.154 -30.320 -22.193 1.00 68.57 ? 192 LYS A NZ  1 
ATOM   1492 O OXT . LYS A 1 192 ? -19.245 -23.397 -20.563 1.00 49.79 ? 192 LYS A OXT 1 
HETATM 1493 N N01 . IG7 B 2 .   ? -1.947  -7.094  -3.172  1.00 67.62 ? 201 IG7 A N01 1 
HETATM 1494 C C02 . IG7 B 2 .   ? -0.724  -6.543  -3.776  1.00 57.60 ? 201 IG7 A C02 1 
HETATM 1495 C C03 . IG7 B 2 .   ? -0.811  -5.269  -4.567  1.00 49.51 ? 201 IG7 A C03 1 
HETATM 1496 C C04 . IG7 B 2 .   ? -0.191  -4.134  -3.787  1.00 50.83 ? 201 IG7 A C04 1 
HETATM 1497 C C05 . IG7 B 2 .   ? -1.176  -3.007  -3.525  1.00 48.84 ? 201 IG7 A C05 1 
HETATM 1498 C C06 . IG7 B 2 .   ? -1.662  -3.098  -2.086  1.00 49.24 ? 201 IG7 A C06 1 
HETATM 1499 C C07 . IG7 B 2 .   ? -2.633  -1.977  -1.748  1.00 49.55 ? 201 IG7 A C07 1 
HETATM 1500 C C08 . IG7 B 2 .   ? -2.140  -0.985  -0.696  1.00 39.93 ? 201 IG7 A C08 1 
HETATM 1501 C C09 . IG7 B 2 .   ? -3.015  -1.071  0.548   1.00 39.94 ? 201 IG7 A C09 1 
HETATM 1502 C C10 . IG7 B 2 .   ? -2.651  0.131   1.382   1.00 42.06 ? 201 IG7 A C10 1 
HETATM 1503 C C11 . IG7 B 2 .   ? -3.844  0.752   2.055   1.00 40.42 ? 201 IG7 A C11 1 
HETATM 1504 C C12 . IG7 B 2 .   ? -3.535  2.117   2.619   1.00 41.30 ? 201 IG7 A C12 1 
HETATM 1505 C C13 . IG7 B 2 .   ? -4.677  2.524   3.535   1.00 44.25 ? 201 IG7 A C13 1 
HETATM 1506 C C14 . IG7 B 2 .   ? -4.372  3.579   4.583   1.00 44.53 ? 201 IG7 A C14 1 
HETATM 1507 C C15 . IG7 B 2 .   ? -5.615  3.959   5.388   1.00 45.72 ? 201 IG7 A C15 1 
HETATM 1508 C C16 . IG7 B 2 .   ? -5.510  3.729   6.889   1.00 43.78 ? 201 IG7 A C16 1 
HETATM 1509 C C17 . IG7 B 2 .   ? -4.674  2.495   7.195   1.00 41.30 ? 201 IG7 A C17 1 
HETATM 1510 O O18 . IG7 B 2 .   ? 0.352   -7.028  -3.680  1.00 61.05 ? 201 IG7 A O18 1 
HETATM 1511 C C19 . IG7 B 2 .   ? -0.511  -6.584  1.763   1.00 48.72 ? 201 IG7 A C19 1 
HETATM 1512 O O20 . IG7 B 2 .   ? -0.186  -5.358  1.153   1.00 49.32 ? 201 IG7 A O20 1 
HETATM 1513 C C21 . IG7 B 2 .   ? -0.075  -4.200  1.935   1.00 47.32 ? 201 IG7 A C21 1 
HETATM 1514 C C22 . IG7 B 2 .   ? 0.984   -3.161  1.617   1.00 49.35 ? 201 IG7 A C22 1 
HETATM 1515 C C23 . IG7 B 2 .   ? 1.248   -2.122  2.709   1.00 48.10 ? 201 IG7 A C23 1 
HETATM 1516 C C24 . IG7 B 2 .   ? 2.426   -1.213  2.310   1.00 54.12 ? 201 IG7 A C24 1 
HETATM 1517 C C25 . IG7 B 2 .   ? 2.216   0.281   2.564   1.00 54.43 ? 201 IG7 A C25 1 
HETATM 1518 C C26 . IG7 B 2 .   ? 2.850   0.740   3.869   1.00 51.57 ? 201 IG7 A C26 1 
HETATM 1519 C C27 . IG7 B 2 .   ? 2.877   2.268   3.959   1.00 49.81 ? 201 IG7 A C27 1 
HETATM 1520 C C28 . IG7 B 2 .   ? 1.632   2.859   4.608   1.00 46.12 ? 201 IG7 A C28 1 
HETATM 1521 C C29 . IG7 B 2 .   ? 1.102   4.059   3.861   1.00 40.92 ? 201 IG7 A C29 1 
HETATM 1522 C C30 . IG7 B 2 .   ? -0.303  4.476   4.296   1.00 42.66 ? 201 IG7 A C30 1 
HETATM 1523 C C31 . IG7 B 2 .   ? -0.402  5.879   3.685   1.00 39.73 ? 201 IG7 A C31 1 
HETATM 1524 C C32 . IG7 B 2 .   ? -1.739  6.564   3.882   1.00 38.29 ? 201 IG7 A C32 1 
HETATM 1525 C C33 . IG7 B 2 .   ? -1.799  7.794   2.962   1.00 35.09 ? 201 IG7 A C33 1 
HETATM 1526 C C34 . IG7 B 2 .   ? -1.688  9.121   3.672   1.00 35.44 ? 201 IG7 A C34 1 
HETATM 1527 C C35 . IG7 B 2 .   ? -1.863  10.367  2.785   1.00 34.05 ? 201 IG7 A C35 1 
HETATM 1528 O O36 . IG7 B 2 .   ? -0.818  -4.008  2.830   1.00 57.97 ? 201 IG7 A O36 1 
HETATM 1529 C C37 . IG7 B 2 .   ? -1.081  10.345  1.488   1.00 33.71 ? 201 IG7 A C37 1 
HETATM 1530 C C38 . IG7 B 2 .   ? -2.014  -8.316  -2.373  1.00 76.60 ? 201 IG7 A C38 1 
HETATM 1531 C C39 . IG7 B 2 .   ? -0.995  -8.236  -1.226  1.00 82.05 ? 201 IG7 A C39 1 
HETATM 1532 S S40 . IG7 B 2 .   ? -1.270  -9.393  0.157   1.00 73.14 ? 201 IG7 A S40 1 
HETATM 1533 C C41 . IG7 B 2 .   ? 0.032   -9.120  1.434   1.00 64.32 ? 201 IG7 A C41 1 
HETATM 1534 C C42 . IG7 B 2 .   ? 0.585   -7.668  1.649   1.00 52.06 ? 201 IG7 A C42 1 
HETATM 1535 O O43 . IG7 B 2 .   ? 1.541   -7.428  0.634   1.00 52.49 ? 201 IG7 A O43 1 
HETATM 1536 C C44 . IG7 B 2 .   ? 2.752   -6.727  0.860   1.00 46.37 ? 201 IG7 A C44 1 
HETATM 1537 C C45 . IG7 B 2 .   ? 3.730   -6.569  -0.324  1.00 42.00 ? 201 IG7 A C45 1 
HETATM 1538 C C46 . IG7 B 2 .   ? 3.172   -5.485  -1.266  1.00 36.25 ? 201 IG7 A C46 1 
HETATM 1539 C C47 . IG7 B 2 .   ? 3.673   -4.095  -0.891  1.00 39.61 ? 201 IG7 A C47 1 
HETATM 1540 C C48 . IG7 B 2 .   ? 3.310   -3.096  -1.962  1.00 42.47 ? 201 IG7 A C48 1 
HETATM 1541 C C49 . IG7 B 2 .   ? 2.625   -1.922  -1.271  1.00 44.95 ? 201 IG7 A C49 1 
HETATM 1542 C C50 . IG7 B 2 .   ? 2.716   -0.579  -2.019  1.00 48.72 ? 201 IG7 A C50 1 
HETATM 1543 C C51 . IG7 B 2 .   ? 1.406   0.201   -1.859  1.00 43.59 ? 201 IG7 A C51 1 
HETATM 1544 C C52 . IG7 B 2 .   ? 1.549   1.458   -1.038  1.00 42.12 ? 201 IG7 A C52 1 
HETATM 1545 C C53 . IG7 B 2 .   ? 0.210   2.159   -1.151  1.00 36.19 ? 201 IG7 A C53 1 
HETATM 1546 C C54 . IG7 B 2 .   ? 0.131   3.339   -0.232  1.00 37.23 ? 201 IG7 A C54 1 
HETATM 1547 C C55 . IG7 B 2 .   ? -0.567  4.530   -0.837  1.00 37.79 ? 201 IG7 A C55 1 
HETATM 1548 C C56 . IG7 B 2 .   ? -1.803  4.861   -0.052  1.00 38.09 ? 201 IG7 A C56 1 
HETATM 1549 C C57 . IG7 B 2 .   ? -2.739  5.845   -0.734  1.00 37.11 ? 201 IG7 A C57 1 
HETATM 1550 C C58 . IG7 B 2 .   ? -2.140  6.597   -1.907  1.00 34.83 ? 201 IG7 A C58 1 
HETATM 1551 C C59 . IG7 B 2 .   ? -2.383  8.087   -1.730  1.00 33.63 ? 201 IG7 A C59 1 
HETATM 1552 C C60 . IG7 B 2 .   ? -1.705  -9.526  -3.254  1.00 83.77 ? 201 IG7 A C60 1 
HETATM 1553 N N61 . IG7 B 2 .   ? -0.329  -9.847  -3.607  1.00 80.02 ? 201 IG7 A N61 1 
HETATM 1554 O O62 . IG7 B 2 .   ? -2.597  -10.208 -3.643  1.00 88.88 ? 201 IG7 A O62 1 
HETATM 1555 O O63 . IG7 B 2 .   ? 2.970   -6.204  1.916   1.00 40.77 ? 201 IG7 A O63 1 
HETATM 1556 O O   . HOH C 3 .   ? 16.848  -12.801 -2.413  1.00 41.07 ? 301 HOH A O   1 
HETATM 1557 O O   . HOH C 3 .   ? -6.056  -5.695  -13.595 1.00 33.77 ? 302 HOH A O   1 
HETATM 1558 O O   . HOH C 3 .   ? 13.902  -1.013  12.479  1.00 33.77 ? 303 HOH A O   1 
HETATM 1559 O O   . HOH C 3 .   ? -3.540  -4.510  -10.170 1.00 33.76 ? 304 HOH A O   1 
HETATM 1560 O O   . HOH C 3 .   ? 10.206  -2.519  -22.806 1.00 44.65 ? 305 HOH A O   1 
HETATM 1561 O O   . HOH C 3 .   ? -19.891 -29.785 -23.981 1.00 23.11 ? 306 HOH A O   1 
HETATM 1562 O O   . HOH C 3 .   ? 12.235  2.052   8.648   1.00 33.73 ? 307 HOH A O   1 
HETATM 1563 O O   . HOH C 3 .   ? 0.703   -10.295 4.894   1.00 31.80 ? 308 HOH A O   1 
HETATM 1564 O O   . HOH C 3 .   ? -18.126 -8.446  11.507  1.00 36.12 ? 309 HOH A O   1 
HETATM 1565 O O   . HOH C 3 .   ? -2.959  4.680   -16.646 1.00 37.80 ? 310 HOH A O   1 
HETATM 1566 O O   . HOH C 3 .   ? -18.121 1.631   12.608  1.00 42.57 ? 311 HOH A O   1 
HETATM 1567 O O   . HOH C 3 .   ? -14.722 -12.972 6.429   1.00 40.18 ? 312 HOH A O   1 
HETATM 1568 O O   . HOH C 3 .   ? 6.276   -8.144  -13.839 1.00 41.37 ? 313 HOH A O   1 
HETATM 1569 O O   . HOH C 3 .   ? -7.267  11.694  -0.847  1.00 29.53 ? 314 HOH A O   1 
HETATM 1570 O O   . HOH C 3 .   ? 1.108   18.073  10.454  1.00 37.65 ? 315 HOH A O   1 
HETATM 1571 O O   . HOH C 3 .   ? -5.888  -16.268 13.875  1.00 28.37 ? 316 HOH A O   1 
HETATM 1572 O O   . HOH C 3 .   ? -10.574 -3.439  15.053  1.00 21.98 ? 317 HOH A O   1 
HETATM 1573 O O   . HOH C 3 .   ? -8.960  -7.674  14.202  1.00 24.06 ? 318 HOH A O   1 
HETATM 1574 O O   . HOH C 3 .   ? -7.914  11.155  5.674   1.00 41.63 ? 319 HOH A O   1 
HETATM 1575 O O   . HOH C 3 .   ? -4.127  -16.363 3.877   1.00 24.57 ? 320 HOH A O   1 
HETATM 1576 O O   . HOH C 3 .   ? 13.877  -8.835  -7.973  1.00 28.41 ? 321 HOH A O   1 
HETATM 1577 O O   . HOH C 3 .   ? 11.070  3.939   -7.868  1.00 35.85 ? 322 HOH A O   1 
HETATM 1578 O O   . HOH C 3 .   ? 7.590   8.280   9.382   1.00 35.54 ? 323 HOH A O   1 
HETATM 1579 O O   . HOH C 3 .   ? -11.454 -10.578 5.210   1.00 32.89 ? 324 HOH A O   1 
HETATM 1580 O O   . HOH C 3 .   ? -18.987 11.235  2.399   1.00 43.94 ? 325 HOH A O   1 
HETATM 1581 O O   . HOH C 3 .   ? 17.442  -0.384  -20.414 1.00 42.37 ? 326 HOH A O   1 
HETATM 1582 O O   . HOH C 3 .   ? -9.949  9.233   19.539  1.00 48.16 ? 327 HOH A O   1 
HETATM 1583 O O   . HOH C 3 .   ? 1.044   -0.649  12.567  1.00 28.34 ? 328 HOH A O   1 
HETATM 1584 O O   . HOH C 3 .   ? -6.930  17.337  10.930  1.00 41.26 ? 329 HOH A O   1 
HETATM 1585 O O   . HOH C 3 .   ? -4.517  16.367  -1.915  1.00 45.50 ? 330 HOH A O   1 
HETATM 1586 O O   . HOH C 3 .   ? -9.026  -9.709  12.350  1.00 17.88 ? 331 HOH A O   1 
HETATM 1587 O O   . HOH C 3 .   ? 4.294   11.748  14.801  1.00 42.10 ? 332 HOH A O   1 
HETATM 1588 O O   . HOH C 3 .   ? 5.349   -8.541  10.526  1.00 25.07 ? 333 HOH A O   1 
HETATM 1589 O O   . HOH C 3 .   ? -14.458 -4.394  3.917   1.00 22.88 ? 334 HOH A O   1 
HETATM 1590 O O   . HOH C 3 .   ? -18.068 1.581   1.557   1.00 23.04 ? 335 HOH A O   1 
HETATM 1591 O O   . HOH C 3 .   ? 1.237   11.920  18.158  1.00 38.10 ? 336 HOH A O   1 
HETATM 1592 O O   . HOH C 3 .   ? 1.226   16.955  2.757   1.00 35.70 ? 337 HOH A O   1 
HETATM 1593 O O   . HOH C 3 .   ? -2.599  15.514  -3.647  1.00 38.11 ? 338 HOH A O   1 
HETATM 1594 O O   . HOH C 3 .   ? -8.496  10.423  3.614   1.00 41.40 ? 339 HOH A O   1 
HETATM 1595 O O   . HOH C 3 .   ? -10.404 -7.521  3.203   1.00 35.04 ? 340 HOH A O   1 
HETATM 1596 O O   . HOH C 3 .   ? -7.779  0.937   -11.851 1.00 24.97 ? 341 HOH A O   1 
HETATM 1597 O O   . HOH C 3 .   ? -14.958 -9.188  7.510   1.00 25.31 ? 342 HOH A O   1 
HETATM 1598 O O   . HOH C 3 .   ? -15.752 3.044   11.487  1.00 37.48 ? 343 HOH A O   1 
HETATM 1599 O O   . HOH C 3 .   ? -16.713 -4.710  5.543   1.00 19.56 ? 344 HOH A O   1 
HETATM 1600 O O   . HOH C 3 .   ? -0.396  0.087   15.055  1.00 37.03 ? 345 HOH A O   1 
HETATM 1601 O O   . HOH C 3 .   ? 0.964   -7.880  -23.056 1.00 43.34 ? 346 HOH A O   1 
HETATM 1602 O O   . HOH C 3 .   ? -14.852 -6.364  14.388  1.00 30.77 ? 347 HOH A O   1 
HETATM 1603 O O   . HOH C 3 .   ? -7.798  -16.445 1.752   1.00 43.96 ? 348 HOH A O   1 
HETATM 1604 O O   . HOH C 3 .   ? -20.364 -10.103 4.396   1.00 32.46 ? 349 HOH A O   1 
HETATM 1605 O O   . HOH C 3 .   ? -20.771 7.878   2.001   1.00 35.30 ? 350 HOH A O   1 
HETATM 1606 O O   . HOH C 3 .   ? 2.610   17.160  -3.618  1.00 45.49 ? 351 HOH A O   1 
HETATM 1607 O O   . HOH C 3 .   ? 3.538   -4.887  13.097  1.00 36.55 ? 352 HOH A O   1 
HETATM 1608 O O   . HOH C 3 .   ? -8.634  -11.037 -1.086  1.00 34.95 ? 353 HOH A O   1 
HETATM 1609 O O   . HOH C 3 .   ? -18.274 7.394   8.828   1.00 34.48 ? 354 HOH A O   1 
HETATM 1610 O O   . HOH C 3 .   ? 17.131  -7.594  -7.057  1.00 33.64 ? 355 HOH A O   1 
HETATM 1611 O O   . HOH C 3 .   ? -11.753 -5.153  3.896   1.00 25.81 ? 356 HOH A O   1 
HETATM 1612 O O   . HOH C 3 .   ? -1.188  10.453  -12.531 1.00 45.40 ? 357 HOH A O   1 
HETATM 1613 O O   . HOH C 3 .   ? -20.949 -27.490 -22.906 1.00 30.51 ? 358 HOH A O   1 
HETATM 1614 O O   . HOH C 3 .   ? -10.157 0.098   -1.473  1.00 35.36 ? 359 HOH A O   1 
HETATM 1615 O O   . HOH C 3 .   ? 7.678   16.506  6.774   1.00 41.49 ? 360 HOH A O   1 
HETATM 1616 O O   . HOH C 3 .   ? 10.645  -8.082  -24.643 1.00 43.71 ? 361 HOH A O   1 
HETATM 1617 O O   . HOH C 3 .   ? 14.097  3.247   7.070   1.00 45.94 ? 362 HOH A O   1 
HETATM 1618 O O   . HOH C 3 .   ? -5.937  6.312   23.296  1.00 51.59 ? 363 HOH A O   1 
HETATM 1619 O O   . HOH C 3 .   ? 9.593   5.155   -15.838 1.00 34.05 ? 364 HOH A O   1 
HETATM 1620 O O   . HOH C 3 .   ? -19.464 -4.930  13.181  1.00 41.73 ? 365 HOH A O   1 
HETATM 1621 O O   . HOH C 3 .   ? 7.310   -6.333  14.991  1.00 49.26 ? 366 HOH A O   1 
HETATM 1622 O O   . HOH C 3 .   ? -0.346  -20.753 5.637   1.00 44.66 ? 367 HOH A O   1 
HETATM 1623 O O   . HOH C 3 .   ? 17.444  -6.176  -9.271  1.00 40.63 ? 368 HOH A O   1 
HETATM 1624 O O   . HOH C 3 .   ? -22.001 -1.724  11.479  1.00 30.14 ? 369 HOH A O   1 
HETATM 1625 O O   . HOH C 3 .   ? -8.929  -8.608  1.266   1.00 34.46 ? 370 HOH A O   1 
HETATM 1626 O O   . HOH C 3 .   ? 1.249   4.449   -16.897 1.00 41.80 ? 371 HOH A O   1 
HETATM 1627 O O   . HOH C 3 .   ? 7.629   -7.177  -24.425 1.00 43.86 ? 372 HOH A O   1 
HETATM 1628 O O   . HOH C 3 .   ? -4.269  -10.585 -0.198  1.00 34.21 ? 373 HOH A O   1 
HETATM 1629 O O   . HOH C 3 .   ? -19.984 -0.805  14.387  1.00 49.95 ? 374 HOH A O   1 
# 
